data_1V0J
#
_entry.id   1V0J
#
_cell.length_a   137.601
_cell.length_b   153.733
_cell.length_c   137.688
_cell.angle_alpha   90.00
_cell.angle_beta   90.00
_cell.angle_gamma   90.00
#
_symmetry.space_group_name_H-M   'P 21 21 2'
#
loop_
_entity.id
_entity.type
_entity.pdbx_description
1 polymer 'UDP-GALACTOPYRANOSE MUTASE'
2 non-polymer 'FLAVIN-ADENINE DINUCLEOTIDE'
3 non-polymer BICINE
4 water water
#
_entity_poly.entity_id   1
_entity_poly.type   'polypeptide(L)'
_entity_poly.pdbx_seq_one_letter_code
;MQPMTARFDLFVVGSGFFGLTIAERVATQLDKRVLVLERRPHIGGNAYSEAEPQTGIEVHKYGAHLFHTSNKRVWDYVRQ
FTDFTDYRHRVFAMHNGQAYQFPMGLGLVSQFFGKYFTPEQARQLIAEQAAEIDTADAQNLEEKAISLIGRPLYEAFVKG
YTAKQWQTDPKELPAANITRLPVRYTFDNRYFSDTYEGLPTDGYTAWLQNMAADHRIEVRLNTDWFDVRGQLRPGSPAAP
VVYTGPLDRYFDYAEGRLGWRTLDFEVEVLPIGDFQGTAVMNYNDLDVPYTRIHEFRHFHPERDYPTDKTVIMREYSRFA
EDDDEPYYPINTEADRALLATYRARAKSETASSKVLFGGRLGTYQYLDMHMAIASALNMYDNVLAPHLRDGVPLLQDGA
;
_entity_poly.pdbx_strand_id   A,B,C,D
#
# COMPACT_ATOMS: atom_id res chain seq x y z
N MET A 4 50.53 12.74 22.17
CA MET A 4 49.27 13.53 22.28
C MET A 4 48.16 12.69 21.69
N THR A 5 47.06 12.55 22.42
CA THR A 5 45.92 11.72 22.01
C THR A 5 45.17 12.34 20.82
N ALA A 6 45.01 11.55 19.76
CA ALA A 6 44.37 12.02 18.54
C ALA A 6 42.86 11.85 18.64
N ARG A 7 42.12 12.74 18.01
CA ARG A 7 40.69 12.66 17.95
C ARG A 7 40.28 11.77 16.78
N PHE A 8 41.02 11.84 15.67
CA PHE A 8 40.69 11.09 14.46
C PHE A 8 41.97 10.54 13.84
N ASP A 9 41.84 9.41 13.17
CA ASP A 9 42.96 8.71 12.56
C ASP A 9 43.14 9.12 11.09
N LEU A 10 42.07 9.65 10.50
CA LEU A 10 42.04 10.01 9.08
C LEU A 10 40.97 11.06 8.82
N PHE A 11 41.26 12.00 7.92
CA PHE A 11 40.20 12.91 7.42
C PHE A 11 39.92 12.61 5.98
N VAL A 12 38.66 12.66 5.59
CA VAL A 12 38.27 12.43 4.19
C VAL A 12 37.42 13.62 3.81
N VAL A 13 37.76 14.23 2.66
CA VAL A 13 37.06 15.40 2.16
C VAL A 13 36.20 14.97 0.99
N GLY A 14 34.90 14.94 1.22
CA GLY A 14 33.90 14.61 0.20
C GLY A 14 33.36 13.24 0.41
N SER A 15 32.04 13.10 0.38
CA SER A 15 31.41 11.82 0.61
C SER A 15 30.82 11.21 -0.65
N GLY A 16 31.52 11.37 -1.77
CA GLY A 16 31.18 10.58 -2.97
C GLY A 16 31.67 9.14 -2.84
N PHE A 17 31.51 8.33 -3.90
CA PHE A 17 31.91 6.91 -3.87
C PHE A 17 33.39 6.66 -3.60
N PHE A 18 34.26 7.53 -4.14
CA PHE A 18 35.69 7.44 -3.83
C PHE A 18 35.93 7.63 -2.30
N GLY A 19 35.34 8.66 -1.71
CA GLY A 19 35.61 9.02 -0.36
C GLY A 19 35.03 8.11 0.69
N LEU A 20 33.78 7.70 0.48
CA LEU A 20 33.14 6.66 1.30
C LEU A 20 33.76 5.28 1.27
N THR A 21 34.30 4.88 0.12
CA THR A 21 35.11 3.66 -0.01
C THR A 21 36.36 3.74 0.88
N ILE A 22 37.22 4.75 0.68
CA ILE A 22 38.34 5.04 1.58
C ILE A 22 37.97 4.94 3.05
N ALA A 23 36.89 5.63 3.44
CA ALA A 23 36.45 5.75 4.82
C ALA A 23 36.00 4.44 5.40
N GLU A 24 35.09 3.73 4.69
CA GLU A 24 34.67 2.39 5.10
C GLU A 24 35.83 1.37 5.23
N ARG A 25 36.77 1.31 4.26
CA ARG A 25 37.90 0.37 4.36
C ARG A 25 38.79 0.67 5.56
N VAL A 26 39.10 1.95 5.77
CA VAL A 26 39.96 2.32 6.88
C VAL A 26 39.26 2.08 8.25
N ALA A 27 37.99 2.45 8.37
CA ALA A 27 37.25 2.31 9.65
C ALA A 27 37.11 0.85 10.08
N THR A 28 36.70 0.09 9.10
CA THR A 28 36.24 -1.28 9.23
C THR A 28 37.40 -2.31 9.25
N GLN A 29 38.38 -2.15 8.36
CA GLN A 29 39.46 -3.12 8.19
C GLN A 29 40.66 -2.84 9.11
N LEU A 30 40.92 -1.57 9.39
CA LEU A 30 42.05 -1.16 10.17
C LEU A 30 41.62 -0.75 11.58
N ASP A 31 40.33 -0.58 11.81
CA ASP A 31 39.79 -0.19 13.13
C ASP A 31 40.23 1.26 13.50
N LYS A 32 39.95 2.19 12.57
CA LYS A 32 40.38 3.58 12.72
C LYS A 32 39.14 4.48 12.73
N ARG A 33 39.25 5.63 13.40
CA ARG A 33 38.18 6.64 13.49
C ARG A 33 38.34 7.61 12.30
N VAL A 34 37.29 7.71 11.48
CA VAL A 34 37.38 8.53 10.27
C VAL A 34 36.43 9.72 10.29
N LEU A 35 36.92 10.91 9.95
CA LEU A 35 36.00 12.06 9.77
C LEU A 35 35.85 12.39 8.29
N VAL A 36 34.61 12.33 7.80
CA VAL A 36 34.25 12.74 6.45
C VAL A 36 33.65 14.15 6.49
N LEU A 37 34.31 15.12 5.85
CA LEU A 37 33.75 16.46 5.68
C LEU A 37 33.10 16.56 4.33
N GLU A 38 31.81 16.88 4.34
CA GLU A 38 31.02 17.03 3.13
C GLU A 38 30.42 18.45 3.07
N ARG A 39 30.72 19.20 2.01
CA ARG A 39 30.19 20.56 1.88
C ARG A 39 28.71 20.67 1.50
N ARG A 40 28.15 19.65 0.86
CA ARG A 40 26.72 19.61 0.53
C ARG A 40 25.87 19.23 1.75
N PRO A 41 24.54 19.47 1.67
CA PRO A 41 23.59 19.09 2.73
C PRO A 41 23.28 17.59 2.84
N HIS A 42 23.87 16.76 1.98
CA HIS A 42 23.63 15.33 1.96
C HIS A 42 24.92 14.62 1.55
N ILE A 43 25.10 13.35 1.93
CA ILE A 43 26.21 12.53 1.43
C ILE A 43 25.94 11.95 0.03
N GLY A 44 26.98 11.41 -0.58
CA GLY A 44 26.83 10.67 -1.80
C GLY A 44 27.45 11.34 -3.00
N GLY A 45 27.90 12.58 -2.86
CA GLY A 45 28.22 13.39 -4.01
C GLY A 45 27.16 13.31 -5.11
N ASN A 46 27.60 13.14 -6.35
CA ASN A 46 26.69 13.19 -7.50
C ASN A 46 25.83 11.95 -7.69
N ALA A 47 26.08 10.91 -6.92
CA ALA A 47 25.26 9.71 -7.01
C ALA A 47 24.06 9.79 -6.07
N TYR A 48 23.83 10.95 -5.45
CA TYR A 48 22.77 11.10 -4.46
C TYR A 48 21.38 11.01 -5.09
N SER A 49 20.48 10.30 -4.41
CA SER A 49 19.14 10.12 -4.92
C SER A 49 18.09 10.44 -3.84
N GLU A 50 16.88 10.78 -4.27
CA GLU A 50 15.84 11.21 -3.32
C GLU A 50 14.45 10.92 -3.86
N ALA A 51 13.53 10.53 -2.97
CA ALA A 51 12.12 10.40 -3.34
C ALA A 51 11.51 11.75 -3.70
N GLU A 52 10.91 11.82 -4.88
CA GLU A 52 10.15 12.99 -5.27
C GLU A 52 8.82 12.97 -4.46
N PRO A 53 8.46 14.10 -3.80
CA PRO A 53 7.33 14.19 -2.85
C PRO A 53 5.94 13.81 -3.36
N GLN A 54 5.52 14.33 -4.51
CA GLN A 54 4.17 14.05 -5.05
C GLN A 54 3.92 12.56 -5.42
N THR A 55 4.90 11.90 -6.04
CA THR A 55 4.75 10.52 -6.56
C THR A 55 5.42 9.42 -5.71
N GLY A 56 6.41 9.80 -4.91
CA GLY A 56 7.29 8.85 -4.19
C GLY A 56 8.38 8.19 -5.05
N ILE A 57 8.48 8.60 -6.32
CA ILE A 57 9.48 8.03 -7.26
C ILE A 57 10.87 8.54 -6.95
N GLU A 58 11.83 7.62 -6.87
CA GLU A 58 13.20 7.92 -6.57
C GLU A 58 13.92 8.57 -7.78
N VAL A 59 14.46 9.75 -7.55
CA VAL A 59 15.05 10.58 -8.57
C VAL A 59 16.55 10.65 -8.32
N HIS A 60 17.34 10.41 -9.36
CA HIS A 60 18.78 10.65 -9.30
C HIS A 60 18.95 12.15 -9.49
N LYS A 61 19.33 12.85 -8.42
CA LYS A 61 19.34 14.31 -8.38
C LYS A 61 20.33 14.98 -9.37
N TYR A 62 21.45 14.30 -9.68
CA TYR A 62 22.48 14.90 -10.54
C TYR A 62 22.72 14.05 -11.75
N GLY A 63 21.63 13.49 -12.28
CA GLY A 63 21.68 12.78 -13.56
C GLY A 63 21.50 11.30 -13.38
N ALA A 64 21.15 10.60 -14.46
CA ALA A 64 20.95 9.17 -14.39
C ALA A 64 22.24 8.50 -13.99
N HIS A 65 22.14 7.61 -13.00
CA HIS A 65 23.24 6.79 -12.51
C HIS A 65 22.93 5.30 -12.67
N LEU A 66 23.71 4.68 -13.54
CA LEU A 66 23.57 3.28 -13.91
C LEU A 66 24.83 2.54 -13.51
N PHE A 67 24.73 1.57 -12.61
CA PHE A 67 25.93 0.85 -12.13
C PHE A 67 26.32 -0.32 -13.04
N HIS A 68 27.60 -0.42 -13.36
CA HIS A 68 28.11 -1.51 -14.18
C HIS A 68 29.60 -1.70 -13.91
N THR A 69 30.01 -2.97 -13.93
CA THR A 69 31.43 -3.34 -13.79
C THR A 69 31.78 -4.71 -14.36
N SER A 70 33.04 -4.90 -14.74
CA SER A 70 33.55 -6.23 -15.07
C SER A 70 34.51 -6.70 -13.98
N ASN A 71 34.66 -5.89 -12.94
CA ASN A 71 35.66 -6.14 -11.89
C ASN A 71 34.96 -6.87 -10.75
N LYS A 72 35.16 -8.19 -10.71
CA LYS A 72 34.58 -9.06 -9.70
C LYS A 72 34.85 -8.64 -8.23
N ARG A 73 36.07 -8.14 -7.94
CA ARG A 73 36.39 -7.59 -6.61
C ARG A 73 35.43 -6.45 -6.18
N VAL A 74 35.18 -5.54 -7.11
CA VAL A 74 34.23 -4.40 -6.94
C VAL A 74 32.77 -4.90 -6.78
N TRP A 75 32.34 -5.81 -7.64
CA TRP A 75 31.00 -6.40 -7.60
C TRP A 75 30.73 -7.08 -6.25
N ASP A 76 31.68 -7.90 -5.77
CA ASP A 76 31.67 -8.45 -4.40
C ASP A 76 31.58 -7.36 -3.30
N TYR A 77 32.47 -6.37 -3.36
CA TYR A 77 32.49 -5.26 -2.39
C TYR A 77 31.19 -4.47 -2.30
N VAL A 78 30.64 -4.08 -3.46
CA VAL A 78 29.41 -3.27 -3.49
C VAL A 78 28.18 -3.99 -2.98
N ARG A 79 28.14 -5.31 -3.18
CA ARG A 79 27.06 -6.15 -2.65
C ARG A 79 27.07 -6.37 -1.12
N GLN A 80 28.06 -5.86 -0.40
CA GLN A 80 28.05 -5.89 1.08
C GLN A 80 27.14 -4.83 1.66
N PHE A 81 26.80 -3.85 0.82
CA PHE A 81 26.11 -2.62 1.24
C PHE A 81 24.73 -2.48 0.62
N THR A 82 24.47 -3.21 -0.47
CA THR A 82 23.20 -3.12 -1.19
C THR A 82 22.99 -4.40 -2.00
N ASP A 83 21.73 -4.71 -2.29
CA ASP A 83 21.37 -5.62 -3.38
C ASP A 83 21.25 -4.86 -4.71
N PHE A 84 21.34 -5.59 -5.84
CA PHE A 84 21.10 -5.08 -7.18
C PHE A 84 19.91 -5.78 -7.84
N THR A 85 19.22 -4.98 -8.61
CA THR A 85 18.15 -5.27 -9.53
C THR A 85 18.74 -5.88 -10.85
N ASP A 86 17.88 -6.50 -11.65
CA ASP A 86 18.20 -7.08 -12.96
C ASP A 86 18.02 -6.11 -14.15
N TYR A 87 17.79 -4.84 -13.87
CA TYR A 87 17.81 -3.76 -14.87
C TYR A 87 19.03 -3.85 -15.82
N ARG A 88 18.78 -3.60 -17.10
CA ARG A 88 19.78 -3.62 -18.14
C ARG A 88 19.51 -2.39 -18.97
N HIS A 89 20.48 -1.48 -18.99
CA HIS A 89 20.29 -0.20 -19.61
C HIS A 89 20.19 -0.26 -21.15
N ARG A 90 19.16 0.39 -21.68
CA ARG A 90 19.04 0.66 -23.10
C ARG A 90 18.74 2.14 -23.26
N VAL A 91 19.31 2.73 -24.30
CA VAL A 91 19.08 4.15 -24.63
C VAL A 91 18.43 4.32 -26.02
N PHE A 92 17.42 5.18 -26.13
CA PHE A 92 16.86 5.59 -27.46
C PHE A 92 17.26 7.04 -27.81
N ALA A 93 17.19 7.36 -29.09
CA ALA A 93 17.63 8.67 -29.60
C ALA A 93 16.50 9.30 -30.42
N MET A 94 16.24 10.58 -30.15
CA MET A 94 15.19 11.31 -30.83
C MET A 94 15.85 12.26 -31.84
N HIS A 95 15.47 12.11 -33.10
CA HIS A 95 16.02 12.92 -34.15
C HIS A 95 14.87 13.15 -35.14
N ASN A 96 14.56 14.41 -35.40
CA ASN A 96 13.53 14.76 -36.38
C ASN A 96 12.14 14.15 -36.18
N GLY A 97 11.68 14.09 -34.93
CA GLY A 97 10.35 13.59 -34.60
C GLY A 97 10.19 12.09 -34.59
N GLN A 98 11.32 11.38 -34.66
CA GLN A 98 11.37 9.92 -34.77
C GLN A 98 12.34 9.34 -33.74
N ALA A 99 11.92 8.27 -33.07
CA ALA A 99 12.72 7.58 -32.06
C ALA A 99 13.51 6.41 -32.68
N TYR A 100 14.80 6.31 -32.34
CA TYR A 100 15.73 5.35 -32.97
C TYR A 100 16.44 4.49 -31.93
N GLN A 101 16.58 3.19 -32.23
CA GLN A 101 17.44 2.32 -31.41
C GLN A 101 18.86 2.86 -31.38
N PHE A 102 19.49 2.76 -30.22
CA PHE A 102 20.80 3.36 -29.95
C PHE A 102 21.56 2.38 -29.03
N PRO A 103 22.91 2.34 -29.09
CA PRO A 103 23.80 3.15 -29.96
C PRO A 103 23.70 2.71 -31.43
N MET A 104 24.42 3.39 -32.29
CA MET A 104 24.42 3.07 -33.71
C MET A 104 24.75 1.60 -33.96
N GLY A 105 23.81 0.89 -34.57
CA GLY A 105 24.01 -0.48 -35.00
C GLY A 105 23.03 -0.74 -36.12
N LEU A 106 22.77 -2.02 -36.39
CA LEU A 106 21.85 -2.44 -37.44
C LEU A 106 20.44 -1.88 -37.33
N GLY A 107 19.98 -1.65 -36.10
CA GLY A 107 18.60 -1.19 -35.82
C GLY A 107 18.42 0.25 -36.27
N LEU A 108 19.36 1.12 -35.86
CA LEU A 108 19.35 2.51 -36.21
C LEU A 108 19.64 2.70 -37.69
N VAL A 109 20.68 2.03 -38.19
CA VAL A 109 21.05 2.09 -39.61
C VAL A 109 19.87 1.73 -40.50
N SER A 110 19.12 0.69 -40.16
CA SER A 110 17.97 0.29 -40.97
C SER A 110 16.80 1.27 -40.86
N GLN A 111 16.58 1.80 -39.66
CA GLN A 111 15.61 2.88 -39.45
C GLN A 111 15.93 4.16 -40.21
N PHE A 112 17.17 4.63 -40.08
CA PHE A 112 17.56 5.89 -40.69
C PHE A 112 17.51 5.90 -42.22
N PHE A 113 17.98 4.81 -42.85
CA PHE A 113 18.05 4.72 -44.31
C PHE A 113 16.80 4.03 -44.89
N GLY A 114 15.95 3.48 -44.04
CA GLY A 114 14.64 2.97 -44.47
C GLY A 114 14.65 1.68 -45.26
N LYS A 115 15.66 0.85 -45.05
CA LYS A 115 15.71 -0.50 -45.57
C LYS A 115 16.67 -1.31 -44.67
N TYR A 116 16.44 -2.62 -44.58
CA TYR A 116 17.28 -3.51 -43.81
C TYR A 116 18.64 -3.74 -44.48
N PHE A 117 19.70 -3.57 -43.70
CA PHE A 117 21.08 -3.89 -44.10
C PHE A 117 21.55 -5.05 -43.29
N THR A 118 22.01 -6.05 -44.01
CA THR A 118 22.73 -7.20 -43.52
C THR A 118 24.00 -6.73 -42.77
N PRO A 119 24.53 -7.53 -41.82
CA PRO A 119 25.83 -7.14 -41.22
C PRO A 119 26.91 -6.72 -42.20
N GLU A 120 27.11 -7.48 -43.30
CA GLU A 120 28.15 -7.14 -44.28
C GLU A 120 27.75 -5.92 -45.07
N GLN A 121 26.46 -5.81 -45.39
CA GLN A 121 25.97 -4.67 -46.20
C GLN A 121 26.13 -3.40 -45.39
N ALA A 122 25.95 -3.48 -44.08
CA ALA A 122 26.11 -2.33 -43.24
C ALA A 122 27.59 -2.00 -43.03
N ARG A 123 28.48 -2.99 -42.98
CA ARG A 123 29.93 -2.66 -42.97
C ARG A 123 30.32 -1.86 -44.17
N GLN A 124 29.83 -2.28 -45.34
CA GLN A 124 30.17 -1.67 -46.63
C GLN A 124 29.65 -0.26 -46.80
N LEU A 125 28.41 -0.07 -46.39
CA LEU A 125 27.72 1.21 -46.36
C LEU A 125 28.51 2.22 -45.54
N ILE A 126 28.83 1.88 -44.29
CA ILE A 126 29.64 2.77 -43.48
C ILE A 126 31.05 2.98 -44.04
N ALA A 127 31.66 1.96 -44.63
CA ALA A 127 32.99 2.15 -45.28
C ALA A 127 32.94 3.17 -46.41
N GLU A 128 31.86 3.11 -47.19
CA GLU A 128 31.66 4.03 -48.31
C GLU A 128 31.55 5.47 -47.81
N GLN A 129 30.62 5.72 -46.88
CA GLN A 129 30.26 7.07 -46.48
C GLN A 129 31.38 7.77 -45.73
N ALA A 130 32.14 6.98 -44.96
CA ALA A 130 33.30 7.41 -44.19
C ALA A 130 34.53 7.62 -45.07
N ALA A 131 34.47 7.19 -46.33
CA ALA A 131 35.54 7.42 -47.29
C ALA A 131 35.53 8.87 -47.81
N GLU A 132 34.48 9.64 -47.48
CA GLU A 132 34.37 11.06 -47.85
C GLU A 132 35.52 11.90 -47.28
N ILE A 133 36.00 11.56 -46.10
CA ILE A 133 37.17 12.17 -45.47
C ILE A 133 38.06 11.06 -44.91
N ASP A 134 39.36 11.17 -45.16
CA ASP A 134 40.37 10.30 -44.55
C ASP A 134 40.72 10.81 -43.16
N THR A 135 40.71 9.90 -42.17
CA THR A 135 40.99 10.23 -40.78
C THR A 135 42.33 10.95 -40.61
N ALA A 136 43.35 10.49 -41.34
CA ALA A 136 44.70 11.08 -41.23
C ALA A 136 44.72 12.57 -41.53
N ASP A 137 44.00 12.99 -42.55
CA ASP A 137 44.03 14.39 -42.93
C ASP A 137 42.67 14.98 -43.29
N GLU A 142 31.12 19.36 -38.11
CA GLU A 142 32.00 18.54 -38.95
C GLU A 142 33.11 17.87 -38.11
N GLU A 143 33.83 16.86 -38.66
CA GLU A 143 35.04 16.29 -37.96
C GLU A 143 35.89 15.14 -38.62
N LYS A 144 36.81 14.64 -37.78
CA LYS A 144 37.16 13.23 -37.59
C LYS A 144 35.93 12.30 -37.59
N ALA A 145 34.81 12.78 -37.03
CA ALA A 145 33.55 12.00 -36.97
C ALA A 145 33.11 11.53 -38.37
N ILE A 146 33.09 12.44 -39.32
CA ILE A 146 32.72 12.11 -40.70
C ILE A 146 33.65 11.04 -41.30
N SER A 147 34.93 11.16 -40.97
CA SER A 147 35.93 10.21 -41.43
C SER A 147 35.75 8.82 -40.83
N LEU A 148 35.03 8.73 -39.70
CA LEU A 148 34.81 7.45 -39.02
C LEU A 148 33.47 6.82 -39.37
N ILE A 149 32.40 7.61 -39.45
CA ILE A 149 31.05 7.08 -39.73
C ILE A 149 30.33 7.66 -40.96
N GLY A 150 30.95 8.61 -41.67
CA GLY A 150 30.27 9.29 -42.77
C GLY A 150 29.38 10.46 -42.37
N ARG A 151 29.03 11.28 -43.37
CA ARG A 151 28.37 12.57 -43.12
C ARG A 151 26.91 12.44 -42.65
N PRO A 152 26.08 11.61 -43.31
CA PRO A 152 24.67 11.50 -42.92
C PRO A 152 24.38 11.06 -41.47
N LEU A 153 25.10 10.06 -40.96
CA LEU A 153 24.90 9.64 -39.54
C LEU A 153 25.48 10.66 -38.56
N TYR A 154 26.57 11.32 -38.96
CA TYR A 154 27.15 12.43 -38.17
C TYR A 154 26.19 13.61 -38.00
N GLU A 155 25.57 14.03 -39.11
CA GLU A 155 24.66 15.16 -39.10
C GLU A 155 23.33 14.85 -38.42
N ALA A 156 22.96 13.57 -38.37
CA ALA A 156 21.73 13.19 -37.69
C ALA A 156 21.94 12.94 -36.22
N PHE A 157 23.01 12.23 -35.85
CA PHE A 157 23.10 11.66 -34.48
C PHE A 157 24.24 12.14 -33.61
N VAL A 158 25.21 12.82 -34.22
CA VAL A 158 26.39 13.24 -33.48
C VAL A 158 26.60 14.78 -33.47
N LYS A 159 26.33 15.44 -34.60
CA LYS A 159 26.57 16.88 -34.76
C LYS A 159 25.88 17.75 -33.70
N GLY A 160 24.56 17.65 -33.62
CA GLY A 160 23.77 18.49 -32.73
C GLY A 160 23.89 18.11 -31.27
N TYR A 161 24.23 16.84 -31.05
CA TYR A 161 24.41 16.31 -29.71
C TYR A 161 25.70 16.78 -29.05
N THR A 162 26.83 16.62 -29.75
CA THR A 162 28.14 17.15 -29.30
C THR A 162 28.09 18.67 -29.10
N ALA A 163 27.43 19.37 -30.02
CA ALA A 163 27.24 20.83 -29.94
C ALA A 163 26.52 21.25 -28.67
N LYS A 164 25.44 20.56 -28.30
CA LYS A 164 24.71 20.90 -27.08
C LYS A 164 25.46 20.49 -25.83
N GLN A 165 26.19 19.39 -25.90
CA GLN A 165 27.09 18.99 -24.84
C GLN A 165 28.18 20.04 -24.58
N TRP A 166 28.99 20.31 -25.58
CA TRP A 166 30.19 21.14 -25.42
C TRP A 166 29.92 22.63 -25.55
N GLN A 167 28.70 22.98 -25.99
CA GLN A 167 28.30 24.37 -26.25
C GLN A 167 29.28 25.07 -27.20
N THR A 168 29.67 24.33 -28.24
CA THR A 168 30.64 24.74 -29.24
C THR A 168 30.26 24.05 -30.54
N ASP A 169 30.33 24.78 -31.65
CA ASP A 169 30.28 24.20 -33.00
C ASP A 169 31.41 23.15 -33.09
N PRO A 170 31.10 21.92 -33.60
CA PRO A 170 32.14 20.88 -33.69
C PRO A 170 33.25 21.17 -34.72
N LYS A 171 32.99 22.08 -35.67
CA LYS A 171 34.04 22.64 -36.52
C LYS A 171 35.18 23.24 -35.70
N GLU A 172 34.86 23.70 -34.48
CA GLU A 172 35.82 24.40 -33.62
C GLU A 172 36.35 23.58 -32.42
N LEU A 173 36.07 22.26 -32.41
CA LEU A 173 36.56 21.36 -31.35
C LEU A 173 37.69 20.46 -31.86
N PRO A 174 38.62 20.05 -30.96
CA PRO A 174 39.76 19.17 -31.37
C PRO A 174 39.40 17.80 -32.00
N ALA A 175 40.06 17.47 -33.12
CA ALA A 175 39.95 16.19 -33.80
C ALA A 175 40.33 15.01 -32.89
N ALA A 176 41.34 15.22 -32.06
CA ALA A 176 41.84 14.20 -31.13
C ALA A 176 40.86 13.84 -30.00
N ASN A 177 39.75 14.57 -29.91
CA ASN A 177 38.72 14.32 -28.90
C ASN A 177 37.85 13.07 -29.16
N ILE A 178 37.85 12.60 -30.40
CA ILE A 178 37.26 11.30 -30.77
C ILE A 178 38.39 10.36 -31.18
N THR A 179 38.49 9.23 -30.47
CA THR A 179 39.43 8.14 -30.78
C THR A 179 38.74 7.23 -31.83
N ARG A 180 37.67 6.54 -31.40
CA ARG A 180 36.89 5.69 -32.29
C ARG A 180 35.40 5.96 -32.16
N LEU A 181 34.66 5.65 -33.23
CA LEU A 181 33.24 5.93 -33.31
C LEU A 181 32.59 4.68 -33.94
N PRO A 182 32.46 3.59 -33.14
CA PRO A 182 32.11 2.30 -33.73
C PRO A 182 30.63 2.18 -34.06
N VAL A 183 30.33 1.49 -35.16
CA VAL A 183 28.95 1.08 -35.46
C VAL A 183 28.91 -0.42 -35.15
N ARG A 184 27.91 -0.85 -34.40
CA ARG A 184 27.75 -2.28 -34.10
C ARG A 184 27.15 -2.94 -35.31
N TYR A 185 27.72 -4.05 -35.75
CA TYR A 185 27.12 -4.70 -36.90
C TYR A 185 26.26 -5.89 -36.48
N THR A 186 25.58 -5.79 -35.35
CA THR A 186 24.50 -6.72 -34.98
C THR A 186 23.29 -5.89 -34.56
N PHE A 187 22.17 -6.53 -34.23
CA PHE A 187 21.07 -5.82 -33.57
C PHE A 187 21.18 -5.66 -32.04
N ASP A 188 22.28 -6.11 -31.45
CA ASP A 188 22.49 -5.94 -29.99
C ASP A 188 22.39 -4.45 -29.60
N ASN A 189 21.39 -4.10 -28.78
CA ASN A 189 21.27 -2.71 -28.29
C ASN A 189 21.47 -2.53 -26.77
N ARG A 190 22.06 -3.52 -26.11
CA ARG A 190 22.39 -3.36 -24.70
C ARG A 190 23.49 -2.29 -24.63
N TYR A 191 23.26 -1.26 -23.80
CA TYR A 191 24.12 -0.08 -23.81
C TYR A 191 25.51 -0.38 -23.26
N PHE A 192 25.56 -1.04 -22.11
CA PHE A 192 26.85 -1.33 -21.47
C PHE A 192 27.36 -2.69 -21.82
N SER A 193 28.68 -2.83 -21.76
CA SER A 193 29.35 -4.07 -22.18
C SER A 193 29.95 -4.87 -21.03
N ASP A 194 29.67 -4.47 -19.80
CA ASP A 194 30.26 -5.12 -18.66
C ASP A 194 29.52 -6.38 -18.20
N THR A 195 30.24 -7.21 -17.44
CA THR A 195 29.71 -8.46 -16.90
C THR A 195 28.56 -8.20 -15.95
N TYR A 196 28.73 -7.26 -15.03
CA TYR A 196 27.69 -7.03 -14.03
C TYR A 196 27.09 -5.66 -14.17
N GLU A 197 25.79 -5.62 -13.95
CA GLU A 197 25.00 -4.44 -14.12
C GLU A 197 23.78 -4.49 -13.22
N GLY A 198 23.38 -3.34 -12.70
CA GLY A 198 22.03 -3.27 -12.11
C GLY A 198 21.84 -1.98 -11.37
N LEU A 199 20.66 -1.79 -10.80
CA LEU A 199 20.37 -0.65 -9.95
C LEU A 199 20.28 -1.08 -8.50
N PRO A 200 20.80 -0.27 -7.58
CA PRO A 200 20.65 -0.64 -6.18
C PRO A 200 19.17 -0.78 -5.82
N THR A 201 18.81 -1.89 -5.18
CA THR A 201 17.43 -2.22 -4.89
C THR A 201 16.72 -1.19 -3.98
N ASP A 202 17.45 -0.67 -3.01
CA ASP A 202 16.88 0.32 -2.11
C ASP A 202 17.34 1.74 -2.49
N GLY A 203 17.93 1.88 -3.67
CA GLY A 203 18.38 3.17 -4.19
C GLY A 203 19.80 3.51 -3.77
N TYR A 204 20.32 4.61 -4.30
CA TYR A 204 21.70 5.02 -4.09
C TYR A 204 21.89 5.58 -2.71
N THR A 205 20.92 6.35 -2.23
CA THR A 205 21.06 6.95 -0.92
C THR A 205 21.12 5.87 0.16
N ALA A 206 20.25 4.86 0.11
CA ALA A 206 20.37 3.73 1.06
C ALA A 206 21.74 2.99 1.04
N TRP A 207 22.31 2.81 -0.16
CA TRP A 207 23.61 2.18 -0.36
C TRP A 207 24.75 3.03 0.25
N LEU A 208 24.75 4.31 -0.10
CA LEU A 208 25.68 5.29 0.43
C LEU A 208 25.62 5.41 1.96
N GLN A 209 24.42 5.52 2.53
CA GLN A 209 24.28 5.54 3.99
C GLN A 209 24.85 4.30 4.69
N ASN A 210 24.64 3.11 4.11
CA ASN A 210 25.27 1.89 4.60
C ASN A 210 26.81 1.88 4.61
N MET A 211 27.44 2.45 3.59
CA MET A 211 28.89 2.53 3.53
C MET A 211 29.40 3.37 4.72
N ALA A 212 28.66 4.42 5.07
CA ALA A 212 29.04 5.30 6.18
C ALA A 212 28.50 4.86 7.54
N ALA A 213 27.89 3.67 7.63
CA ALA A 213 27.12 3.30 8.84
C ALA A 213 27.96 2.96 10.06
N ASP A 214 29.17 2.44 9.84
CA ASP A 214 30.04 2.10 10.95
C ASP A 214 30.19 3.28 11.95
N HIS A 215 30.16 2.93 13.23
CA HIS A 215 30.27 3.89 14.32
C HIS A 215 31.61 4.64 14.34
N ARG A 216 32.63 4.06 13.71
CA ARG A 216 33.94 4.68 13.61
C ARG A 216 34.03 5.72 12.51
N ILE A 217 32.97 5.86 11.69
CA ILE A 217 32.93 6.87 10.62
C ILE A 217 32.04 8.03 11.05
N GLU A 218 32.60 9.24 11.06
CA GLU A 218 31.84 10.45 11.35
C GLU A 218 31.69 11.28 10.09
N VAL A 219 30.45 11.67 9.82
CA VAL A 219 30.14 12.55 8.72
C VAL A 219 29.62 13.88 9.24
N ARG A 220 30.28 14.97 8.82
CA ARG A 220 29.73 16.32 9.00
C ARG A 220 29.35 16.92 7.65
N LEU A 221 28.05 17.18 7.50
CA LEU A 221 27.47 17.74 6.29
C LEU A 221 27.51 19.27 6.39
N ASN A 222 27.35 19.92 5.23
CA ASN A 222 27.30 21.39 5.15
C ASN A 222 28.61 22.00 5.64
N THR A 223 29.71 21.28 5.46
CA THR A 223 30.99 21.64 6.02
C THR A 223 32.08 21.62 4.94
N ASP A 224 32.57 22.80 4.58
CA ASP A 224 33.69 22.94 3.66
C ASP A 224 35.03 22.72 4.37
N TRP A 225 35.87 21.87 3.80
CA TRP A 225 37.20 21.56 4.35
C TRP A 225 38.01 22.81 4.62
N PHE A 226 37.96 23.77 3.69
CA PHE A 226 38.78 24.97 3.78
C PHE A 226 38.38 25.87 4.94
N ASP A 227 37.12 25.72 5.39
CA ASP A 227 36.64 26.47 6.57
C ASP A 227 37.11 25.87 7.91
N VAL A 228 37.28 24.55 7.96
CA VAL A 228 37.45 23.80 9.20
C VAL A 228 38.83 23.14 9.33
N ARG A 229 39.58 23.03 8.24
CA ARG A 229 40.89 22.36 8.26
C ARG A 229 41.84 22.90 9.34
N GLY A 230 41.84 24.22 9.58
CA GLY A 230 42.72 24.83 10.56
C GLY A 230 42.35 24.47 12.00
N GLN A 231 41.07 24.26 12.26
CA GLN A 231 40.64 23.87 13.62
C GLN A 231 40.60 22.36 13.90
N LEU A 232 40.72 21.55 12.83
CA LEU A 232 40.69 20.07 12.90
C LEU A 232 42.06 19.38 13.04
N ARG A 233 43.02 19.80 12.24
CA ARG A 233 44.32 19.12 12.16
C ARG A 233 45.23 19.19 13.41
N PRO A 234 45.19 20.31 14.19
CA PRO A 234 45.98 20.32 15.41
C PRO A 234 45.65 19.26 16.44
N GLY A 235 44.38 18.84 16.49
CA GLY A 235 43.95 17.83 17.44
C GLY A 235 44.21 16.41 17.02
N SER A 236 44.46 16.18 15.72
CA SER A 236 44.80 14.86 15.17
C SER A 236 45.99 15.05 14.22
N PRO A 237 47.13 15.51 14.74
CA PRO A 237 48.22 16.00 13.87
C PRO A 237 48.82 14.98 12.91
N ALA A 238 48.71 13.69 13.23
CA ALA A 238 49.27 12.65 12.37
C ALA A 238 48.28 12.05 11.33
N ALA A 239 46.99 12.38 11.44
CA ALA A 239 45.99 11.94 10.48
C ALA A 239 46.28 12.45 9.06
N PRO A 240 46.42 11.54 8.09
CA PRO A 240 46.46 12.04 6.71
C PRO A 240 45.10 12.58 6.31
N VAL A 241 45.10 13.33 5.21
CA VAL A 241 43.87 13.83 4.60
C VAL A 241 43.72 13.20 3.22
N VAL A 242 42.52 12.65 2.94
CA VAL A 242 42.17 12.24 1.59
C VAL A 242 41.19 13.27 0.99
N TYR A 243 41.72 14.08 0.07
CA TYR A 243 41.00 15.20 -0.48
C TYR A 243 40.41 14.80 -1.84
N THR A 244 39.08 14.81 -1.98
CA THR A 244 38.46 14.48 -3.26
C THR A 244 37.74 15.68 -3.93
N GLY A 245 38.07 16.89 -3.48
CA GLY A 245 37.50 18.11 -4.03
C GLY A 245 38.32 18.57 -5.23
N PRO A 246 37.94 19.70 -5.85
CA PRO A 246 38.63 20.26 -7.03
C PRO A 246 40.12 20.49 -6.78
N LEU A 247 40.95 20.01 -7.70
CA LEU A 247 42.41 20.12 -7.57
C LEU A 247 42.88 21.55 -7.56
N ASP A 248 42.34 22.36 -8.48
CA ASP A 248 42.74 23.75 -8.60
C ASP A 248 42.26 24.60 -7.42
N ARG A 249 41.07 24.32 -6.91
CA ARG A 249 40.58 24.98 -5.70
C ARG A 249 41.48 24.77 -4.46
N TYR A 250 42.04 23.57 -4.31
CA TYR A 250 42.96 23.28 -3.19
C TYR A 250 44.14 24.26 -3.12
N PHE A 251 44.61 24.70 -4.28
CA PHE A 251 45.79 25.56 -4.41
C PHE A 251 45.44 27.00 -4.78
N ASP A 252 44.25 27.43 -4.35
CA ASP A 252 43.76 28.80 -4.52
C ASP A 252 43.66 29.27 -5.98
N TYR A 253 43.52 28.33 -6.91
CA TYR A 253 43.59 28.59 -8.36
C TYR A 253 44.84 29.39 -8.75
N ALA A 254 45.89 29.27 -7.96
CA ALA A 254 47.07 30.16 -8.09
C ALA A 254 47.80 30.03 -9.43
N GLU A 255 47.55 28.93 -10.14
CA GLU A 255 48.13 28.72 -11.47
C GLU A 255 47.10 28.86 -12.58
N GLY A 256 45.85 29.17 -12.21
CA GLY A 256 44.76 29.26 -13.17
C GLY A 256 43.69 28.23 -12.87
N ARG A 257 42.64 28.26 -13.66
CA ARG A 257 41.46 27.46 -13.44
C ARG A 257 41.31 26.37 -14.48
N LEU A 258 41.13 25.14 -14.01
CA LEU A 258 40.83 24.01 -14.86
C LEU A 258 39.43 24.16 -15.48
N GLY A 259 39.32 23.87 -16.77
CA GLY A 259 38.06 24.04 -17.50
C GLY A 259 37.11 22.86 -17.29
N TRP A 260 35.91 23.14 -16.80
CA TRP A 260 34.85 22.13 -16.64
C TRP A 260 33.57 22.45 -17.42
N ARG A 261 32.72 21.44 -17.61
CA ARG A 261 31.37 21.62 -18.15
C ARG A 261 30.33 21.31 -17.04
N THR A 262 29.23 22.07 -16.98
CA THR A 262 28.19 21.81 -16.00
C THR A 262 26.96 21.28 -16.68
N LEU A 263 25.97 21.00 -15.85
CA LEU A 263 24.71 20.46 -16.28
C LEU A 263 23.68 21.14 -15.44
N ASP A 264 22.54 21.44 -16.03
CA ASP A 264 21.37 21.81 -15.25
C ASP A 264 20.33 20.74 -15.43
N PHE A 265 19.57 20.49 -14.36
CA PHE A 265 18.49 19.51 -14.36
C PHE A 265 17.16 20.16 -14.01
N GLU A 266 16.15 19.93 -14.84
CA GLU A 266 14.78 20.40 -14.60
C GLU A 266 13.89 19.19 -14.32
N VAL A 267 13.45 19.07 -13.07
CA VAL A 267 12.53 18.02 -12.67
C VAL A 267 11.08 18.48 -12.90
N GLU A 268 10.27 17.65 -13.55
CA GLU A 268 8.85 17.94 -13.74
C GLU A 268 7.97 16.73 -13.40
N VAL A 269 6.95 16.95 -12.58
CA VAL A 269 5.94 15.93 -12.31
C VAL A 269 4.79 16.16 -13.28
N LEU A 270 4.41 15.12 -14.01
CA LEU A 270 3.39 15.17 -15.05
C LEU A 270 2.22 14.31 -14.64
N PRO A 271 0.97 14.75 -14.93
CA PRO A 271 -0.24 14.02 -14.58
C PRO A 271 -0.62 12.88 -15.55
N ILE A 272 0.37 12.09 -15.96
CA ILE A 272 0.16 10.91 -16.81
C ILE A 272 1.02 9.80 -16.24
N GLY A 273 0.67 8.57 -16.55
CA GLY A 273 1.40 7.41 -16.06
C GLY A 273 2.76 7.16 -16.71
N ASP A 274 2.95 7.59 -17.96
CA ASP A 274 4.18 7.31 -18.74
C ASP A 274 4.42 8.39 -19.81
N PHE A 275 5.58 9.04 -19.75
CA PHE A 275 5.92 10.14 -20.65
C PHE A 275 6.59 9.70 -21.96
N GLN A 276 7.56 8.77 -21.86
CA GLN A 276 8.32 8.32 -23.04
C GLN A 276 8.49 6.79 -23.22
N GLY A 277 7.94 5.97 -22.32
CA GLY A 277 8.07 4.50 -22.45
C GLY A 277 9.42 3.84 -22.23
N THR A 278 10.48 4.63 -21.95
CA THR A 278 11.84 4.19 -21.57
C THR A 278 12.47 5.08 -20.50
N ALA A 279 13.50 4.58 -19.83
CA ALA A 279 14.29 5.34 -18.83
C ALA A 279 14.93 6.61 -19.36
N VAL A 280 15.51 6.55 -20.56
CA VAL A 280 16.42 7.59 -21.03
C VAL A 280 16.29 7.87 -22.53
N MET A 281 15.90 9.09 -22.88
CA MET A 281 15.83 9.54 -24.26
C MET A 281 16.85 10.65 -24.53
N ASN A 282 17.76 10.38 -25.46
CA ASN A 282 18.69 11.36 -26.00
C ASN A 282 18.01 12.22 -27.07
N TYR A 283 18.25 13.52 -26.99
CA TYR A 283 17.72 14.49 -27.95
C TYR A 283 18.85 15.06 -28.80
N ASN A 284 18.95 14.57 -30.02
CA ASN A 284 20.08 14.82 -30.92
C ASN A 284 20.04 16.16 -31.65
N ASP A 285 18.86 16.74 -31.78
CA ASP A 285 18.67 18.00 -32.51
C ASP A 285 19.09 19.23 -31.69
N LEU A 286 19.75 20.16 -32.39
CA LEU A 286 20.32 21.39 -31.83
C LEU A 286 19.22 22.34 -31.37
N ASP A 287 18.10 22.33 -32.10
CA ASP A 287 16.93 23.14 -31.80
C ASP A 287 16.06 22.59 -30.66
N VAL A 288 16.57 21.63 -29.91
CA VAL A 288 15.96 21.21 -28.64
C VAL A 288 16.99 21.61 -27.57
N PRO A 289 16.61 22.45 -26.59
CA PRO A 289 17.69 22.96 -25.72
C PRO A 289 18.33 21.91 -24.79
N TYR A 290 17.56 20.90 -24.41
CA TYR A 290 18.04 19.88 -23.51
C TYR A 290 18.71 18.75 -24.31
N THR A 291 19.57 18.04 -23.59
CA THR A 291 20.42 16.99 -24.10
C THR A 291 19.76 15.59 -23.96
N ARG A 292 19.00 15.38 -22.88
CA ARG A 292 18.40 14.10 -22.48
C ARG A 292 17.17 14.32 -21.62
N ILE A 293 16.22 13.38 -21.71
CA ILE A 293 15.13 13.27 -20.72
C ILE A 293 15.21 11.91 -20.05
N HIS A 294 15.34 11.90 -18.73
CA HIS A 294 15.19 10.68 -17.93
C HIS A 294 13.79 10.55 -17.38
N GLU A 295 13.25 9.34 -17.39
CA GLU A 295 11.97 9.09 -16.76
C GLU A 295 12.12 7.98 -15.71
N PHE A 296 12.02 8.38 -14.45
CA PHE A 296 12.58 7.58 -13.36
C PHE A 296 11.83 6.31 -12.92
N ARG A 297 10.55 6.20 -13.30
CA ARG A 297 9.79 4.97 -13.03
C ARG A 297 10.37 3.76 -13.78
N HIS A 298 11.02 3.98 -14.91
CA HIS A 298 11.52 2.91 -15.74
C HIS A 298 12.88 2.38 -15.23
N PHE A 299 13.49 3.09 -14.30
CA PHE A 299 14.64 2.58 -13.55
C PHE A 299 14.26 1.50 -12.53
N HIS A 300 12.99 1.48 -12.09
CA HIS A 300 12.55 0.53 -11.08
C HIS A 300 11.14 -0.01 -11.33
N PRO A 301 10.97 -0.79 -12.44
CA PRO A 301 9.64 -1.35 -12.76
C PRO A 301 9.15 -2.31 -11.70
N GLU A 302 10.05 -2.93 -10.95
CA GLU A 302 9.68 -3.79 -9.82
C GLU A 302 9.04 -3.04 -8.64
N ARG A 303 9.15 -1.72 -8.59
CA ARG A 303 8.52 -0.94 -7.53
C ARG A 303 7.02 -0.67 -7.78
N ASP A 304 6.27 -0.40 -6.71
CA ASP A 304 4.83 -0.11 -6.89
C ASP A 304 4.60 1.40 -7.02
N TYR A 305 4.98 1.91 -8.19
CA TYR A 305 4.83 3.30 -8.55
C TYR A 305 3.40 3.62 -9.06
N PRO A 306 2.92 4.86 -8.83
CA PRO A 306 1.54 5.21 -9.23
C PRO A 306 1.38 5.10 -10.75
N THR A 307 0.19 4.72 -11.23
CA THR A 307 0.02 4.61 -12.69
C THR A 307 -0.60 5.85 -13.33
N ASP A 308 -0.78 6.87 -12.51
CA ASP A 308 -1.45 8.11 -12.93
C ASP A 308 -0.52 9.33 -12.96
N LYS A 309 0.70 9.19 -12.43
CA LYS A 309 1.66 10.29 -12.29
C LYS A 309 3.01 9.74 -12.62
N THR A 310 3.91 10.62 -13.08
CA THR A 310 5.28 10.29 -13.43
C THR A 310 6.21 11.51 -13.27
N VAL A 311 7.48 11.24 -12.95
CA VAL A 311 8.52 12.26 -12.82
C VAL A 311 9.49 12.15 -13.99
N ILE A 312 9.70 13.26 -14.68
CA ILE A 312 10.75 13.34 -15.69
C ILE A 312 11.83 14.35 -15.30
N MET A 313 13.01 14.21 -15.91
CA MET A 313 14.08 15.16 -15.70
C MET A 313 14.70 15.52 -17.04
N ARG A 314 14.70 16.81 -17.36
CA ARG A 314 15.44 17.32 -18.52
C ARG A 314 16.85 17.76 -18.11
N GLU A 315 17.85 17.36 -18.91
CA GLU A 315 19.28 17.57 -18.64
C GLU A 315 19.80 18.57 -19.67
N TYR A 316 20.40 19.67 -19.22
CA TYR A 316 20.94 20.71 -20.11
C TYR A 316 22.43 20.82 -19.86
N SER A 317 23.19 20.97 -20.93
CA SER A 317 24.61 21.16 -20.80
C SER A 317 24.98 22.63 -21.06
N ARG A 318 25.91 23.17 -20.28
CA ARG A 318 26.41 24.53 -20.53
C ARG A 318 27.85 24.78 -20.22
N PHE A 319 28.31 25.93 -20.70
CA PHE A 319 29.52 26.61 -20.27
C PHE A 319 29.42 26.77 -18.76
N ALA A 320 30.33 26.13 -18.03
CA ALA A 320 30.48 26.38 -16.61
C ALA A 320 31.06 27.78 -16.38
N GLU A 321 30.59 28.42 -15.31
CA GLU A 321 31.12 29.68 -14.85
C GLU A 321 31.84 29.37 -13.56
N ASP A 322 32.58 30.34 -13.03
CA ASP A 322 33.39 30.15 -11.83
C ASP A 322 32.65 29.47 -10.67
N ASP A 323 31.38 29.80 -10.50
CA ASP A 323 30.59 29.26 -9.41
C ASP A 323 29.49 28.27 -9.86
N ASP A 324 29.80 27.51 -10.90
CA ASP A 324 28.93 26.40 -11.32
C ASP A 324 29.53 25.12 -10.77
N GLU A 325 28.71 24.07 -10.69
CA GLU A 325 29.17 22.75 -10.24
C GLU A 325 29.97 22.09 -11.38
N PRO A 326 31.22 21.65 -11.14
CA PRO A 326 31.96 20.92 -12.18
C PRO A 326 31.46 19.48 -12.40
N TYR A 327 31.30 19.06 -13.66
CA TYR A 327 30.88 17.65 -13.93
C TYR A 327 31.85 16.89 -14.83
N TYR A 328 32.10 17.39 -16.03
CA TYR A 328 33.00 16.72 -17.00
C TYR A 328 34.13 17.65 -17.36
N PRO A 329 35.40 17.18 -17.27
CA PRO A 329 36.56 17.98 -17.73
C PRO A 329 36.45 18.40 -19.19
N ILE A 330 36.82 19.64 -19.50
CA ILE A 330 36.90 20.12 -20.88
C ILE A 330 38.15 19.50 -21.54
N ASN A 331 39.25 19.44 -20.78
CA ASN A 331 40.47 18.72 -21.19
C ASN A 331 41.25 19.30 -22.42
N THR A 332 41.23 20.62 -22.61
CA THR A 332 42.04 21.22 -23.67
C THR A 332 43.52 20.99 -23.35
N GLU A 333 44.38 21.17 -24.36
CA GLU A 333 45.81 20.99 -24.19
C GLU A 333 46.36 21.91 -23.08
N ALA A 334 45.70 23.06 -22.89
CA ALA A 334 46.05 24.00 -21.80
C ALA A 334 45.63 23.50 -20.40
N ASP A 335 44.49 22.79 -20.32
CA ASP A 335 44.06 22.14 -19.06
C ASP A 335 45.08 21.05 -18.64
N ARG A 336 45.57 20.27 -19.61
CA ARG A 336 46.55 19.21 -19.35
C ARG A 336 47.91 19.70 -18.83
N ALA A 337 48.36 20.88 -19.31
CA ALA A 337 49.55 21.53 -18.77
C ALA A 337 49.26 22.09 -17.39
N LEU A 338 48.06 22.65 -17.21
CA LEU A 338 47.62 23.15 -15.89
C LEU A 338 47.57 22.01 -14.89
N LEU A 339 47.00 20.90 -15.32
CA LEU A 339 46.92 19.65 -14.54
C LEU A 339 48.29 19.11 -14.12
N ALA A 340 49.25 19.11 -15.06
CA ALA A 340 50.63 18.65 -14.83
C ALA A 340 51.33 19.51 -13.76
N THR A 341 51.07 20.82 -13.80
CA THR A 341 51.51 21.77 -12.80
C THR A 341 50.91 21.49 -11.40
N TYR A 342 49.60 21.28 -11.32
CA TYR A 342 48.94 21.02 -10.04
C TYR A 342 49.29 19.65 -9.43
N ARG A 343 49.50 18.65 -10.28
CA ARG A 343 49.94 17.32 -9.83
C ARG A 343 51.32 17.36 -9.19
N ALA A 344 52.21 18.24 -9.68
CA ALA A 344 53.50 18.52 -9.01
C ALA A 344 53.32 19.25 -7.68
N ARG A 345 52.37 20.17 -7.61
CA ARG A 345 51.98 20.82 -6.35
C ARG A 345 51.40 19.79 -5.35
N ALA A 346 50.60 18.86 -5.87
CA ALA A 346 49.90 17.85 -5.06
C ALA A 346 50.91 16.92 -4.38
N LYS A 347 51.92 16.52 -5.14
CA LYS A 347 52.91 15.57 -4.68
C LYS A 347 53.86 16.19 -3.63
N SER A 348 54.13 17.49 -3.77
CA SER A 348 54.77 18.24 -2.71
C SER A 348 53.93 18.26 -1.43
N GLU A 349 52.62 18.48 -1.57
CA GLU A 349 51.69 18.54 -0.45
C GLU A 349 51.57 17.19 0.31
N THR A 350 51.68 16.09 -0.44
CA THR A 350 51.65 14.75 0.15
C THR A 350 52.89 14.59 1.04
N ALA A 351 54.04 15.01 0.50
CA ALA A 351 55.33 14.94 1.18
C ALA A 351 55.43 15.81 2.43
N SER A 352 54.90 17.04 2.39
CA SER A 352 55.04 17.98 3.51
C SER A 352 53.94 17.91 4.57
N SER A 353 52.74 17.48 4.19
CA SER A 353 51.63 17.46 5.13
C SER A 353 50.57 16.37 4.95
N LYS A 354 50.95 15.26 4.31
CA LYS A 354 50.16 14.01 4.27
C LYS A 354 48.79 14.14 3.59
N VAL A 355 48.69 15.01 2.60
CA VAL A 355 47.44 15.13 1.86
C VAL A 355 47.46 14.31 0.58
N LEU A 356 46.55 13.36 0.45
CA LEU A 356 46.40 12.56 -0.75
C LEU A 356 45.25 13.09 -1.62
N PHE A 357 45.41 13.02 -2.95
CA PHE A 357 44.40 13.56 -3.86
C PHE A 357 43.76 12.43 -4.67
N GLY A 358 42.44 12.33 -4.57
CA GLY A 358 41.71 11.27 -5.22
C GLY A 358 40.38 11.67 -5.78
N GLY A 359 39.78 10.79 -6.57
CA GLY A 359 38.40 10.95 -7.08
C GLY A 359 38.40 11.78 -8.36
N ARG A 360 37.22 12.04 -8.89
CA ARG A 360 37.09 12.74 -10.16
C ARG A 360 37.58 14.18 -10.08
N LEU A 361 37.23 14.87 -9.01
CA LEU A 361 37.62 16.26 -8.82
C LEU A 361 39.10 16.40 -8.41
N GLY A 362 39.55 15.58 -7.46
CA GLY A 362 40.92 15.72 -6.88
C GLY A 362 42.00 15.34 -7.86
N THR A 363 41.53 14.82 -9.01
CA THR A 363 42.35 14.17 -10.00
C THR A 363 42.08 14.73 -11.42
N TYR A 364 41.01 15.52 -11.59
CA TYR A 364 40.58 16.07 -12.90
C TYR A 364 40.34 14.98 -13.96
N GLN A 365 39.45 14.02 -13.68
CA GLN A 365 39.12 12.93 -14.62
C GLN A 365 37.65 12.63 -14.53
N TYR A 366 37.00 12.25 -15.63
CA TYR A 366 35.66 11.66 -15.44
C TYR A 366 35.87 10.25 -14.95
N LEU A 367 35.18 9.88 -13.86
CA LEU A 367 35.20 8.53 -13.32
C LEU A 367 33.79 7.98 -13.08
N ASP A 368 33.54 6.81 -13.62
CA ASP A 368 32.36 6.05 -13.34
C ASP A 368 32.46 5.55 -11.91
N MET A 369 31.30 5.29 -11.30
CA MET A 369 31.21 4.78 -9.93
C MET A 369 32.16 3.63 -9.64
N HIS A 370 32.13 2.62 -10.51
CA HIS A 370 32.94 1.41 -10.33
C HIS A 370 34.43 1.66 -10.46
N MET A 371 34.81 2.60 -11.32
CA MET A 371 36.23 3.00 -11.48
C MET A 371 36.68 3.89 -10.32
N ALA A 372 35.77 4.71 -9.82
CA ALA A 372 35.99 5.50 -8.59
C ALA A 372 36.22 4.54 -7.41
N ILE A 373 35.38 3.50 -7.30
CA ILE A 373 35.48 2.49 -6.21
C ILE A 373 36.76 1.68 -6.37
N ALA A 374 37.04 1.19 -7.59
CA ALA A 374 38.31 0.49 -7.82
C ALA A 374 39.52 1.38 -7.52
N SER A 375 39.45 2.65 -7.90
CA SER A 375 40.60 3.57 -7.67
C SER A 375 40.82 3.75 -6.17
N ALA A 376 39.73 3.90 -5.42
CA ALA A 376 39.81 3.96 -3.95
C ALA A 376 40.43 2.72 -3.27
N LEU A 377 39.98 1.54 -3.67
CA LEU A 377 40.57 0.28 -3.22
C LEU A 377 42.09 0.20 -3.51
N ASN A 378 42.51 0.79 -4.62
CA ASN A 378 43.91 0.84 -5.00
C ASN A 378 44.71 1.74 -4.07
N MET A 379 44.19 2.94 -3.81
CA MET A 379 44.83 3.84 -2.86
C MET A 379 44.82 3.20 -1.45
N TYR A 380 43.71 2.58 -1.05
CA TYR A 380 43.68 1.85 0.22
C TYR A 380 44.78 0.76 0.31
N ASP A 381 44.82 -0.15 -0.68
CA ASP A 381 45.77 -1.30 -0.71
C ASP A 381 47.22 -0.87 -0.62
N ASN A 382 47.59 0.02 -1.52
CA ASN A 382 48.97 0.32 -1.88
C ASN A 382 49.54 1.52 -1.18
N VAL A 383 48.68 2.46 -0.76
CA VAL A 383 49.17 3.71 -0.16
C VAL A 383 48.78 3.92 1.30
N LEU A 384 47.48 3.96 1.55
CA LEU A 384 46.94 4.33 2.88
C LEU A 384 47.07 3.27 3.98
N ALA A 385 46.63 2.04 3.70
CA ALA A 385 46.67 0.97 4.69
C ALA A 385 48.11 0.68 5.22
N PRO A 386 49.09 0.53 4.31
CA PRO A 386 50.46 0.32 4.82
C PRO A 386 50.96 1.50 5.67
N HIS A 387 50.54 2.72 5.35
CA HIS A 387 50.88 3.87 6.17
C HIS A 387 50.24 3.82 7.55
N LEU A 388 48.93 3.59 7.59
CA LEU A 388 48.18 3.53 8.85
C LEU A 388 48.52 2.33 9.72
N ARG A 389 48.69 1.17 9.09
CA ARG A 389 48.99 -0.08 9.77
C ARG A 389 50.43 -0.11 10.26
N ASP A 390 51.36 0.19 9.36
CA ASP A 390 52.78 -0.09 9.55
C ASP A 390 53.68 1.13 9.76
N GLY A 391 53.26 2.29 9.25
CA GLY A 391 54.08 3.48 9.33
C GLY A 391 54.88 3.79 8.07
N VAL A 392 54.73 2.96 7.04
CA VAL A 392 55.31 3.18 5.71
C VAL A 392 54.98 4.57 5.14
N PRO A 393 55.99 5.30 4.60
CA PRO A 393 55.71 6.57 3.91
C PRO A 393 54.54 6.52 2.91
N LEU A 394 53.86 7.64 2.73
CA LEU A 394 52.75 7.76 1.75
C LEU A 394 53.20 7.82 0.30
N LEU A 395 54.33 8.48 0.02
CA LEU A 395 54.86 8.52 -1.34
C LEU A 395 55.48 7.20 -1.75
N MET B 4 -51.89 -8.34 -23.20
CA MET B 4 -51.18 -7.09 -23.63
C MET B 4 -49.90 -6.98 -22.83
N THR B 5 -48.79 -6.70 -23.51
CA THR B 5 -47.51 -6.47 -22.84
C THR B 5 -47.57 -5.16 -22.05
N ALA B 6 -47.27 -5.27 -20.76
CA ALA B 6 -47.08 -4.10 -19.90
C ALA B 6 -45.68 -3.49 -20.11
N ARG B 7 -45.57 -2.19 -19.88
CA ARG B 7 -44.29 -1.51 -19.94
C ARG B 7 -43.55 -1.57 -18.59
N PHE B 8 -44.29 -1.54 -17.49
CA PHE B 8 -43.73 -1.52 -16.14
C PHE B 8 -44.57 -2.45 -15.26
N ASP B 9 -43.92 -3.03 -14.24
CA ASP B 9 -44.61 -3.92 -13.32
C ASP B 9 -45.14 -3.17 -12.08
N LEU B 10 -44.55 -2.00 -11.83
CA LEU B 10 -44.88 -1.20 -10.65
C LEU B 10 -44.64 0.28 -10.89
N PHE B 11 -45.50 1.13 -10.34
CA PHE B 11 -45.27 2.56 -10.35
C PHE B 11 -45.02 2.96 -8.91
N VAL B 12 -43.98 3.76 -8.70
CA VAL B 12 -43.67 4.28 -7.38
C VAL B 12 -43.67 5.78 -7.47
N VAL B 13 -44.43 6.42 -6.59
CA VAL B 13 -44.51 7.88 -6.59
C VAL B 13 -43.70 8.43 -5.44
N GLY B 14 -42.63 9.14 -5.79
CA GLY B 14 -41.72 9.74 -4.82
C GLY B 14 -40.48 8.93 -4.65
N SER B 15 -39.34 9.59 -4.69
CA SER B 15 -38.06 8.89 -4.58
C SER B 15 -37.31 9.19 -3.27
N GLY B 16 -38.03 9.27 -2.16
CA GLY B 16 -37.43 9.34 -0.83
C GLY B 16 -37.08 7.92 -0.39
N PHE B 17 -36.53 7.76 0.82
CA PHE B 17 -36.12 6.44 1.31
C PHE B 17 -37.21 5.37 1.30
N PHE B 18 -38.48 5.75 1.52
CA PHE B 18 -39.60 4.77 1.46
C PHE B 18 -39.72 4.22 0.03
N GLY B 19 -39.89 5.12 -0.93
CA GLY B 19 -40.11 4.76 -2.31
C GLY B 19 -38.96 4.05 -3.01
N LEU B 20 -37.72 4.43 -2.71
CA LEU B 20 -36.54 3.72 -3.26
C LEU B 20 -36.29 2.33 -2.68
N THR B 21 -36.63 2.16 -1.41
CA THR B 21 -36.62 0.84 -0.80
C THR B 21 -37.64 -0.09 -1.49
N ILE B 22 -38.90 0.33 -1.56
CA ILE B 22 -39.93 -0.36 -2.38
C ILE B 22 -39.42 -0.73 -3.78
N ALA B 23 -38.90 0.25 -4.51
CA ALA B 23 -38.38 0.10 -5.88
C ALA B 23 -37.23 -0.89 -6.01
N GLU B 24 -36.20 -0.73 -5.18
CA GLU B 24 -35.00 -1.62 -5.23
C GLU B 24 -35.37 -3.07 -4.87
N ARG B 25 -36.27 -3.30 -3.92
CA ARG B 25 -36.63 -4.68 -3.54
C ARG B 25 -37.39 -5.40 -4.66
N VAL B 26 -38.41 -4.73 -5.20
CA VAL B 26 -39.16 -5.26 -6.32
C VAL B 26 -38.27 -5.46 -7.57
N ALA B 27 -37.43 -4.49 -7.93
CA ALA B 27 -36.59 -4.66 -9.12
C ALA B 27 -35.68 -5.86 -8.94
N THR B 28 -35.00 -5.85 -7.79
CA THR B 28 -33.95 -6.80 -7.44
C THR B 28 -34.41 -8.20 -7.05
N GLN B 29 -35.37 -8.31 -6.15
CA GLN B 29 -35.71 -9.60 -5.57
C GLN B 29 -36.80 -10.37 -6.34
N LEU B 30 -37.62 -9.63 -7.11
CA LEU B 30 -38.73 -10.21 -7.86
C LEU B 30 -38.47 -10.11 -9.36
N ASP B 31 -37.45 -9.34 -9.75
CA ASP B 31 -37.09 -9.14 -11.15
C ASP B 31 -38.20 -8.43 -11.95
N LYS B 32 -38.65 -7.29 -11.44
CA LYS B 32 -39.69 -6.50 -12.09
C LYS B 32 -39.10 -5.16 -12.49
N ARG B 33 -39.74 -4.53 -13.50
CA ARG B 33 -39.43 -3.20 -14.00
C ARG B 33 -40.24 -2.13 -13.23
N VAL B 34 -39.54 -1.18 -12.64
CA VAL B 34 -40.18 -0.18 -11.78
C VAL B 34 -39.99 1.22 -12.32
N LEU B 35 -41.05 1.99 -12.38
CA LEU B 35 -40.95 3.42 -12.68
C LEU B 35 -41.22 4.23 -11.43
N VAL B 36 -40.23 5.06 -11.07
CA VAL B 36 -40.33 5.98 -9.96
C VAL B 36 -40.57 7.37 -10.53
N LEU B 37 -41.71 7.99 -10.18
CA LEU B 37 -41.99 9.37 -10.57
C LEU B 37 -41.62 10.29 -9.44
N GLU B 38 -40.79 11.28 -9.76
CA GLU B 38 -40.31 12.23 -8.77
C GLU B 38 -40.53 13.65 -9.26
N ARG B 39 -41.27 14.43 -8.47
CA ARG B 39 -41.63 15.80 -8.88
C ARG B 39 -40.54 16.85 -8.76
N ARG B 40 -39.51 16.56 -7.96
CA ARG B 40 -38.37 17.47 -7.78
C ARG B 40 -37.30 17.22 -8.83
N PRO B 41 -36.37 18.20 -8.98
CA PRO B 41 -35.24 18.09 -9.91
C PRO B 41 -34.20 17.02 -9.54
N HIS B 42 -34.39 16.35 -8.40
CA HIS B 42 -33.40 15.39 -7.91
C HIS B 42 -34.08 14.28 -7.06
N ILE B 43 -33.44 13.11 -6.96
CA ILE B 43 -33.90 12.03 -6.07
C ILE B 43 -33.55 12.19 -4.59
N GLY B 44 -34.14 11.36 -3.76
CA GLY B 44 -33.78 11.28 -2.37
C GLY B 44 -34.77 11.94 -1.43
N GLY B 45 -35.77 12.63 -1.98
CA GLY B 45 -36.68 13.38 -1.14
C GLY B 45 -35.91 14.32 -0.21
N ASN B 46 -36.21 14.30 1.07
CA ASN B 46 -35.64 15.28 1.98
C ASN B 46 -34.23 14.90 2.45
N ALA B 47 -33.80 13.68 2.18
CA ALA B 47 -32.44 13.28 2.48
C ALA B 47 -31.41 13.72 1.43
N TYR B 48 -31.85 14.40 0.38
CA TYR B 48 -30.93 14.86 -0.67
C TYR B 48 -29.80 15.74 -0.16
N SER B 49 -28.56 15.36 -0.49
CA SER B 49 -27.40 16.17 -0.19
C SER B 49 -26.66 16.62 -1.47
N GLU B 50 -25.89 17.72 -1.35
CA GLU B 50 -25.16 18.27 -2.47
C GLU B 50 -23.88 18.99 -2.01
N ALA B 51 -22.86 19.00 -2.87
CA ALA B 51 -21.62 19.74 -2.58
C ALA B 51 -21.86 21.22 -2.75
N GLU B 52 -21.58 22.02 -1.71
CA GLU B 52 -21.62 23.48 -1.85
C GLU B 52 -20.44 23.94 -2.76
N PRO B 53 -20.73 24.80 -3.77
CA PRO B 53 -19.74 25.18 -4.80
C PRO B 53 -18.43 25.84 -4.29
N GLN B 54 -18.49 27.06 -3.74
CA GLN B 54 -17.30 27.73 -3.15
C GLN B 54 -16.34 26.82 -2.35
N THR B 55 -16.86 25.93 -1.49
CA THR B 55 -16.03 25.17 -0.50
C THR B 55 -15.85 23.66 -0.76
N GLY B 56 -16.80 23.04 -1.45
CA GLY B 56 -16.82 21.59 -1.65
C GLY B 56 -17.48 20.80 -0.53
N ILE B 57 -18.02 21.50 0.48
CA ILE B 57 -18.56 20.84 1.66
C ILE B 57 -19.96 20.29 1.35
N GLU B 58 -20.16 19.01 1.65
CA GLU B 58 -21.46 18.39 1.47
C GLU B 58 -22.50 18.94 2.48
N VAL B 59 -23.57 19.51 1.93
CA VAL B 59 -24.66 20.11 2.64
C VAL B 59 -25.90 19.22 2.56
N HIS B 60 -26.54 18.98 3.71
CA HIS B 60 -27.86 18.35 3.77
C HIS B 60 -28.90 19.42 3.41
N LYS B 61 -29.45 19.34 2.18
CA LYS B 61 -30.25 20.43 1.59
C LYS B 61 -31.51 20.79 2.38
N TYR B 62 -32.12 19.77 3.01
CA TYR B 62 -33.33 19.95 3.77
C TYR B 62 -33.14 19.68 5.25
N GLY B 63 -32.02 20.15 5.81
CA GLY B 63 -31.77 19.98 7.24
C GLY B 63 -30.91 18.76 7.49
N ALA B 64 -30.24 18.75 8.65
CA ALA B 64 -29.31 17.70 9.06
C ALA B 64 -30.00 16.37 9.11
N HIS B 65 -29.39 15.36 8.48
CA HIS B 65 -29.87 14.00 8.50
C HIS B 65 -28.81 13.09 9.10
N LEU B 66 -29.11 12.55 10.28
CA LEU B 66 -28.25 11.63 10.99
C LEU B 66 -28.85 10.23 10.96
N PHE B 67 -28.09 9.23 10.51
CA PHE B 67 -28.59 7.88 10.44
C PHE B 67 -28.40 7.10 11.77
N HIS B 68 -29.46 6.39 12.21
CA HIS B 68 -29.42 5.58 13.44
C HIS B 68 -30.53 4.56 13.45
N THR B 69 -30.23 3.39 13.98
CA THR B 69 -31.19 2.31 14.05
C THR B 69 -30.75 1.26 15.08
N SER B 70 -31.71 0.53 15.64
CA SER B 70 -31.43 -0.70 16.41
C SER B 70 -31.92 -1.94 15.65
N ASN B 71 -32.42 -1.74 14.43
CA ASN B 71 -32.90 -2.83 13.59
C ASN B 71 -31.74 -3.36 12.74
N LYS B 72 -31.30 -4.57 13.05
CA LYS B 72 -30.14 -5.17 12.39
C LYS B 72 -30.42 -5.53 10.91
N ARG B 73 -31.67 -5.92 10.62
CA ARG B 73 -32.10 -6.15 9.23
C ARG B 73 -31.92 -4.90 8.36
N VAL B 74 -32.36 -3.77 8.89
CA VAL B 74 -32.19 -2.45 8.27
C VAL B 74 -30.71 -2.05 8.17
N TRP B 75 -29.95 -2.23 9.25
CA TRP B 75 -28.52 -1.90 9.27
C TRP B 75 -27.76 -2.73 8.24
N ASP B 76 -28.18 -3.98 8.13
CA ASP B 76 -27.71 -4.95 7.12
C ASP B 76 -28.12 -4.53 5.70
N TYR B 77 -29.39 -4.13 5.52
CA TYR B 77 -29.89 -3.64 4.23
C TYR B 77 -29.18 -2.37 3.73
N VAL B 78 -29.15 -1.32 4.56
CA VAL B 78 -28.51 -0.04 4.14
C VAL B 78 -27.01 -0.10 3.78
N ARG B 79 -26.30 -1.05 4.39
CA ARG B 79 -24.86 -1.24 4.10
C ARG B 79 -24.56 -1.92 2.74
N GLN B 80 -25.61 -2.37 2.03
CA GLN B 80 -25.49 -2.87 0.64
C GLN B 80 -25.24 -1.76 -0.37
N PHE B 81 -25.51 -0.53 0.03
CA PHE B 81 -25.57 0.61 -0.89
C PHE B 81 -24.57 1.69 -0.53
N THR B 82 -24.09 1.62 0.72
CA THR B 82 -23.19 2.64 1.27
C THR B 82 -22.40 2.04 2.43
N ASP B 83 -21.22 2.60 2.69
CA ASP B 83 -20.54 2.42 3.97
C ASP B 83 -21.05 3.49 4.94
N PHE B 84 -20.83 3.26 6.23
CA PHE B 84 -21.06 4.29 7.26
C PHE B 84 -19.79 4.67 8.02
N THR B 85 -19.63 5.97 8.18
CA THR B 85 -18.66 6.65 9.03
C THR B 85 -18.85 6.36 10.55
N ASP B 86 -17.88 6.73 11.39
CA ASP B 86 -18.00 6.49 12.85
C ASP B 86 -18.57 7.68 13.67
N TYR B 87 -19.22 8.59 12.97
CA TYR B 87 -19.83 9.76 13.58
C TYR B 87 -20.79 9.42 14.72
N ARG B 88 -20.65 10.13 15.83
CA ARG B 88 -21.57 9.99 16.95
C ARG B 88 -22.12 11.35 17.31
N HIS B 89 -23.42 11.48 17.08
CA HIS B 89 -24.13 12.73 17.19
C HIS B 89 -24.27 13.22 18.63
N ARG B 90 -23.95 14.50 18.80
CA ARG B 90 -24.08 15.26 20.02
C ARG B 90 -24.60 16.62 19.64
N VAL B 91 -25.50 17.15 20.45
CA VAL B 91 -26.09 18.50 20.26
C VAL B 91 -25.78 19.44 21.47
N PHE B 92 -25.56 20.72 21.19
CA PHE B 92 -25.48 21.77 22.21
C PHE B 92 -26.64 22.77 22.06
N ALA B 93 -26.99 23.42 23.18
CA ALA B 93 -28.10 24.37 23.23
C ALA B 93 -27.57 25.76 23.62
N MET B 94 -27.99 26.78 22.89
CA MET B 94 -27.57 28.14 23.20
C MET B 94 -28.72 28.83 23.93
N HIS B 95 -28.46 29.31 25.14
CA HIS B 95 -29.46 30.04 25.91
C HIS B 95 -28.80 31.21 26.62
N ASN B 96 -29.34 32.40 26.40
CA ASN B 96 -28.87 33.59 27.13
C ASN B 96 -27.36 33.87 27.05
N GLY B 97 -26.77 33.59 25.89
CA GLY B 97 -25.36 33.90 25.65
C GLY B 97 -24.38 32.82 26.03
N GLN B 98 -24.90 31.66 26.43
CA GLN B 98 -24.08 30.58 26.96
C GLN B 98 -24.45 29.26 26.28
N ALA B 99 -23.42 28.45 25.97
CA ALA B 99 -23.58 27.11 25.38
C ALA B 99 -23.69 26.00 26.42
N TYR B 100 -24.73 25.17 26.29
CA TYR B 100 -25.01 24.12 27.27
C TYR B 100 -24.92 22.74 26.65
N GLN B 101 -24.41 21.78 27.43
CA GLN B 101 -24.50 20.36 27.08
C GLN B 101 -25.95 19.97 26.97
N PHE B 102 -26.27 19.12 25.99
CA PHE B 102 -27.65 18.79 25.69
C PHE B 102 -27.63 17.35 25.20
N PRO B 103 -28.74 16.60 25.40
CA PRO B 103 -30.00 16.93 26.06
C PRO B 103 -29.90 17.16 27.60
N MET B 104 -30.99 17.54 28.23
CA MET B 104 -31.02 17.73 29.66
C MET B 104 -30.51 16.53 30.43
N GLY B 105 -29.57 16.79 31.31
CA GLY B 105 -28.86 15.76 32.07
C GLY B 105 -27.91 16.48 33.00
N LEU B 106 -27.04 15.73 33.65
CA LEU B 106 -26.19 16.26 34.72
C LEU B 106 -25.33 17.44 34.35
N GLY B 107 -24.82 17.48 33.11
CA GLY B 107 -23.96 18.58 32.65
C GLY B 107 -24.71 19.87 32.48
N LEU B 108 -25.88 19.80 31.83
CA LEU B 108 -26.74 20.99 31.66
C LEU B 108 -27.20 21.49 33.03
N VAL B 109 -27.77 20.59 33.82
CA VAL B 109 -28.24 20.90 35.17
C VAL B 109 -27.16 21.59 35.99
N SER B 110 -25.93 21.08 35.99
CA SER B 110 -24.85 21.69 36.76
C SER B 110 -24.40 23.03 36.21
N GLN B 111 -24.40 23.18 34.89
CA GLN B 111 -24.07 24.45 34.25
C GLN B 111 -25.10 25.52 34.56
N PHE B 112 -26.37 25.15 34.41
CA PHE B 112 -27.49 26.08 34.53
C PHE B 112 -27.65 26.62 35.96
N PHE B 113 -27.65 25.71 36.93
CA PHE B 113 -27.77 26.09 38.33
C PHE B 113 -26.42 26.45 38.98
N GLY B 114 -25.33 26.32 38.24
CA GLY B 114 -24.02 26.82 38.68
C GLY B 114 -23.35 26.01 39.80
N LYS B 115 -23.78 24.76 39.98
CA LYS B 115 -23.12 23.85 40.89
C LYS B 115 -23.38 22.39 40.55
N TYR B 116 -22.44 21.52 40.91
CA TYR B 116 -22.54 20.09 40.63
C TYR B 116 -23.60 19.39 41.48
N PHE B 117 -24.47 18.65 40.80
CA PHE B 117 -25.49 17.81 41.40
C PHE B 117 -25.20 16.38 41.06
N THR B 118 -25.02 15.61 42.11
CA THR B 118 -24.93 14.18 42.12
C THR B 118 -26.17 13.53 41.48
N PRO B 119 -26.00 12.35 40.87
CA PRO B 119 -27.17 11.71 40.27
C PRO B 119 -28.43 11.75 41.16
N GLU B 120 -28.30 11.44 42.45
CA GLU B 120 -29.42 11.41 43.37
C GLU B 120 -29.89 12.81 43.72
N GLN B 121 -28.95 13.74 43.93
CA GLN B 121 -29.27 15.17 44.15
C GLN B 121 -30.06 15.78 43.00
N ALA B 122 -29.70 15.43 41.76
CA ALA B 122 -30.40 15.92 40.59
C ALA B 122 -31.78 15.28 40.44
N ARG B 123 -31.93 14.02 40.84
CA ARG B 123 -33.25 13.41 40.87
C ARG B 123 -34.21 14.17 41.80
N GLN B 124 -33.70 14.53 42.96
CA GLN B 124 -34.47 15.26 43.99
C GLN B 124 -34.73 16.71 43.61
N LEU B 125 -33.77 17.35 42.97
CA LEU B 125 -33.94 18.69 42.44
C LEU B 125 -35.08 18.72 41.41
N ILE B 126 -35.03 17.85 40.42
CA ILE B 126 -36.05 17.85 39.40
C ILE B 126 -37.43 17.44 39.97
N ALA B 127 -37.46 16.52 40.93
CA ALA B 127 -38.73 16.16 41.61
C ALA B 127 -39.39 17.38 42.29
N GLU B 128 -38.57 18.14 43.02
CA GLU B 128 -39.05 19.33 43.71
C GLU B 128 -39.56 20.41 42.75
N GLN B 129 -38.78 20.74 41.71
CA GLN B 129 -39.17 21.83 40.82
C GLN B 129 -40.43 21.50 40.03
N ALA B 130 -40.54 20.25 39.62
CA ALA B 130 -41.70 19.75 38.89
C ALA B 130 -42.95 19.58 39.76
N ALA B 131 -42.81 19.71 41.09
CA ALA B 131 -43.96 19.55 42.01
C ALA B 131 -44.84 20.81 42.06
N GLU B 132 -44.36 21.87 41.40
CA GLU B 132 -45.07 23.14 41.32
C GLU B 132 -46.41 22.97 40.57
N ILE B 133 -46.48 21.98 39.68
CA ILE B 133 -47.70 21.64 38.94
C ILE B 133 -47.82 20.13 38.87
N ASP B 134 -48.97 19.60 39.28
CA ASP B 134 -49.28 18.18 39.10
C ASP B 134 -49.59 17.90 37.62
N THR B 135 -49.05 16.80 37.08
CA THR B 135 -49.29 16.43 35.68
C THR B 135 -50.80 16.20 35.41
N ALA B 136 -51.47 15.53 36.34
CA ALA B 136 -52.93 15.24 36.23
C ALA B 136 -53.81 16.48 36.01
N ASP B 137 -53.51 17.57 36.71
CA ASP B 137 -54.21 18.85 36.48
C ASP B 137 -53.34 19.83 35.70
N GLU B 142 -45.81 27.24 31.40
CA GLU B 142 -46.67 27.21 30.21
C GLU B 142 -46.97 25.78 29.75
N GLU B 143 -47.19 24.82 30.67
CA GLU B 143 -47.59 23.46 30.26
C GLU B 143 -47.62 22.29 31.32
N LYS B 144 -47.99 21.13 30.79
CA LYS B 144 -47.55 19.82 31.21
C LYS B 144 -46.00 19.72 31.38
N ALA B 145 -45.25 20.60 30.73
CA ALA B 145 -43.79 20.60 30.77
C ALA B 145 -43.28 20.95 32.16
N ILE B 146 -43.78 22.06 32.70
CA ILE B 146 -43.45 22.50 34.06
C ILE B 146 -43.68 21.38 35.05
N SER B 147 -44.79 20.69 34.84
CA SER B 147 -45.19 19.53 35.59
C SER B 147 -44.23 18.34 35.50
N LEU B 148 -43.34 18.36 34.49
CA LEU B 148 -42.40 17.25 34.31
C LEU B 148 -40.97 17.59 34.69
N ILE B 149 -40.51 18.78 34.34
CA ILE B 149 -39.10 19.19 34.56
C ILE B 149 -38.91 20.47 35.39
N GLY B 150 -40.03 21.09 35.79
CA GLY B 150 -39.98 22.35 36.55
C GLY B 150 -39.89 23.59 35.68
N ARG B 151 -40.17 24.73 36.31
CA ARG B 151 -40.36 25.99 35.60
C ARG B 151 -39.05 26.63 35.13
N PRO B 152 -37.98 26.60 35.95
CA PRO B 152 -36.73 27.17 35.44
C PRO B 152 -36.13 26.43 34.22
N LEU B 153 -36.16 25.10 34.18
CA LEU B 153 -35.61 24.36 33.00
C LEU B 153 -36.48 24.56 31.77
N TYR B 154 -37.80 24.54 31.99
CA TYR B 154 -38.80 24.90 30.97
C TYR B 154 -38.58 26.28 30.34
N GLU B 155 -38.49 27.33 31.16
CA GLU B 155 -38.39 28.70 30.65
C GLU B 155 -37.03 29.00 30.03
N ALA B 156 -36.03 28.17 30.30
CA ALA B 156 -34.73 28.36 29.71
C ALA B 156 -34.59 27.58 28.41
N PHE B 157 -35.08 26.34 28.40
CA PHE B 157 -34.73 25.37 27.33
C PHE B 157 -35.87 24.78 26.48
N VAL B 158 -37.11 24.94 26.93
CA VAL B 158 -38.25 24.32 26.23
C VAL B 158 -39.21 25.37 25.66
N LYS B 159 -39.51 26.40 26.46
CA LYS B 159 -40.51 27.42 26.14
C LYS B 159 -40.19 28.18 24.82
N GLY B 160 -39.08 28.90 24.80
CA GLY B 160 -38.62 29.65 23.62
C GLY B 160 -38.41 28.80 22.38
N TYR B 161 -37.88 27.57 22.57
CA TYR B 161 -37.61 26.66 21.46
C TYR B 161 -38.88 26.15 20.77
N THR B 162 -39.78 25.54 21.54
CA THR B 162 -41.02 24.99 21.00
C THR B 162 -42.00 26.07 20.50
N ALA B 163 -41.80 27.31 20.93
CA ALA B 163 -42.57 28.45 20.44
C ALA B 163 -42.11 28.83 19.05
N LYS B 164 -40.80 28.77 18.79
CA LYS B 164 -40.28 28.96 17.43
C LYS B 164 -40.67 27.79 16.53
N GLN B 165 -40.68 26.58 17.06
CA GLN B 165 -41.09 25.41 16.27
C GLN B 165 -42.52 25.49 15.75
N TRP B 166 -43.48 25.59 16.68
CA TRP B 166 -44.93 25.54 16.35
C TRP B 166 -45.52 26.88 15.96
N GLN B 167 -44.77 27.95 16.21
CA GLN B 167 -45.20 29.34 15.96
C GLN B 167 -46.52 29.64 16.71
N THR B 168 -46.54 29.32 18.00
CA THR B 168 -47.72 29.38 18.86
C THR B 168 -47.20 29.45 20.29
N ASP B 169 -47.72 30.37 21.09
CA ASP B 169 -47.51 30.36 22.55
C ASP B 169 -47.73 28.94 23.03
N PRO B 170 -46.80 28.40 23.85
CA PRO B 170 -47.03 27.05 24.39
C PRO B 170 -48.23 26.99 25.33
N LYS B 171 -48.62 28.14 25.90
CA LYS B 171 -49.86 28.23 26.69
C LYS B 171 -51.10 27.87 25.85
N GLU B 172 -51.03 28.10 24.53
CA GLU B 172 -52.13 27.74 23.62
C GLU B 172 -52.05 26.34 22.97
N LEU B 173 -51.01 25.55 23.27
CA LEU B 173 -50.83 24.23 22.62
C LEU B 173 -51.31 23.09 23.52
N PRO B 174 -51.86 22.01 22.92
CA PRO B 174 -52.37 20.87 23.72
C PRO B 174 -51.37 20.22 24.71
N ALA B 175 -51.83 20.05 25.95
CA ALA B 175 -51.08 19.35 26.99
C ALA B 175 -50.60 18.00 26.50
N ALA B 176 -51.45 17.32 25.74
CA ALA B 176 -51.24 15.95 25.32
C ALA B 176 -50.10 15.78 24.30
N ASN B 177 -49.64 16.88 23.72
CA ASN B 177 -48.49 16.87 22.81
C ASN B 177 -47.16 16.37 23.40
N ILE B 178 -46.94 16.59 24.70
CA ILE B 178 -45.79 16.05 25.44
C ILE B 178 -46.25 14.88 26.34
N THR B 179 -45.61 13.72 26.19
CA THR B 179 -45.89 12.53 27.00
C THR B 179 -44.90 12.43 28.18
N ARG B 180 -43.64 12.17 27.84
CA ARG B 180 -42.49 12.11 28.76
C ARG B 180 -41.55 13.27 28.42
N LEU B 181 -40.86 13.78 29.42
CA LEU B 181 -39.82 14.79 29.24
C LEU B 181 -38.64 14.49 30.21
N PRO B 182 -37.84 13.45 29.90
CA PRO B 182 -36.87 12.90 30.87
C PRO B 182 -35.59 13.73 31.00
N VAL B 183 -35.05 13.77 32.21
CA VAL B 183 -33.73 14.36 32.48
C VAL B 183 -32.83 13.14 32.67
N ARG B 184 -31.70 13.12 31.99
CA ARG B 184 -30.75 12.02 32.21
C ARG B 184 -30.04 12.27 33.53
N TYR B 185 -29.94 11.26 34.38
CA TYR B 185 -29.21 11.42 35.65
C TYR B 185 -27.80 10.85 35.58
N THR B 186 -27.17 10.98 34.41
CA THR B 186 -25.74 10.70 34.17
C THR B 186 -25.16 11.87 33.36
N PHE B 187 -23.84 11.89 33.17
CA PHE B 187 -23.19 12.83 32.22
C PHE B 187 -23.18 12.38 30.74
N ASP B 188 -23.80 11.22 30.44
CA ASP B 188 -24.00 10.76 29.06
C ASP B 188 -24.80 11.75 28.22
N ASN B 189 -24.14 12.30 27.21
CA ASN B 189 -24.76 13.27 26.32
C ASN B 189 -24.72 12.81 24.86
N ARG B 190 -24.59 11.51 24.63
CA ARG B 190 -24.76 11.00 23.28
C ARG B 190 -26.26 11.15 22.92
N TYR B 191 -26.53 11.85 21.82
CA TYR B 191 -27.90 12.22 21.45
C TYR B 191 -28.85 11.04 21.19
N PHE B 192 -28.42 10.10 20.33
CA PHE B 192 -29.27 8.95 20.02
C PHE B 192 -28.92 7.74 20.85
N SER B 193 -29.92 6.88 21.06
CA SER B 193 -29.83 5.67 21.89
C SER B 193 -29.73 4.39 21.10
N ASP B 194 -29.64 4.46 19.79
CA ASP B 194 -29.71 3.26 19.01
C ASP B 194 -28.36 2.51 18.96
N THR B 195 -28.45 1.21 18.69
CA THR B 195 -27.30 0.31 18.56
C THR B 195 -26.34 0.78 17.46
N TYR B 196 -26.87 1.17 16.30
CA TYR B 196 -26.03 1.55 15.13
C TYR B 196 -26.23 2.99 14.76
N GLU B 197 -25.16 3.64 14.34
CA GLU B 197 -25.15 5.06 14.05
C GLU B 197 -24.05 5.37 13.06
N GLY B 198 -24.27 6.37 12.22
CA GLY B 198 -23.19 6.93 11.40
C GLY B 198 -23.74 7.75 10.27
N LEU B 199 -22.83 8.36 9.54
CA LEU B 199 -23.13 9.12 8.32
C LEU B 199 -22.59 8.34 7.12
N PRO B 200 -23.34 8.33 6.01
CA PRO B 200 -22.87 7.65 4.82
C PRO B 200 -21.55 8.25 4.31
N THR B 201 -20.54 7.39 4.12
CA THR B 201 -19.17 7.82 3.83
C THR B 201 -19.09 8.71 2.58
N ASP B 202 -19.72 8.25 1.51
CA ASP B 202 -19.77 9.05 0.31
C ASP B 202 -20.95 10.02 0.22
N GLY B 203 -21.76 10.09 1.28
CA GLY B 203 -22.89 11.01 1.37
C GLY B 203 -24.23 10.36 1.05
N TYR B 204 -25.30 11.12 1.28
CA TYR B 204 -26.66 10.63 1.08
C TYR B 204 -27.02 10.50 -0.41
N THR B 205 -26.64 11.48 -1.23
CA THR B 205 -26.94 11.42 -2.68
C THR B 205 -26.28 10.17 -3.32
N ALA B 206 -25.01 9.91 -3.00
CA ALA B 206 -24.35 8.67 -3.48
C ALA B 206 -25.10 7.38 -3.07
N TRP B 207 -25.62 7.35 -1.83
CA TRP B 207 -26.37 6.21 -1.28
C TRP B 207 -27.72 6.02 -1.99
N LEU B 208 -28.47 7.10 -2.11
CA LEU B 208 -29.76 7.08 -2.82
C LEU B 208 -29.61 6.65 -4.31
N GLN B 209 -28.65 7.24 -5.04
CA GLN B 209 -28.36 6.87 -6.44
C GLN B 209 -28.09 5.38 -6.59
N ASN B 210 -27.40 4.81 -5.61
CA ASN B 210 -27.03 3.42 -5.61
C ASN B 210 -28.23 2.52 -5.40
N MET B 211 -29.22 2.97 -4.64
CA MET B 211 -30.47 2.23 -4.49
C MET B 211 -31.28 2.17 -5.81
N ALA B 212 -31.12 3.19 -6.64
CA ALA B 212 -31.88 3.31 -7.90
C ALA B 212 -31.08 2.79 -9.10
N ALA B 213 -29.90 2.23 -8.82
CA ALA B 213 -28.91 1.85 -9.84
C ALA B 213 -29.34 0.71 -10.76
N ASP B 214 -30.06 -0.28 -10.23
CA ASP B 214 -30.49 -1.42 -11.03
C ASP B 214 -31.13 -0.94 -12.33
N HIS B 215 -30.77 -1.61 -13.43
CA HIS B 215 -31.25 -1.21 -14.77
C HIS B 215 -32.76 -1.39 -14.92
N ARG B 216 -33.37 -2.17 -14.04
CA ARG B 216 -34.82 -2.35 -14.04
C ARG B 216 -35.58 -1.22 -13.36
N ILE B 217 -34.88 -0.21 -12.84
CA ILE B 217 -35.51 0.92 -12.16
C ILE B 217 -35.32 2.16 -13.01
N GLU B 218 -36.42 2.76 -13.47
CA GLU B 218 -36.33 4.05 -14.15
C GLU B 218 -36.88 5.14 -13.24
N VAL B 219 -36.15 6.24 -13.18
CA VAL B 219 -36.58 7.40 -12.44
C VAL B 219 -36.85 8.50 -13.44
N ARG B 220 -38.01 9.15 -13.31
CA ARG B 220 -38.28 10.37 -14.05
C ARG B 220 -38.37 11.54 -13.09
N LEU B 221 -37.43 12.50 -13.20
CA LEU B 221 -37.39 13.65 -12.30
C LEU B 221 -38.21 14.75 -12.94
N ASN B 222 -38.61 15.74 -12.14
CA ASN B 222 -39.39 16.90 -12.62
C ASN B 222 -40.75 16.49 -13.12
N THR B 223 -41.28 15.39 -12.57
CA THR B 223 -42.49 14.75 -13.06
C THR B 223 -43.48 14.49 -11.91
N ASP B 224 -44.59 15.23 -11.92
CA ASP B 224 -45.68 15.04 -10.98
C ASP B 224 -46.64 13.89 -11.39
N TRP B 225 -46.86 12.96 -10.49
CA TRP B 225 -47.70 11.83 -10.74
C TRP B 225 -49.08 12.22 -11.32
N PHE B 226 -49.64 13.30 -10.83
CA PHE B 226 -50.98 13.67 -11.21
C PHE B 226 -51.02 14.23 -12.61
N ASP B 227 -49.88 14.72 -13.09
CA ASP B 227 -49.72 15.13 -14.50
C ASP B 227 -49.60 13.97 -15.49
N VAL B 228 -49.11 12.82 -15.04
CA VAL B 228 -48.70 11.76 -15.98
C VAL B 228 -49.43 10.42 -15.75
N ARG B 229 -50.18 10.31 -14.65
CA ARG B 229 -50.88 9.06 -14.29
C ARG B 229 -51.78 8.55 -15.42
N GLY B 230 -52.54 9.45 -16.05
CA GLY B 230 -53.46 9.07 -17.11
C GLY B 230 -52.77 8.52 -18.35
N GLN B 231 -51.59 9.05 -18.69
CA GLN B 231 -50.85 8.52 -19.87
C GLN B 231 -50.02 7.26 -19.59
N LEU B 232 -49.83 6.95 -18.30
CA LEU B 232 -48.95 5.84 -17.87
C LEU B 232 -49.67 4.54 -17.54
N ARG B 233 -50.78 4.61 -16.84
CA ARG B 233 -51.47 3.39 -16.37
C ARG B 233 -52.09 2.50 -17.47
N PRO B 234 -52.66 3.09 -18.55
CA PRO B 234 -53.19 2.20 -19.60
C PRO B 234 -52.18 1.27 -20.27
N GLY B 235 -50.92 1.67 -20.33
CA GLY B 235 -49.89 0.86 -20.95
C GLY B 235 -49.38 -0.25 -20.06
N SER B 236 -49.73 -0.18 -18.77
CA SER B 236 -49.34 -1.19 -17.77
C SER B 236 -50.49 -1.35 -16.78
N PRO B 237 -51.66 -1.84 -17.26
CA PRO B 237 -52.89 -1.76 -16.42
C PRO B 237 -52.88 -2.63 -15.14
N ALA B 238 -52.11 -3.72 -15.14
CA ALA B 238 -52.01 -4.57 -13.93
C ALA B 238 -50.99 -4.06 -12.88
N ALA B 239 -50.25 -2.99 -13.18
CA ALA B 239 -49.24 -2.47 -12.26
C ALA B 239 -49.83 -1.71 -11.06
N PRO B 240 -49.52 -2.14 -9.82
CA PRO B 240 -50.00 -1.39 -8.65
C PRO B 240 -49.19 -0.09 -8.55
N VAL B 241 -49.72 0.88 -7.82
CA VAL B 241 -49.06 2.14 -7.57
C VAL B 241 -48.73 2.23 -6.08
N VAL B 242 -47.46 2.49 -5.75
CA VAL B 242 -47.06 2.85 -4.39
C VAL B 242 -46.93 4.37 -4.29
N TYR B 243 -47.93 5.00 -3.68
CA TYR B 243 -47.98 6.45 -3.59
C TYR B 243 -47.40 6.93 -2.25
N THR B 244 -46.36 7.74 -2.30
CA THR B 244 -45.75 8.32 -1.09
C THR B 244 -45.79 9.86 -1.03
N GLY B 245 -46.64 10.47 -1.88
CA GLY B 245 -46.90 11.91 -1.82
C GLY B 245 -47.96 12.22 -0.76
N PRO B 246 -48.36 13.51 -0.61
CA PRO B 246 -49.38 13.91 0.40
C PRO B 246 -50.76 13.24 0.24
N LEU B 247 -51.29 12.73 1.37
CA LEU B 247 -52.54 11.99 1.42
C LEU B 247 -53.73 12.80 0.98
N ASP B 248 -53.85 14.01 1.51
CA ASP B 248 -54.97 14.92 1.21
C ASP B 248 -54.90 15.48 -0.24
N ARG B 249 -53.68 15.76 -0.72
CA ARG B 249 -53.46 16.16 -2.12
C ARG B 249 -53.94 15.08 -3.10
N TYR B 250 -53.78 13.82 -2.73
CA TYR B 250 -54.24 12.73 -3.59
C TYR B 250 -55.76 12.83 -3.89
N PHE B 251 -56.54 13.04 -2.83
CA PHE B 251 -58.00 13.08 -2.95
C PHE B 251 -58.50 14.51 -3.11
N ASP B 252 -57.61 15.32 -3.70
CA ASP B 252 -57.91 16.69 -4.11
C ASP B 252 -58.30 17.64 -2.98
N TYR B 253 -57.96 17.26 -1.76
CA TYR B 253 -58.31 18.01 -0.54
C TYR B 253 -59.82 18.05 -0.37
N ALA B 254 -60.52 17.12 -1.01
CA ALA B 254 -61.98 17.16 -1.06
C ALA B 254 -62.66 17.04 0.31
N GLU B 255 -61.90 16.67 1.34
CA GLU B 255 -62.41 16.66 2.71
C GLU B 255 -61.75 17.72 3.60
N GLY B 256 -60.87 18.54 3.02
CA GLY B 256 -60.08 19.52 3.77
C GLY B 256 -58.57 19.24 3.73
N ARG B 257 -57.78 20.20 4.20
CA ARG B 257 -56.32 20.10 4.22
C ARG B 257 -55.73 19.75 5.58
N LEU B 258 -54.92 18.70 5.61
CA LEU B 258 -54.06 18.36 6.76
C LEU B 258 -53.07 19.49 7.07
N GLY B 259 -52.94 19.87 8.35
CA GLY B 259 -51.99 20.92 8.75
C GLY B 259 -50.54 20.42 8.89
N TRP B 260 -49.58 21.19 8.39
CA TRP B 260 -48.16 20.84 8.49
C TRP B 260 -47.40 22.07 8.91
N ARG B 261 -46.22 21.89 9.48
CA ARG B 261 -45.28 23.00 9.67
C ARG B 261 -44.22 22.88 8.57
N THR B 262 -43.70 24.01 8.09
CA THR B 262 -42.56 24.03 7.15
C THR B 262 -41.29 24.52 7.82
N LEU B 263 -40.20 24.41 7.07
CA LEU B 263 -38.92 24.96 7.47
C LEU B 263 -38.36 25.79 6.33
N ASP B 264 -37.64 26.86 6.66
CA ASP B 264 -36.82 27.54 5.67
C ASP B 264 -35.37 27.29 6.06
N PHE B 265 -34.48 27.24 5.06
CA PHE B 265 -33.05 27.01 5.26
C PHE B 265 -32.20 28.10 4.58
N GLU B 266 -31.44 28.84 5.40
CA GLU B 266 -30.53 29.85 4.89
C GLU B 266 -29.10 29.31 4.94
N VAL B 267 -28.52 29.05 3.77
CA VAL B 267 -27.14 28.59 3.62
C VAL B 267 -26.22 29.80 3.48
N GLU B 268 -25.19 29.87 4.32
CA GLU B 268 -24.17 30.93 4.23
C GLU B 268 -22.75 30.36 4.25
N VAL B 269 -21.91 30.82 3.33
CA VAL B 269 -20.48 30.48 3.31
C VAL B 269 -19.72 31.59 4.01
N LEU B 270 -18.80 31.22 4.89
CA LEU B 270 -18.11 32.17 5.78
C LEU B 270 -16.58 32.07 5.62
N PRO B 271 -15.89 33.21 5.65
CA PRO B 271 -14.44 33.28 5.45
C PRO B 271 -13.62 32.96 6.71
N ILE B 272 -13.96 31.85 7.39
CA ILE B 272 -13.30 31.38 8.61
C ILE B 272 -13.35 29.84 8.55
N GLY B 273 -12.47 29.18 9.29
CA GLY B 273 -12.42 27.73 9.28
C GLY B 273 -13.46 27.03 10.14
N ASP B 274 -14.00 27.71 11.15
CA ASP B 274 -14.89 27.10 12.14
C ASP B 274 -15.78 28.16 12.79
N PHE B 275 -17.09 28.04 12.57
CA PHE B 275 -18.10 28.99 13.06
C PHE B 275 -18.54 28.72 14.51
N GLN B 276 -18.72 27.46 14.87
CA GLN B 276 -19.30 27.11 16.18
C GLN B 276 -18.71 25.87 16.86
N GLY B 277 -17.78 25.16 16.20
CA GLY B 277 -17.08 24.01 16.81
C GLY B 277 -17.86 22.71 17.06
N THR B 278 -19.13 22.66 16.63
CA THR B 278 -19.95 21.44 16.60
C THR B 278 -20.78 21.41 15.34
N ALA B 279 -21.27 20.21 15.00
CA ALA B 279 -22.23 20.01 13.92
C ALA B 279 -23.52 20.79 14.08
N VAL B 280 -24.12 20.74 15.26
CA VAL B 280 -25.47 21.28 15.48
C VAL B 280 -25.62 22.03 16.81
N MET B 281 -26.06 23.28 16.71
CA MET B 281 -26.37 24.17 17.83
C MET B 281 -27.85 24.55 17.81
N ASN B 282 -28.59 24.16 18.85
CA ASN B 282 -29.96 24.64 19.06
C ASN B 282 -29.93 26.04 19.64
N TYR B 283 -30.88 26.87 19.19
CA TYR B 283 -31.03 28.21 19.70
C TYR B 283 -32.34 28.34 20.46
N ASN B 284 -32.26 28.42 21.78
CA ASN B 284 -33.45 28.31 22.64
C ASN B 284 -34.27 29.59 22.79
N ASP B 285 -33.65 30.74 22.58
CA ASP B 285 -34.31 32.01 22.84
C ASP B 285 -35.26 32.46 21.73
N LEU B 286 -36.44 32.92 22.14
CA LEU B 286 -37.50 33.41 21.24
C LEU B 286 -37.03 34.54 20.32
N ASP B 287 -36.13 35.36 20.83
CA ASP B 287 -35.60 36.53 20.11
C ASP B 287 -34.39 36.20 19.22
N VAL B 288 -34.19 34.91 18.95
CA VAL B 288 -33.31 34.50 17.86
C VAL B 288 -34.30 33.87 16.88
N PRO B 289 -34.38 34.39 15.65
CA PRO B 289 -35.46 33.92 14.78
C PRO B 289 -35.37 32.44 14.36
N TYR B 290 -34.13 31.98 14.17
CA TYR B 290 -33.85 30.58 13.78
C TYR B 290 -33.82 29.66 15.00
N THR B 291 -34.18 28.40 14.79
CA THR B 291 -34.24 27.37 15.81
C THR B 291 -32.89 26.63 15.93
N ARG B 292 -32.16 26.49 14.82
CA ARG B 292 -30.88 25.73 14.78
C ARG B 292 -29.88 26.29 13.76
N ILE B 293 -28.60 26.04 14.02
CA ILE B 293 -27.53 26.27 13.04
C ILE B 293 -26.70 25.00 12.87
N HIS B 294 -26.63 24.48 11.65
CA HIS B 294 -25.79 23.36 11.28
C HIS B 294 -24.49 23.82 10.66
N GLU B 295 -23.39 23.17 11.03
CA GLU B 295 -22.12 23.47 10.39
C GLU B 295 -21.58 22.18 9.83
N PHE B 296 -21.73 22.03 8.51
CA PHE B 296 -21.58 20.71 7.87
C PHE B 296 -20.16 20.12 7.79
N ARG B 297 -19.12 20.93 8.08
CA ARG B 297 -17.75 20.35 8.14
C ARG B 297 -17.62 19.32 9.27
N HIS B 298 -18.35 19.53 10.36
CA HIS B 298 -18.30 18.65 11.53
C HIS B 298 -19.07 17.35 11.36
N PHE B 299 -19.80 17.22 10.26
CA PHE B 299 -20.43 15.95 9.91
C PHE B 299 -19.41 14.94 9.32
N HIS B 300 -18.36 15.47 8.68
CA HIS B 300 -17.37 14.61 8.04
C HIS B 300 -15.94 15.06 8.33
N PRO B 301 -15.51 14.99 9.61
CA PRO B 301 -14.14 15.49 9.97
C PRO B 301 -13.03 14.75 9.24
N GLU B 302 -13.30 13.49 8.89
CA GLU B 302 -12.43 12.64 8.09
C GLU B 302 -12.22 13.06 6.62
N ARG B 303 -12.91 14.11 6.16
CA ARG B 303 -12.72 14.63 4.81
C ARG B 303 -11.69 15.77 4.78
N ASP B 304 -11.06 15.99 3.61
CA ASP B 304 -10.16 17.12 3.45
C ASP B 304 -10.90 18.37 3.06
N TYR B 305 -11.42 19.07 4.05
CA TYR B 305 -12.16 20.28 3.81
C TYR B 305 -11.23 21.49 4.01
N PRO B 306 -11.47 22.60 3.29
CA PRO B 306 -10.62 23.77 3.46
C PRO B 306 -10.67 24.17 4.92
N THR B 307 -9.59 24.78 5.45
CA THR B 307 -9.61 25.20 6.85
C THR B 307 -9.72 26.72 6.99
N ASP B 308 -10.03 27.38 5.87
CA ASP B 308 -10.20 28.83 5.83
C ASP B 308 -11.63 29.26 5.49
N LYS B 309 -12.47 28.27 5.16
CA LYS B 309 -13.82 28.50 4.69
C LYS B 309 -14.71 27.53 5.42
N THR B 310 -15.96 27.90 5.64
CA THR B 310 -16.94 26.97 6.20
C THR B 310 -18.35 27.30 5.76
N VAL B 311 -19.19 26.27 5.66
CA VAL B 311 -20.62 26.41 5.35
C VAL B 311 -21.48 26.20 6.59
N ILE B 312 -22.36 27.18 6.89
CA ILE B 312 -23.37 26.99 7.92
C ILE B 312 -24.77 27.08 7.36
N MET B 313 -25.75 26.55 8.08
CA MET B 313 -27.15 26.60 7.69
C MET B 313 -28.04 26.99 8.85
N ARG B 314 -28.77 28.10 8.71
CA ARG B 314 -29.79 28.45 9.70
C ARG B 314 -31.17 27.86 9.36
N GLU B 315 -31.74 27.15 10.33
CA GLU B 315 -33.07 26.50 10.22
C GLU B 315 -34.11 27.41 10.88
N TYR B 316 -35.23 27.67 10.17
CA TYR B 316 -36.34 28.48 10.66
C TYR B 316 -37.60 27.65 10.55
N SER B 317 -38.48 27.73 11.55
CA SER B 317 -39.81 27.13 11.46
C SER B 317 -40.86 28.18 11.14
N ARG B 318 -41.93 27.73 10.48
CA ARG B 318 -43.10 28.58 10.29
C ARG B 318 -44.38 27.80 10.08
N PHE B 319 -45.46 28.57 10.11
CA PHE B 319 -46.80 28.21 9.67
C PHE B 319 -46.65 27.83 8.20
N ALA B 320 -47.01 26.58 7.88
CA ALA B 320 -47.14 26.20 6.48
C ALA B 320 -48.41 26.79 5.88
N GLU B 321 -48.27 27.23 4.65
CA GLU B 321 -49.40 27.74 3.88
C GLU B 321 -49.46 26.84 2.67
N ASP B 322 -50.65 26.68 2.09
CA ASP B 322 -50.79 25.95 0.83
C ASP B 322 -49.80 26.59 -0.14
N ASP B 323 -48.97 25.76 -0.79
CA ASP B 323 -47.81 26.21 -1.60
C ASP B 323 -46.47 26.13 -0.84
N ASP B 324 -46.52 25.81 0.46
CA ASP B 324 -45.32 25.53 1.25
C ASP B 324 -45.04 24.03 1.29
N GLU B 325 -43.77 23.67 1.48
CA GLU B 325 -43.34 22.27 1.60
C GLU B 325 -43.65 21.67 2.98
N PRO B 326 -44.44 20.58 3.03
CA PRO B 326 -44.74 19.93 4.32
C PRO B 326 -43.56 19.13 4.97
N TYR B 327 -43.19 19.47 6.22
CA TYR B 327 -42.18 18.69 6.99
C TYR B 327 -42.71 17.90 8.22
N TYR B 328 -43.34 18.60 9.16
CA TYR B 328 -43.85 17.96 10.39
C TYR B 328 -45.35 18.11 10.56
N PRO B 329 -46.05 17.00 10.80
CA PRO B 329 -47.52 17.05 11.02
C PRO B 329 -47.87 17.83 12.27
N ILE B 330 -48.78 18.80 12.15
CA ILE B 330 -49.32 19.52 13.32
C ILE B 330 -50.07 18.56 14.25
N ASN B 331 -50.81 17.64 13.66
CA ASN B 331 -51.52 16.61 14.43
C ASN B 331 -52.58 17.09 15.48
N THR B 332 -53.30 18.19 15.21
CA THR B 332 -54.44 18.54 16.08
C THR B 332 -55.53 17.47 15.98
N GLU B 333 -56.53 17.55 16.85
CA GLU B 333 -57.65 16.60 16.87
C GLU B 333 -58.50 16.60 15.58
N ALA B 334 -58.68 17.79 15.01
CA ALA B 334 -59.29 17.97 13.68
C ALA B 334 -58.46 17.30 12.57
N ASP B 335 -57.12 17.45 12.64
CA ASP B 335 -56.21 16.75 11.71
C ASP B 335 -56.41 15.23 11.80
N ARG B 336 -56.56 14.68 13.00
CA ARG B 336 -56.70 13.22 13.17
C ARG B 336 -58.03 12.65 12.64
N ALA B 337 -59.05 13.50 12.58
CA ALA B 337 -60.36 13.13 12.04
C ALA B 337 -60.24 13.15 10.53
N LEU B 338 -59.67 14.24 10.02
CA LEU B 338 -59.38 14.40 8.59
C LEU B 338 -58.60 13.20 8.07
N LEU B 339 -57.62 12.77 8.86
CA LEU B 339 -56.76 11.63 8.55
C LEU B 339 -57.52 10.31 8.60
N ALA B 340 -58.46 10.17 9.53
CA ALA B 340 -59.28 8.94 9.62
C ALA B 340 -60.23 8.79 8.41
N THR B 341 -60.69 9.93 7.88
CA THR B 341 -61.51 9.97 6.66
C THR B 341 -60.66 9.58 5.44
N TYR B 342 -59.51 10.22 5.24
CA TYR B 342 -58.69 9.95 4.06
C TYR B 342 -58.19 8.52 4.04
N ARG B 343 -57.95 7.94 5.22
CA ARG B 343 -57.47 6.57 5.32
C ARG B 343 -58.55 5.57 4.91
N ALA B 344 -59.81 5.96 5.07
CA ALA B 344 -60.97 5.18 4.59
C ALA B 344 -61.07 5.26 3.07
N ARG B 345 -60.98 6.48 2.52
CA ARG B 345 -60.80 6.70 1.09
C ARG B 345 -59.63 5.89 0.50
N ALA B 346 -58.45 5.97 1.13
CA ALA B 346 -57.26 5.27 0.68
C ALA B 346 -57.49 3.76 0.57
N LYS B 347 -58.24 3.24 1.53
CA LYS B 347 -58.53 1.81 1.58
C LYS B 347 -59.39 1.39 0.36
N SER B 348 -60.35 2.24 -0.02
CA SER B 348 -61.20 1.99 -1.19
C SER B 348 -60.40 2.07 -2.50
N GLU B 349 -59.46 3.02 -2.55
CA GLU B 349 -58.59 3.20 -3.70
C GLU B 349 -57.67 1.99 -3.87
N THR B 350 -57.27 1.38 -2.76
CA THR B 350 -56.48 0.16 -2.81
C THR B 350 -57.30 -0.95 -3.46
N ALA B 351 -58.55 -1.07 -3.02
CA ALA B 351 -59.48 -2.08 -3.52
C ALA B 351 -59.85 -1.87 -5.01
N SER B 352 -60.12 -0.63 -5.42
CA SER B 352 -60.55 -0.38 -6.79
C SER B 352 -59.45 -0.10 -7.83
N SER B 353 -58.33 0.50 -7.43
CA SER B 353 -57.24 0.84 -8.39
C SER B 353 -55.81 0.44 -8.04
N LYS B 354 -55.64 -0.36 -6.99
CA LYS B 354 -54.32 -0.94 -6.67
C LYS B 354 -53.28 0.09 -6.25
N VAL B 355 -53.74 1.18 -5.65
CA VAL B 355 -52.86 2.18 -5.07
C VAL B 355 -52.65 1.89 -3.58
N LEU B 356 -51.41 1.65 -3.20
CA LEU B 356 -51.00 1.54 -1.79
C LEU B 356 -50.45 2.87 -1.32
N PHE B 357 -50.65 3.20 -0.05
CA PHE B 357 -50.22 4.52 0.49
C PHE B 357 -49.10 4.38 1.52
N GLY B 358 -47.97 5.05 1.29
CA GLY B 358 -46.85 4.94 2.22
C GLY B 358 -45.96 6.14 2.41
N GLY B 359 -45.01 6.05 3.34
CA GLY B 359 -44.07 7.13 3.64
C GLY B 359 -44.65 8.14 4.60
N ARG B 360 -43.91 9.19 4.88
CA ARG B 360 -44.35 10.15 5.85
C ARG B 360 -45.46 11.03 5.29
N LEU B 361 -45.36 11.36 4.01
CA LEU B 361 -46.42 12.14 3.35
C LEU B 361 -47.73 11.32 3.15
N GLY B 362 -47.62 10.11 2.62
CA GLY B 362 -48.78 9.31 2.21
C GLY B 362 -49.55 8.72 3.37
N THR B 363 -49.11 9.05 4.58
CA THR B 363 -49.48 8.34 5.79
C THR B 363 -49.70 9.33 6.97
N TYR B 364 -49.34 10.60 6.76
CA TYR B 364 -49.39 11.69 7.76
C TYR B 364 -48.72 11.36 9.12
N GLN B 365 -47.47 10.85 9.07
CA GLN B 365 -46.63 10.55 10.25
C GLN B 365 -45.23 11.15 10.01
N TYR B 366 -44.56 11.69 11.03
CA TYR B 366 -43.14 11.98 10.85
C TYR B 366 -42.44 10.63 10.91
N LEU B 367 -41.48 10.42 10.00
CA LEU B 367 -40.74 9.18 9.93
C LEU B 367 -39.26 9.42 9.75
N ASP B 368 -38.46 8.87 10.66
CA ASP B 368 -37.01 8.83 10.52
C ASP B 368 -36.60 7.94 9.34
N MET B 369 -35.40 8.15 8.78
CA MET B 369 -34.93 7.31 7.66
C MET B 369 -35.09 5.82 7.91
N HIS B 370 -34.57 5.35 9.04
CA HIS B 370 -34.58 3.93 9.36
C HIS B 370 -35.98 3.36 9.54
N MET B 371 -36.90 4.16 10.09
CA MET B 371 -38.29 3.73 10.26
C MET B 371 -39.07 3.77 8.93
N ALA B 372 -38.77 4.72 8.06
CA ALA B 372 -39.28 4.73 6.67
C ALA B 372 -38.83 3.49 5.91
N ILE B 373 -37.55 3.13 6.07
CA ILE B 373 -37.01 1.90 5.44
C ILE B 373 -37.61 0.62 6.00
N ALA B 374 -37.72 0.54 7.34
CA ALA B 374 -38.37 -0.61 7.98
C ALA B 374 -39.81 -0.72 7.50
N SER B 375 -40.53 0.40 7.50
CA SER B 375 -41.89 0.48 6.94
C SER B 375 -41.97 -0.10 5.52
N ALA B 376 -41.10 0.36 4.61
CA ALA B 376 -41.07 -0.16 3.22
C ALA B 376 -40.81 -1.66 3.10
N LEU B 377 -39.81 -2.15 3.84
CA LEU B 377 -39.51 -3.57 3.91
C LEU B 377 -40.70 -4.40 4.41
N ASN B 378 -41.51 -3.81 5.28
CA ASN B 378 -42.72 -4.46 5.77
C ASN B 378 -43.84 -4.50 4.71
N MET B 379 -44.10 -3.36 4.04
CA MET B 379 -45.08 -3.31 2.95
C MET B 379 -44.69 -4.33 1.89
N TYR B 380 -43.40 -4.41 1.60
CA TYR B 380 -42.88 -5.38 0.65
C TYR B 380 -43.07 -6.87 1.03
N ASP B 381 -42.67 -7.26 2.25
CA ASP B 381 -42.81 -8.66 2.72
C ASP B 381 -44.26 -9.10 2.78
N ASN B 382 -45.10 -8.25 3.37
CA ASN B 382 -46.46 -8.61 3.72
C ASN B 382 -47.54 -8.31 2.66
N VAL B 383 -47.33 -7.24 1.86
CA VAL B 383 -48.36 -6.75 0.90
C VAL B 383 -47.93 -6.86 -0.58
N LEU B 384 -46.85 -6.18 -0.95
CA LEU B 384 -46.44 -6.09 -2.35
C LEU B 384 -45.90 -7.37 -2.96
N ALA B 385 -44.95 -8.02 -2.28
CA ALA B 385 -44.28 -9.17 -2.88
C ALA B 385 -45.23 -10.37 -3.05
N PRO B 386 -46.09 -10.65 -2.04
CA PRO B 386 -47.13 -11.68 -2.28
C PRO B 386 -48.06 -11.37 -3.46
N HIS B 387 -48.55 -10.13 -3.56
CA HIS B 387 -49.38 -9.73 -4.71
C HIS B 387 -48.66 -9.91 -6.04
N LEU B 388 -47.46 -9.34 -6.16
CA LEU B 388 -46.68 -9.42 -7.39
C LEU B 388 -46.18 -10.83 -7.69
N ARG B 389 -45.80 -11.55 -6.63
CA ARG B 389 -45.22 -12.89 -6.79
C ARG B 389 -46.26 -13.98 -6.93
N ASP B 390 -47.27 -13.93 -6.04
CA ASP B 390 -48.19 -15.06 -5.82
C ASP B 390 -49.66 -14.73 -6.10
N GLY B 391 -49.96 -13.52 -6.56
CA GLY B 391 -51.34 -13.19 -6.95
C GLY B 391 -52.28 -12.89 -5.81
N VAL B 392 -51.80 -12.96 -4.57
CA VAL B 392 -52.62 -12.56 -3.40
C VAL B 392 -53.13 -11.13 -3.60
N PRO B 393 -54.44 -10.87 -3.33
CA PRO B 393 -54.92 -9.47 -3.30
C PRO B 393 -54.00 -8.53 -2.49
N LEU B 394 -54.30 -7.23 -2.49
CA LEU B 394 -53.46 -6.24 -1.79
C LEU B 394 -53.99 -5.85 -0.41
N LEU B 395 -55.31 -5.68 -0.28
CA LEU B 395 -55.95 -5.55 1.06
C LEU B 395 -55.71 -6.83 1.84
N MET C 4 6.50 -63.67 -9.40
CA MET C 4 7.37 -63.41 -10.60
C MET C 4 8.15 -62.11 -10.44
N THR C 5 9.46 -62.20 -10.63
CA THR C 5 10.34 -61.04 -10.60
C THR C 5 10.11 -60.19 -11.85
N ALA C 6 9.94 -58.88 -11.65
CA ALA C 6 9.72 -57.91 -12.73
C ALA C 6 11.03 -57.34 -13.26
N ARG C 7 11.10 -57.16 -14.57
CA ARG C 7 12.30 -56.63 -15.21
C ARG C 7 12.41 -55.09 -15.05
N PHE C 8 11.29 -54.41 -15.27
CA PHE C 8 11.16 -52.96 -15.06
C PHE C 8 9.94 -52.64 -14.16
N ASP C 9 9.99 -51.47 -13.52
CA ASP C 9 8.90 -50.99 -12.66
C ASP C 9 7.95 -50.02 -13.39
N LEU C 10 8.46 -49.40 -14.46
CA LEU C 10 7.72 -48.41 -15.27
C LEU C 10 8.17 -48.41 -16.74
N PHE C 11 7.23 -48.24 -17.65
CA PHE C 11 7.61 -47.95 -19.05
C PHE C 11 7.24 -46.52 -19.36
N VAL C 12 8.14 -45.84 -20.05
CA VAL C 12 7.84 -44.49 -20.50
C VAL C 12 7.98 -44.49 -22.01
N VAL C 13 6.93 -44.03 -22.68
CA VAL C 13 6.98 -43.98 -24.14
C VAL C 13 7.21 -42.54 -24.57
N GLY C 14 8.43 -42.29 -25.05
CA GLY C 14 8.82 -40.98 -25.53
C GLY C 14 9.90 -40.43 -24.64
N SER C 15 10.94 -39.87 -25.23
CA SER C 15 12.02 -39.28 -24.45
C SER C 15 12.13 -37.76 -24.56
N GLY C 16 11.02 -37.08 -24.83
CA GLY C 16 11.02 -35.62 -24.71
C GLY C 16 11.07 -35.21 -23.25
N PHE C 17 10.99 -33.91 -22.97
CA PHE C 17 10.96 -33.41 -21.57
C PHE C 17 9.88 -33.98 -20.66
N PHE C 18 8.68 -34.26 -21.16
CA PHE C 18 7.66 -34.87 -20.29
C PHE C 18 8.09 -36.29 -19.85
N GLY C 19 8.38 -37.16 -20.83
CA GLY C 19 8.87 -38.53 -20.57
C GLY C 19 10.08 -38.59 -19.64
N LEU C 20 11.08 -37.77 -19.92
CA LEU C 20 12.31 -37.79 -19.16
C LEU C 20 12.20 -37.28 -17.72
N THR C 21 11.34 -36.30 -17.52
CA THR C 21 10.97 -35.85 -16.18
C THR C 21 10.27 -36.97 -15.38
N ILE C 22 9.21 -37.58 -15.96
CA ILE C 22 8.62 -38.82 -15.41
C ILE C 22 9.70 -39.84 -15.04
N ALA C 23 10.41 -40.38 -16.03
CA ALA C 23 11.53 -41.31 -15.81
C ALA C 23 12.57 -40.89 -14.75
N GLU C 24 12.95 -39.62 -14.70
CA GLU C 24 13.96 -39.25 -13.70
C GLU C 24 13.40 -39.21 -12.27
N ARG C 25 12.16 -38.78 -12.10
CA ARG C 25 11.62 -38.64 -10.76
C ARG C 25 11.35 -40.01 -10.16
N VAL C 26 10.81 -40.92 -10.99
CA VAL C 26 10.52 -42.29 -10.57
C VAL C 26 11.81 -43.10 -10.27
N ALA C 27 12.81 -43.01 -11.13
CA ALA C 27 14.07 -43.73 -10.90
C ALA C 27 14.70 -43.30 -9.58
N THR C 28 14.85 -41.99 -9.43
CA THR C 28 15.66 -41.38 -8.42
C THR C 28 14.96 -41.17 -7.08
N GLN C 29 13.67 -40.88 -7.11
CA GLN C 29 12.94 -40.57 -5.89
C GLN C 29 12.30 -41.81 -5.25
N LEU C 30 11.80 -42.72 -6.10
CA LEU C 30 11.17 -43.96 -5.64
C LEU C 30 12.14 -45.14 -5.68
N ASP C 31 13.30 -44.92 -6.30
CA ASP C 31 14.30 -45.97 -6.54
C ASP C 31 13.72 -47.17 -7.34
N LYS C 32 13.27 -46.89 -8.55
CA LYS C 32 12.65 -47.91 -9.42
C LYS C 32 13.39 -48.02 -10.75
N ARG C 33 13.14 -49.11 -11.46
CA ARG C 33 13.75 -49.34 -12.77
C ARG C 33 12.76 -48.91 -13.87
N VAL C 34 13.24 -48.03 -14.76
CA VAL C 34 12.41 -47.44 -15.80
C VAL C 34 12.99 -47.75 -17.15
N LEU C 35 12.13 -48.15 -18.08
CA LEU C 35 12.51 -48.24 -19.48
C LEU C 35 11.81 -47.15 -20.27
N VAL C 36 12.62 -46.32 -20.94
CA VAL C 36 12.16 -45.32 -21.89
C VAL C 36 12.34 -45.88 -23.29
N LEU C 37 11.24 -45.92 -24.03
CA LEU C 37 11.24 -46.31 -25.43
C LEU C 37 11.10 -45.05 -26.27
N GLU C 38 12.07 -44.82 -27.14
CA GLU C 38 12.06 -43.67 -28.02
C GLU C 38 12.14 -44.15 -29.48
N ARG C 39 11.19 -43.78 -30.32
CA ARG C 39 11.18 -44.25 -31.73
C ARG C 39 12.19 -43.58 -32.71
N ARG C 40 12.72 -42.41 -32.32
CA ARG C 40 13.71 -41.69 -33.16
C ARG C 40 15.09 -42.23 -32.92
N PRO C 41 16.09 -41.82 -33.75
CA PRO C 41 17.50 -42.21 -33.57
C PRO C 41 18.23 -41.53 -32.40
N HIS C 42 17.54 -40.66 -31.66
CA HIS C 42 18.15 -39.89 -30.58
C HIS C 42 17.13 -39.53 -29.49
N ILE C 43 17.61 -39.18 -28.30
CA ILE C 43 16.75 -38.67 -27.25
C ILE C 43 16.38 -37.17 -27.35
N GLY C 44 15.30 -36.81 -26.66
CA GLY C 44 15.03 -35.42 -26.36
C GLY C 44 13.75 -34.91 -26.99
N GLY C 45 13.17 -35.70 -27.88
CA GLY C 45 12.02 -35.24 -28.65
C GLY C 45 12.43 -34.06 -29.50
N ASN C 46 11.59 -33.02 -29.52
CA ASN C 46 11.87 -31.89 -30.38
C ASN C 46 12.85 -30.91 -29.79
N ALA C 47 13.30 -31.11 -28.56
CA ALA C 47 14.34 -30.25 -27.97
C ALA C 47 15.75 -30.75 -28.28
N TYR C 48 15.86 -31.75 -29.15
CA TYR C 48 17.15 -32.33 -29.47
C TYR C 48 18.05 -31.33 -30.18
N SER C 49 19.32 -31.27 -29.78
CA SER C 49 20.29 -30.47 -30.49
C SER C 49 21.58 -31.22 -30.85
N GLU C 50 22.29 -30.67 -31.82
CA GLU C 50 23.43 -31.35 -32.43
C GLU C 50 24.35 -30.28 -32.97
N ALA C 51 25.66 -30.46 -32.82
CA ALA C 51 26.61 -29.56 -33.44
C ALA C 51 26.69 -29.81 -34.94
N GLU C 52 26.62 -28.76 -35.75
CA GLU C 52 26.80 -28.89 -37.19
C GLU C 52 28.30 -29.16 -37.50
N PRO C 53 28.61 -30.11 -38.43
CA PRO C 53 30.02 -30.54 -38.67
C PRO C 53 31.02 -29.48 -39.14
N GLN C 54 30.67 -28.69 -40.16
CA GLN C 54 31.59 -27.70 -40.74
C GLN C 54 31.95 -26.58 -39.78
N THR C 55 31.00 -26.14 -38.95
CA THR C 55 31.19 -24.98 -38.07
C THR C 55 31.41 -25.29 -36.58
N GLY C 56 30.82 -26.38 -36.08
CA GLY C 56 30.82 -26.71 -34.64
C GLY C 56 29.66 -26.06 -33.86
N ILE C 57 28.87 -25.26 -34.56
CA ILE C 57 27.79 -24.50 -33.95
C ILE C 57 26.60 -25.41 -33.58
N GLU C 58 26.21 -25.40 -32.29
CA GLU C 58 25.03 -26.13 -31.81
C GLU C 58 23.69 -25.65 -32.45
N VAL C 59 23.04 -26.55 -33.17
CA VAL C 59 21.87 -26.25 -33.95
C VAL C 59 20.72 -26.99 -33.23
N HIS C 60 19.60 -26.28 -33.04
CA HIS C 60 18.36 -26.88 -32.59
C HIS C 60 17.64 -27.50 -33.79
N LYS C 61 17.57 -28.83 -33.78
CA LYS C 61 17.18 -29.60 -34.95
C LYS C 61 15.73 -29.42 -35.39
N TYR C 62 14.86 -29.05 -34.44
CA TYR C 62 13.43 -28.95 -34.72
C TYR C 62 12.92 -27.58 -34.33
N GLY C 63 13.75 -26.56 -34.56
CA GLY C 63 13.36 -25.19 -34.37
C GLY C 63 13.99 -24.66 -33.12
N ALA C 64 13.99 -23.35 -32.97
CA ALA C 64 14.65 -22.71 -31.86
C ALA C 64 13.92 -23.03 -30.55
N HIS C 65 14.70 -23.45 -29.56
CA HIS C 65 14.13 -23.78 -28.24
C HIS C 65 14.67 -22.79 -27.20
N LEU C 66 13.81 -21.88 -26.77
CA LEU C 66 14.14 -20.89 -25.77
C LEU C 66 13.51 -21.28 -24.44
N PHE C 67 14.33 -21.43 -23.41
CA PHE C 67 13.87 -21.80 -22.06
C PHE C 67 13.49 -20.63 -21.16
N HIS C 68 12.29 -20.68 -20.56
CA HIS C 68 11.85 -19.63 -19.67
C HIS C 68 10.77 -20.19 -18.75
N THR C 69 10.67 -19.67 -17.54
CA THR C 69 9.63 -20.07 -16.58
C THR C 69 9.50 -19.02 -15.46
N SER C 70 8.33 -18.94 -14.83
CA SER C 70 8.13 -18.19 -13.58
C SER C 70 7.82 -19.16 -12.43
N ASN C 71 8.03 -20.45 -12.67
CA ASN C 71 7.82 -21.51 -11.70
C ASN C 71 9.15 -21.85 -10.99
N LYS C 72 9.27 -21.44 -9.72
CA LYS C 72 10.49 -21.60 -8.92
C LYS C 72 10.88 -23.07 -8.78
N ARG C 73 9.86 -23.94 -8.69
CA ARG C 73 10.07 -25.38 -8.57
C ARG C 73 10.72 -25.97 -9.81
N VAL C 74 10.20 -25.59 -10.97
CA VAL C 74 10.70 -26.03 -12.28
C VAL C 74 12.10 -25.53 -12.49
N TRP C 75 12.34 -24.25 -12.17
CA TRP C 75 13.67 -23.62 -12.25
C TRP C 75 14.72 -24.31 -11.39
N ASP C 76 14.36 -24.61 -10.15
CA ASP C 76 15.23 -25.40 -9.26
C ASP C 76 15.49 -26.83 -9.74
N TYR C 77 14.43 -27.47 -10.27
CA TYR C 77 14.52 -28.80 -10.84
C TYR C 77 15.43 -28.89 -12.06
N VAL C 78 15.22 -28.03 -13.07
CA VAL C 78 16.04 -28.06 -14.29
C VAL C 78 17.53 -27.78 -14.04
N ARG C 79 17.85 -27.03 -13.00
CA ARG C 79 19.25 -26.68 -12.74
C ARG C 79 20.07 -27.79 -12.03
N GLN C 80 19.43 -28.91 -11.71
CA GLN C 80 20.14 -30.13 -11.28
C GLN C 80 20.88 -30.78 -12.45
N PHE C 81 20.44 -30.49 -13.67
CA PHE C 81 20.92 -31.21 -14.87
C PHE C 81 21.79 -30.35 -15.80
N THR C 82 21.74 -29.04 -15.58
CA THR C 82 22.35 -28.07 -16.46
C THR C 82 22.50 -26.72 -15.76
N ASP C 83 23.51 -25.95 -16.14
CA ASP C 83 23.52 -24.52 -15.87
C ASP C 83 22.81 -23.80 -17.01
N PHE C 84 22.42 -22.55 -16.74
CA PHE C 84 21.82 -21.69 -17.75
C PHE C 84 22.66 -20.46 -17.99
N THR C 85 22.63 -20.06 -19.24
CA THR C 85 23.25 -18.87 -19.76
C THR C 85 22.39 -17.63 -19.43
N ASP C 86 22.94 -16.44 -19.59
CA ASP C 86 22.18 -15.20 -19.34
C ASP C 86 21.53 -14.60 -20.61
N TYR C 87 21.32 -15.46 -21.59
CA TYR C 87 20.62 -15.12 -22.84
C TYR C 87 19.24 -14.55 -22.53
N ARG C 88 18.88 -13.50 -23.26
CA ARG C 88 17.56 -12.86 -23.13
C ARG C 88 17.03 -12.68 -24.52
N HIS C 89 15.93 -13.35 -24.77
CA HIS C 89 15.42 -13.48 -26.12
C HIS C 89 14.77 -12.21 -26.63
N ARG C 90 15.20 -11.84 -27.85
CA ARG C 90 14.63 -10.75 -28.64
C ARG C 90 14.42 -11.24 -30.05
N VAL C 91 13.31 -10.83 -30.65
CA VAL C 91 12.89 -11.21 -32.00
C VAL C 91 12.76 -9.96 -32.86
N PHE C 92 13.14 -10.02 -34.13
CA PHE C 92 12.87 -8.96 -35.09
C PHE C 92 11.93 -9.47 -36.19
N ALA C 93 11.22 -8.56 -36.87
CA ALA C 93 10.29 -8.89 -37.98
C ALA C 93 10.72 -8.21 -39.30
N MET C 94 10.74 -8.96 -40.39
CA MET C 94 11.08 -8.38 -41.70
C MET C 94 9.81 -8.16 -42.49
N HIS C 95 9.58 -6.92 -42.91
CA HIS C 95 8.40 -6.56 -43.65
C HIS C 95 8.79 -5.50 -44.68
N ASN C 96 8.56 -5.84 -45.94
CA ASN C 96 8.81 -4.94 -47.05
C ASN C 96 10.25 -4.41 -47.13
N GLY C 97 11.22 -5.28 -46.84
CA GLY C 97 12.62 -4.94 -47.02
C GLY C 97 13.16 -4.17 -45.84
N GLN C 98 12.37 -4.08 -44.78
CA GLN C 98 12.76 -3.37 -43.57
C GLN C 98 12.66 -4.27 -42.33
N ALA C 99 13.64 -4.16 -41.41
CA ALA C 99 13.57 -4.89 -40.14
C ALA C 99 12.94 -4.04 -39.01
N TYR C 100 12.07 -4.65 -38.21
CA TYR C 100 11.28 -3.93 -37.21
C TYR C 100 11.53 -4.49 -35.83
N GLN C 101 11.60 -3.64 -34.82
CA GLN C 101 11.57 -4.13 -33.44
C GLN C 101 10.26 -4.88 -33.26
N PHE C 102 10.27 -5.93 -32.46
CA PHE C 102 9.13 -6.83 -32.33
C PHE C 102 9.12 -7.40 -30.89
N PRO C 103 7.96 -7.72 -30.28
CA PRO C 103 6.58 -7.61 -30.75
C PRO C 103 6.14 -6.14 -30.88
N MET C 104 4.96 -5.94 -31.43
CA MET C 104 4.34 -4.62 -31.52
C MET C 104 4.40 -3.85 -30.22
N GLY C 105 5.06 -2.70 -30.29
CA GLY C 105 5.23 -1.80 -29.17
C GLY C 105 5.58 -0.46 -29.75
N LEU C 106 6.08 0.44 -28.91
CA LEU C 106 6.43 1.79 -29.34
C LEU C 106 7.47 1.83 -30.44
N GLY C 107 8.39 0.89 -30.42
CA GLY C 107 9.45 0.84 -31.46
C GLY C 107 8.95 0.51 -32.86
N LEU C 108 8.19 -0.58 -32.99
CA LEU C 108 7.55 -0.99 -34.26
C LEU C 108 6.55 0.08 -34.75
N VAL C 109 5.70 0.57 -33.83
CA VAL C 109 4.72 1.63 -34.13
C VAL C 109 5.40 2.93 -34.67
N SER C 110 6.41 3.46 -34.00
CA SER C 110 7.15 4.62 -34.54
C SER C 110 7.87 4.38 -35.89
N GLN C 111 8.48 3.21 -36.05
CA GLN C 111 9.13 2.80 -37.30
C GLN C 111 8.18 2.71 -38.48
N PHE C 112 7.07 2.00 -38.27
CA PHE C 112 6.08 1.74 -39.31
C PHE C 112 5.39 3.02 -39.77
N PHE C 113 4.87 3.79 -38.80
CA PHE C 113 4.16 5.02 -39.07
C PHE C 113 5.06 6.24 -39.26
N GLY C 114 6.38 6.06 -39.27
CA GLY C 114 7.32 7.13 -39.63
C GLY C 114 7.52 8.32 -38.68
N LYS C 115 7.14 8.17 -37.41
CA LYS C 115 7.39 9.20 -36.39
C LYS C 115 7.13 8.66 -34.98
N TYR C 116 7.65 9.36 -34.00
CA TYR C 116 7.55 8.91 -32.62
C TYR C 116 6.15 9.18 -32.07
N PHE C 117 5.55 8.14 -31.48
CA PHE C 117 4.34 8.25 -30.68
C PHE C 117 4.64 7.99 -29.20
N THR C 118 4.12 8.89 -28.40
CA THR C 118 4.15 8.88 -26.97
C THR C 118 3.37 7.64 -26.52
N PRO C 119 3.67 7.07 -25.33
CA PRO C 119 2.79 5.99 -24.85
C PRO C 119 1.29 6.29 -25.02
N GLU C 120 0.88 7.51 -24.68
CA GLU C 120 -0.50 7.90 -24.76
C GLU C 120 -0.98 8.12 -26.20
N GLN C 121 -0.18 8.83 -27.02
CA GLN C 121 -0.46 8.97 -28.45
C GLN C 121 -0.56 7.61 -29.14
N ALA C 122 0.31 6.67 -28.77
CA ALA C 122 0.15 5.29 -29.27
C ALA C 122 -1.14 4.54 -28.82
N ARG C 123 -1.54 4.71 -27.55
CA ARG C 123 -2.81 4.11 -27.07
C ARG C 123 -3.98 4.57 -27.94
N GLN C 124 -4.05 5.89 -28.15
CA GLN C 124 -5.07 6.54 -28.96
C GLN C 124 -5.01 6.16 -30.44
N LEU C 125 -3.80 5.99 -30.96
CA LEU C 125 -3.58 5.58 -32.35
C LEU C 125 -4.14 4.19 -32.62
N ILE C 126 -3.76 3.21 -31.81
CA ILE C 126 -4.30 1.87 -31.91
C ILE C 126 -5.84 1.84 -31.70
N ALA C 127 -6.35 2.53 -30.67
CA ALA C 127 -7.81 2.52 -30.37
C ALA C 127 -8.64 3.05 -31.55
N GLU C 128 -8.08 4.05 -32.23
CA GLU C 128 -8.69 4.63 -33.44
C GLU C 128 -8.68 3.66 -34.62
N GLN C 129 -7.54 3.03 -34.90
CA GLN C 129 -7.45 2.09 -36.04
C GLN C 129 -8.26 0.81 -35.83
N ALA C 130 -8.26 0.33 -34.58
CA ALA C 130 -9.06 -0.83 -34.18
C ALA C 130 -10.57 -0.59 -34.25
N ALA C 131 -10.99 0.67 -34.03
CA ALA C 131 -12.40 1.08 -34.14
C ALA C 131 -12.99 0.74 -35.50
N GLU C 132 -12.13 0.60 -36.53
CA GLU C 132 -12.62 0.24 -37.87
C GLU C 132 -13.60 -0.95 -37.92
N ILE C 133 -13.35 -1.98 -37.11
CA ILE C 133 -14.26 -3.13 -36.97
C ILE C 133 -14.49 -3.34 -35.47
N ASP C 134 -15.74 -3.54 -35.07
CA ASP C 134 -16.10 -3.84 -33.67
C ASP C 134 -15.77 -5.33 -33.38
N THR C 135 -15.09 -5.61 -32.25
CA THR C 135 -14.65 -6.99 -31.93
C THR C 135 -15.84 -7.94 -31.76
N ALA C 136 -17.01 -7.36 -31.44
CA ALA C 136 -18.23 -8.12 -31.25
C ALA C 136 -18.75 -8.79 -32.53
N ASP C 137 -18.98 -7.91 -33.56
CA ASP C 137 -19.41 -8.43 -34.87
C ASP C 137 -18.53 -7.93 -36.00
N GLU C 142 -10.98 -10.38 -42.87
CA GLU C 142 -9.61 -10.62 -42.41
C GLU C 142 -9.57 -10.99 -40.95
N GLU C 143 -10.29 -10.21 -40.07
CA GLU C 143 -10.64 -10.81 -38.70
C GLU C 143 -11.29 -9.99 -37.52
N LYS C 144 -11.19 -10.72 -36.36
CA LYS C 144 -10.96 -10.21 -35.01
C LYS C 144 -9.65 -9.39 -34.89
N ALA C 145 -8.64 -9.73 -35.71
CA ALA C 145 -7.31 -9.11 -35.60
C ALA C 145 -7.41 -7.61 -35.81
N ILE C 146 -7.94 -7.20 -36.98
CA ILE C 146 -8.22 -5.78 -37.31
C ILE C 146 -8.94 -5.08 -36.16
N SER C 147 -9.98 -5.73 -35.64
CA SER C 147 -10.81 -5.18 -34.56
C SER C 147 -10.05 -4.96 -33.26
N LEU C 148 -8.85 -5.53 -33.16
CA LEU C 148 -8.00 -5.38 -31.98
C LEU C 148 -6.80 -4.44 -32.19
N ILE C 149 -6.21 -4.44 -33.38
CA ILE C 149 -4.94 -3.67 -33.62
C ILE C 149 -5.00 -2.73 -34.85
N GLY C 150 -6.11 -2.80 -35.58
CA GLY C 150 -6.34 -1.97 -36.77
C GLY C 150 -5.91 -2.66 -38.05
N ARG C 151 -6.40 -2.18 -39.18
CA ARG C 151 -6.06 -2.76 -40.50
C ARG C 151 -4.59 -2.61 -40.94
N PRO C 152 -3.96 -1.43 -40.75
CA PRO C 152 -2.53 -1.28 -41.11
C PRO C 152 -1.54 -2.25 -40.42
N LEU C 153 -1.59 -2.35 -39.09
CA LEU C 153 -0.72 -3.27 -38.34
C LEU C 153 -1.03 -4.74 -38.65
N TYR C 154 -2.32 -5.06 -38.84
CA TYR C 154 -2.75 -6.39 -39.27
C TYR C 154 -2.17 -6.78 -40.64
N GLU C 155 -2.33 -5.92 -41.64
CA GLU C 155 -1.96 -6.28 -43.00
C GLU C 155 -0.45 -6.30 -43.20
N ALA C 156 0.26 -5.60 -42.31
CA ALA C 156 1.71 -5.60 -42.36
C ALA C 156 2.31 -6.78 -41.59
N PHE C 157 1.86 -7.00 -40.35
CA PHE C 157 2.62 -7.91 -39.46
C PHE C 157 1.96 -9.20 -39.02
N VAL C 158 0.67 -9.34 -39.26
CA VAL C 158 -0.13 -10.48 -38.82
C VAL C 158 -0.75 -11.30 -39.98
N LYS C 159 -1.25 -10.64 -41.02
CA LYS C 159 -1.87 -11.30 -42.19
C LYS C 159 -0.94 -12.30 -42.92
N GLY C 160 0.16 -11.82 -43.49
CA GLY C 160 1.11 -12.68 -44.22
C GLY C 160 1.70 -13.81 -43.38
N TYR C 161 2.06 -13.49 -42.14
CA TYR C 161 2.60 -14.45 -41.18
C TYR C 161 1.59 -15.53 -40.69
N THR C 162 0.35 -15.15 -40.45
CA THR C 162 -0.70 -16.14 -40.15
C THR C 162 -1.01 -17.03 -41.36
N ALA C 163 -0.99 -16.45 -42.56
CA ALA C 163 -1.32 -17.21 -43.77
C ALA C 163 -0.30 -18.28 -44.04
N LYS C 164 0.97 -17.99 -43.74
CA LYS C 164 2.04 -18.99 -43.85
C LYS C 164 1.94 -20.06 -42.75
N GLN C 165 1.82 -19.67 -41.49
CA GLN C 165 1.66 -20.62 -40.39
C GLN C 165 0.52 -21.64 -40.61
N TRP C 166 -0.67 -21.16 -40.95
CA TRP C 166 -1.84 -22.03 -41.09
C TRP C 166 -2.08 -22.60 -42.48
N GLN C 167 -1.36 -22.06 -43.46
CA GLN C 167 -1.49 -22.42 -44.88
C GLN C 167 -2.92 -22.21 -45.40
N THR C 168 -3.61 -21.25 -44.77
CA THR C 168 -4.97 -20.90 -45.10
C THR C 168 -5.11 -19.37 -45.02
N ASP C 169 -5.87 -18.79 -45.97
CA ASP C 169 -6.26 -17.36 -45.99
C ASP C 169 -6.94 -16.99 -44.67
N PRO C 170 -6.45 -15.91 -44.01
CA PRO C 170 -6.99 -15.57 -42.69
C PRO C 170 -8.49 -15.27 -42.66
N LYS C 171 -9.06 -14.78 -43.75
CA LYS C 171 -10.51 -14.66 -43.88
C LYS C 171 -11.24 -15.98 -43.60
N GLU C 172 -10.50 -17.10 -43.66
CA GLU C 172 -11.09 -18.44 -43.58
C GLU C 172 -10.81 -19.22 -42.28
N LEU C 173 -10.16 -18.58 -41.32
CA LEU C 173 -9.87 -19.16 -40.00
C LEU C 173 -10.85 -18.63 -38.95
N PRO C 174 -11.05 -19.37 -37.84
CA PRO C 174 -12.09 -18.92 -36.90
C PRO C 174 -11.65 -17.71 -36.06
N ALA C 175 -12.55 -16.75 -35.89
CA ALA C 175 -12.36 -15.58 -35.04
C ALA C 175 -12.00 -15.95 -33.58
N ALA C 176 -12.44 -17.11 -33.12
CA ALA C 176 -12.11 -17.60 -31.78
C ALA C 176 -10.63 -17.93 -31.61
N ASN C 177 -9.92 -18.12 -32.73
CA ASN C 177 -8.48 -18.32 -32.77
C ASN C 177 -7.61 -17.28 -32.05
N ILE C 178 -8.09 -16.03 -31.98
CA ILE C 178 -7.37 -14.93 -31.31
C ILE C 178 -8.29 -14.36 -30.24
N THR C 179 -7.80 -14.27 -29.01
CA THR C 179 -8.57 -13.58 -27.95
C THR C 179 -8.00 -12.21 -27.57
N ARG C 180 -6.68 -12.10 -27.53
CA ARG C 180 -6.01 -10.84 -27.21
C ARG C 180 -4.86 -10.65 -28.19
N LEU C 181 -4.75 -9.45 -28.75
CA LEU C 181 -3.63 -9.13 -29.64
C LEU C 181 -3.01 -7.83 -29.15
N PRO C 182 -2.24 -7.87 -28.04
CA PRO C 182 -1.85 -6.66 -27.31
C PRO C 182 -0.71 -5.89 -27.97
N VAL C 183 -0.74 -4.57 -27.82
CA VAL C 183 0.38 -3.73 -28.22
C VAL C 183 1.05 -3.27 -26.93
N ARG C 184 2.38 -3.29 -26.88
CA ARG C 184 3.08 -2.73 -25.72
C ARG C 184 3.17 -1.22 -25.88
N TYR C 185 2.85 -0.48 -24.85
CA TYR C 185 2.89 0.98 -24.94
C TYR C 185 4.17 1.50 -24.24
N THR C 186 5.26 0.79 -24.51
CA THR C 186 6.52 1.04 -23.85
C THR C 186 7.55 0.62 -24.89
N PHE C 187 8.81 0.99 -24.70
CA PHE C 187 9.86 0.53 -25.62
C PHE C 187 10.44 -0.88 -25.30
N ASP C 188 10.04 -1.48 -24.18
CA ASP C 188 10.45 -2.87 -23.80
C ASP C 188 10.21 -3.91 -24.92
N ASN C 189 11.29 -4.47 -25.48
CA ASN C 189 11.15 -5.53 -26.52
C ASN C 189 11.73 -6.90 -26.08
N ARG C 190 11.83 -7.11 -24.78
CA ARG C 190 12.16 -8.42 -24.25
C ARG C 190 10.98 -9.33 -24.60
N TYR C 191 11.27 -10.40 -25.33
CA TYR C 191 10.24 -11.25 -25.89
C TYR C 191 9.36 -11.90 -24.83
N PHE C 192 10.01 -12.52 -23.85
CA PHE C 192 9.32 -13.27 -22.80
C PHE C 192 9.22 -12.43 -21.53
N SER C 193 8.19 -12.67 -20.75
CA SER C 193 7.93 -11.87 -19.56
C SER C 193 8.02 -12.71 -18.27
N ASP C 194 8.69 -13.85 -18.36
CA ASP C 194 8.87 -14.72 -17.20
C ASP C 194 10.10 -14.37 -16.38
N THR C 195 10.04 -14.78 -15.12
CA THR C 195 11.04 -14.47 -14.10
C THR C 195 12.45 -14.97 -14.43
N TYR C 196 12.54 -16.19 -14.98
CA TYR C 196 13.78 -16.90 -15.26
C TYR C 196 13.87 -17.28 -16.72
N GLU C 197 15.07 -17.19 -17.26
CA GLU C 197 15.26 -17.40 -18.70
C GLU C 197 16.74 -17.71 -18.97
N GLY C 198 17.01 -18.42 -20.07
CA GLY C 198 18.37 -18.64 -20.53
C GLY C 198 18.41 -19.90 -21.37
N LEU C 199 19.59 -20.16 -21.91
CA LEU C 199 19.89 -21.34 -22.69
C LEU C 199 20.75 -22.31 -21.86
N PRO C 200 20.57 -23.64 -22.06
CA PRO C 200 21.44 -24.54 -21.31
C PRO C 200 22.88 -24.30 -21.77
N THR C 201 23.79 -24.07 -20.82
CA THR C 201 25.18 -23.71 -21.15
C THR C 201 25.88 -24.74 -22.07
N ASP C 202 25.68 -26.03 -21.80
CA ASP C 202 26.26 -27.07 -22.65
C ASP C 202 25.25 -27.66 -23.69
N GLY C 203 24.14 -26.97 -23.93
CA GLY C 203 23.17 -27.39 -24.94
C GLY C 203 22.10 -28.32 -24.43
N TYR C 204 21.09 -28.56 -25.24
CA TYR C 204 19.90 -29.31 -24.82
C TYR C 204 20.15 -30.81 -24.68
N THR C 205 20.91 -31.34 -25.61
CA THR C 205 21.27 -32.72 -25.62
C THR C 205 22.08 -33.14 -24.38
N ALA C 206 23.09 -32.38 -23.97
CA ALA C 206 23.73 -32.63 -22.66
C ALA C 206 22.73 -32.64 -21.47
N TRP C 207 21.83 -31.68 -21.43
CA TRP C 207 20.83 -31.59 -20.38
C TRP C 207 19.92 -32.85 -20.39
N LEU C 208 19.45 -33.22 -21.58
CA LEU C 208 18.57 -34.38 -21.76
C LEU C 208 19.24 -35.72 -21.35
N GLN C 209 20.50 -35.93 -21.75
CA GLN C 209 21.30 -37.10 -21.28
C GLN C 209 21.45 -37.15 -19.75
N ASN C 210 21.81 -36.01 -19.14
CA ASN C 210 21.91 -35.95 -17.68
C ASN C 210 20.63 -36.29 -16.95
N MET C 211 19.50 -35.92 -17.53
CA MET C 211 18.21 -36.39 -17.04
C MET C 211 18.09 -37.92 -17.05
N ALA C 212 18.71 -38.57 -18.03
CA ALA C 212 18.59 -40.01 -18.22
C ALA C 212 19.78 -40.82 -17.72
N ALA C 213 20.81 -40.14 -17.18
CA ALA C 213 22.08 -40.77 -16.88
C ALA C 213 22.04 -41.81 -15.75
N ASP C 214 21.13 -41.64 -14.79
CA ASP C 214 21.01 -42.60 -13.68
C ASP C 214 21.02 -44.02 -14.23
N HIS C 215 21.57 -44.96 -13.45
CA HIS C 215 21.72 -46.33 -13.93
C HIS C 215 20.38 -47.10 -13.94
N ARG C 216 19.38 -46.61 -13.19
CA ARG C 216 18.05 -47.25 -13.15
C ARG C 216 17.17 -46.93 -14.37
N ILE C 217 17.63 -46.01 -15.22
CA ILE C 217 16.90 -45.62 -16.43
C ILE C 217 17.58 -46.22 -17.64
N GLU C 218 16.84 -47.01 -18.41
CA GLU C 218 17.36 -47.43 -19.69
C GLU C 218 16.59 -46.74 -20.79
N VAL C 219 17.31 -46.27 -21.81
CA VAL C 219 16.67 -45.67 -22.97
C VAL C 219 16.94 -46.56 -24.17
N ARG C 220 15.87 -46.91 -24.89
CA ARG C 220 15.97 -47.67 -26.12
C ARG C 220 15.55 -46.81 -27.26
N LEU C 221 16.53 -46.52 -28.15
CA LEU C 221 16.38 -45.67 -29.33
C LEU C 221 15.96 -46.54 -30.49
N ASN C 222 15.49 -45.89 -31.55
CA ASN C 222 15.01 -46.58 -32.74
C ASN C 222 13.94 -47.62 -32.48
N THR C 223 13.16 -47.43 -31.41
CA THR C 223 12.23 -48.46 -30.90
C THR C 223 10.83 -47.92 -30.76
N ASP C 224 9.92 -48.37 -31.61
CA ASP C 224 8.56 -47.89 -31.55
C ASP C 224 7.77 -48.74 -30.53
N TRP C 225 7.00 -48.09 -29.64
CA TRP C 225 6.31 -48.79 -28.58
C TRP C 225 5.33 -49.85 -29.11
N PHE C 226 4.65 -49.54 -30.20
CA PHE C 226 3.68 -50.48 -30.74
C PHE C 226 4.35 -51.71 -31.39
N ASP C 227 5.67 -51.64 -31.59
CA ASP C 227 6.42 -52.82 -32.04
C ASP C 227 6.84 -53.77 -30.91
N VAL C 228 7.03 -53.24 -29.70
CA VAL C 228 7.64 -53.96 -28.60
C VAL C 228 6.72 -54.18 -27.37
N ARG C 229 5.58 -53.52 -27.29
CA ARG C 229 4.77 -53.53 -26.08
C ARG C 229 4.36 -54.97 -25.64
N GLY C 230 4.03 -55.81 -26.63
CA GLY C 230 3.61 -57.19 -26.38
C GLY C 230 4.75 -58.09 -25.93
N GLN C 231 5.96 -57.78 -26.38
CA GLN C 231 7.12 -58.54 -25.92
C GLN C 231 7.64 -58.07 -24.53
N LEU C 232 7.22 -56.89 -24.09
CA LEU C 232 7.81 -56.23 -22.89
C LEU C 232 6.95 -56.32 -21.65
N ARG C 233 5.65 -56.10 -21.79
CA ARG C 233 4.78 -56.09 -20.61
C ARG C 233 4.71 -57.43 -19.88
N PRO C 234 4.58 -58.58 -20.62
CA PRO C 234 4.53 -59.87 -19.93
C PRO C 234 5.59 -60.08 -18.85
N GLY C 235 6.79 -59.53 -19.06
CA GLY C 235 7.89 -59.72 -18.15
C GLY C 235 7.92 -58.76 -16.97
N SER C 236 7.11 -57.70 -17.05
CA SER C 236 6.91 -56.71 -15.98
C SER C 236 5.42 -56.36 -15.92
N PRO C 237 4.57 -57.34 -15.51
CA PRO C 237 3.13 -57.18 -15.78
C PRO C 237 2.45 -56.09 -14.93
N ALA C 238 3.07 -55.70 -13.82
CA ALA C 238 2.49 -54.68 -12.92
C ALA C 238 2.93 -53.24 -13.21
N ALA C 239 3.97 -53.09 -14.04
CA ALA C 239 4.47 -51.78 -14.48
C ALA C 239 3.44 -50.95 -15.26
N PRO C 240 3.11 -49.72 -14.77
CA PRO C 240 2.32 -48.77 -15.55
C PRO C 240 3.06 -48.27 -16.80
N VAL C 241 2.30 -47.70 -17.74
CA VAL C 241 2.87 -47.13 -18.96
C VAL C 241 2.49 -45.67 -19.02
N VAL C 242 3.52 -44.82 -19.09
CA VAL C 242 3.33 -43.40 -19.31
C VAL C 242 3.57 -43.12 -20.79
N TYR C 243 2.46 -42.89 -21.48
CA TYR C 243 2.46 -42.77 -22.92
C TYR C 243 2.45 -41.29 -23.38
N THR C 244 3.51 -40.86 -24.05
CA THR C 244 3.58 -39.48 -24.56
C THR C 244 3.61 -39.39 -26.11
N GLY C 245 3.27 -40.47 -26.83
CA GLY C 245 3.06 -40.40 -28.30
C GLY C 245 1.67 -39.88 -28.65
N PRO C 246 1.33 -39.82 -29.97
CA PRO C 246 0.01 -39.36 -30.46
C PRO C 246 -1.19 -40.13 -29.88
N LEU C 247 -2.20 -39.41 -29.37
CA LEU C 247 -3.41 -40.01 -28.75
C LEU C 247 -4.26 -40.77 -29.76
N ASP C 248 -4.52 -40.15 -30.93
CA ASP C 248 -5.24 -40.84 -32.01
C ASP C 248 -4.53 -42.11 -32.48
N ARG C 249 -3.20 -42.03 -32.68
CA ARG C 249 -2.39 -43.19 -33.02
C ARG C 249 -2.52 -44.34 -31.98
N TYR C 250 -2.51 -44.01 -30.68
CA TYR C 250 -2.68 -45.05 -29.65
C TYR C 250 -3.90 -45.94 -29.91
N PHE C 251 -4.98 -45.33 -30.38
CA PHE C 251 -6.23 -46.08 -30.65
C PHE C 251 -6.43 -46.34 -32.12
N ASP C 252 -5.33 -46.49 -32.84
CA ASP C 252 -5.32 -46.98 -34.21
C ASP C 252 -6.09 -46.10 -35.20
N TYR C 253 -6.43 -44.88 -34.77
CA TYR C 253 -7.21 -43.89 -35.54
C TYR C 253 -8.68 -44.28 -35.74
N ALA C 254 -9.19 -45.15 -34.87
CA ALA C 254 -10.54 -45.72 -35.00
C ALA C 254 -11.63 -44.66 -35.15
N GLU C 255 -11.45 -43.51 -34.46
CA GLU C 255 -12.47 -42.43 -34.41
C GLU C 255 -12.17 -41.31 -35.44
N GLY C 256 -11.10 -41.56 -36.36
CA GLY C 256 -10.67 -40.40 -37.25
C GLY C 256 -9.34 -39.89 -36.71
N ARG C 257 -8.59 -39.09 -37.52
CA ARG C 257 -7.32 -38.43 -37.13
C ARG C 257 -7.45 -36.98 -36.64
N LEU C 258 -6.81 -36.69 -35.50
CA LEU C 258 -6.64 -35.32 -34.98
C LEU C 258 -5.76 -34.53 -35.93
N GLY C 259 -6.19 -33.31 -36.27
CA GLY C 259 -5.47 -32.48 -37.25
C GLY C 259 -4.28 -31.75 -36.66
N TRP C 260 -3.18 -31.73 -37.40
CA TRP C 260 -1.91 -31.15 -36.92
C TRP C 260 -1.22 -30.35 -38.03
N ARG C 261 -0.37 -29.39 -37.65
CA ARG C 261 0.49 -28.65 -38.59
C ARG C 261 1.96 -29.05 -38.37
N THR C 262 2.71 -29.22 -39.47
CA THR C 262 4.15 -29.52 -39.44
C THR C 262 5.00 -28.36 -39.82
N LEU C 263 6.30 -28.57 -39.65
CA LEU C 263 7.32 -27.63 -39.97
C LEU C 263 8.37 -28.37 -40.75
N ASP C 264 8.97 -27.73 -41.74
CA ASP C 264 10.18 -28.26 -42.37
C ASP C 264 11.32 -27.29 -42.10
N PHE C 265 12.53 -27.80 -42.01
CA PHE C 265 13.67 -26.95 -41.79
C PHE C 265 14.73 -27.16 -42.86
N GLU C 266 15.28 -26.06 -43.36
CA GLU C 266 16.44 -26.12 -44.25
C GLU C 266 17.64 -25.44 -43.56
N VAL C 267 18.53 -26.27 -43.05
CA VAL C 267 19.77 -25.82 -42.48
C VAL C 267 20.79 -25.55 -43.58
N GLU C 268 21.33 -24.34 -43.62
CA GLU C 268 22.39 -23.97 -44.57
C GLU C 268 23.62 -23.42 -43.85
N VAL C 269 24.81 -23.80 -44.34
CA VAL C 269 26.08 -23.25 -43.85
C VAL C 269 26.60 -22.23 -44.86
N LEU C 270 26.85 -21.02 -44.39
CA LEU C 270 27.27 -19.91 -45.23
C LEU C 270 28.70 -19.47 -44.94
N PRO C 271 29.47 -19.14 -46.02
CA PRO C 271 30.88 -18.72 -45.95
C PRO C 271 31.03 -17.25 -45.52
N ILE C 272 30.21 -16.84 -44.54
CA ILE C 272 30.23 -15.50 -43.95
C ILE C 272 30.05 -15.64 -42.43
N GLY C 273 30.54 -14.66 -41.67
CA GLY C 273 30.46 -14.69 -40.20
C GLY C 273 29.07 -14.45 -39.61
N ASP C 274 28.29 -13.58 -40.25
CA ASP C 274 27.03 -13.14 -39.68
C ASP C 274 26.04 -12.91 -40.81
N PHE C 275 24.94 -13.66 -40.79
CA PHE C 275 23.92 -13.58 -41.80
C PHE C 275 22.90 -12.46 -41.47
N GLN C 276 22.53 -12.32 -40.21
CA GLN C 276 21.46 -11.38 -39.92
C GLN C 276 21.56 -10.56 -38.64
N GLY C 277 22.64 -10.73 -37.87
CA GLY C 277 22.93 -9.89 -36.68
C GLY C 277 22.07 -10.10 -35.45
N THR C 278 21.15 -11.07 -35.51
CA THR C 278 20.33 -11.58 -34.40
C THR C 278 20.04 -13.09 -34.52
N ALA C 279 19.53 -13.68 -33.43
CA ALA C 279 19.11 -15.09 -33.38
C ALA C 279 17.97 -15.47 -34.28
N VAL C 280 16.85 -14.72 -34.23
CA VAL C 280 15.63 -15.06 -34.98
C VAL C 280 15.03 -13.86 -35.74
N MET C 281 14.73 -14.07 -37.03
CA MET C 281 14.04 -13.09 -37.87
C MET C 281 12.73 -13.70 -38.35
N ASN C 282 11.59 -13.13 -37.91
CA ASN C 282 10.32 -13.40 -38.53
C ASN C 282 10.24 -12.75 -39.91
N TYR C 283 9.68 -13.48 -40.88
CA TYR C 283 9.39 -12.95 -42.21
C TYR C 283 7.86 -12.89 -42.38
N ASN C 284 7.31 -11.69 -42.33
CA ASN C 284 5.88 -11.45 -42.26
C ASN C 284 5.17 -11.48 -43.62
N ASP C 285 5.96 -11.45 -44.70
CA ASP C 285 5.41 -11.27 -46.05
C ASP C 285 5.04 -12.61 -46.72
N LEU C 286 3.89 -12.63 -47.39
CA LEU C 286 3.33 -13.86 -47.96
C LEU C 286 4.20 -14.36 -49.12
N ASP C 287 4.91 -13.44 -49.76
CA ASP C 287 5.79 -13.76 -50.91
C ASP C 287 7.19 -14.31 -50.53
N VAL C 288 7.39 -14.59 -49.25
CA VAL C 288 8.61 -15.18 -48.75
C VAL C 288 8.10 -16.48 -48.20
N PRO C 289 8.60 -17.64 -48.69
CA PRO C 289 7.98 -18.93 -48.34
C PRO C 289 8.17 -19.43 -46.90
N TYR C 290 9.31 -19.10 -46.28
CA TYR C 290 9.57 -19.41 -44.87
C TYR C 290 8.93 -18.39 -43.91
N THR C 291 8.57 -18.85 -42.71
CA THR C 291 8.06 -17.99 -41.64
C THR C 291 9.16 -17.31 -40.81
N ARG C 292 10.31 -17.97 -40.65
CA ARG C 292 11.41 -17.52 -39.76
C ARG C 292 12.79 -18.01 -40.30
N ILE C 293 13.82 -17.21 -40.06
CA ILE C 293 15.22 -17.66 -40.16
C ILE C 293 15.87 -17.59 -38.79
N HIS C 294 16.43 -18.71 -38.34
CA HIS C 294 17.27 -18.80 -37.12
C HIS C 294 18.75 -18.76 -37.43
N GLU C 295 19.47 -17.95 -36.66
CA GLU C 295 20.91 -17.92 -36.81
C GLU C 295 21.57 -18.30 -35.49
N PHE C 296 22.10 -19.53 -35.47
CA PHE C 296 22.38 -20.23 -34.24
C PHE C 296 23.57 -19.73 -33.43
N ARG C 297 24.49 -19.04 -34.09
CA ARG C 297 25.62 -18.44 -33.38
C ARG C 297 25.16 -17.46 -32.31
N HIS C 298 24.03 -16.80 -32.55
CA HIS C 298 23.63 -15.71 -31.68
C HIS C 298 22.95 -16.22 -30.43
N PHE C 299 22.71 -17.54 -30.37
CA PHE C 299 22.14 -18.18 -29.23
C PHE C 299 23.22 -18.36 -28.18
N HIS C 300 24.49 -18.46 -28.61
CA HIS C 300 25.62 -18.64 -27.70
C HIS C 300 26.83 -17.71 -27.99
N PRO C 301 26.66 -16.39 -27.76
CA PRO C 301 27.71 -15.41 -28.00
C PRO C 301 28.95 -15.72 -27.18
N GLU C 302 28.73 -16.33 -26.01
CA GLU C 302 29.78 -16.64 -25.06
C GLU C 302 30.68 -17.77 -25.52
N ARG C 303 30.22 -18.59 -26.46
CA ARG C 303 31.08 -19.66 -26.98
C ARG C 303 32.13 -19.12 -27.93
N ASP C 304 33.13 -19.92 -28.21
CA ASP C 304 34.13 -19.54 -29.19
C ASP C 304 33.73 -20.13 -30.54
N TYR C 305 32.91 -19.40 -31.29
CA TYR C 305 32.47 -19.88 -32.59
C TYR C 305 33.29 -19.17 -33.65
N PRO C 306 33.55 -19.86 -34.78
CA PRO C 306 34.39 -19.31 -35.88
C PRO C 306 33.71 -18.08 -36.46
N THR C 307 34.49 -17.08 -36.84
CA THR C 307 33.89 -15.86 -37.40
C THR C 307 34.00 -15.74 -38.94
N ASP C 308 34.31 -16.84 -39.62
CA ASP C 308 34.36 -16.81 -41.09
C ASP C 308 33.24 -17.61 -41.74
N LYS C 309 32.37 -18.19 -40.90
CA LYS C 309 31.33 -19.14 -41.26
C LYS C 309 30.14 -19.06 -40.29
N THR C 310 28.95 -19.36 -40.78
CA THR C 310 27.75 -19.36 -39.92
C THR C 310 26.75 -20.39 -40.40
N VAL C 311 25.91 -20.86 -39.48
CA VAL C 311 24.79 -21.78 -39.77
C VAL C 311 23.47 -21.07 -39.56
N ILE C 312 22.63 -21.07 -40.61
CA ILE C 312 21.25 -20.61 -40.52
C ILE C 312 20.25 -21.74 -40.74
N MET C 313 19.03 -21.55 -40.27
CA MET C 313 17.94 -22.47 -40.54
C MET C 313 16.68 -21.71 -40.98
N ARG C 314 16.20 -22.01 -42.18
CA ARG C 314 14.91 -21.54 -42.66
C ARG C 314 13.80 -22.45 -42.14
N GLU C 315 12.78 -21.88 -41.52
CA GLU C 315 11.66 -22.66 -40.99
C GLU C 315 10.46 -22.46 -41.89
N TYR C 316 9.75 -23.55 -42.28
CA TYR C 316 8.57 -23.51 -43.17
C TYR C 316 7.36 -24.19 -42.48
N SER C 317 6.16 -23.62 -42.62
CA SER C 317 4.94 -24.34 -42.14
C SER C 317 4.19 -24.99 -43.29
N ARG C 318 3.64 -26.18 -43.04
CA ARG C 318 2.61 -26.71 -43.93
C ARG C 318 1.57 -27.59 -43.27
N PHE C 319 0.61 -27.99 -44.12
CA PHE C 319 -0.40 -29.01 -43.89
C PHE C 319 0.36 -30.31 -43.66
N ALA C 320 0.24 -30.85 -42.45
CA ALA C 320 0.72 -32.19 -42.14
C ALA C 320 -0.15 -33.25 -42.81
N GLU C 321 0.44 -34.02 -43.71
CA GLU C 321 -0.20 -35.20 -44.26
C GLU C 321 -0.03 -36.32 -43.21
N ASP C 322 -0.83 -37.37 -43.31
CA ASP C 322 -0.56 -38.62 -42.57
C ASP C 322 0.89 -38.99 -42.90
N ASP C 323 1.71 -39.31 -41.91
CA ASP C 323 3.15 -39.54 -42.16
C ASP C 323 4.06 -38.40 -41.64
N ASP C 324 3.61 -37.14 -41.74
CA ASP C 324 4.40 -36.00 -41.26
C ASP C 324 4.45 -35.97 -39.73
N GLU C 325 5.50 -35.36 -39.20
CA GLU C 325 5.64 -35.17 -37.75
C GLU C 325 4.64 -34.12 -37.26
N PRO C 326 3.82 -34.44 -36.24
CA PRO C 326 2.91 -33.45 -35.69
C PRO C 326 3.59 -32.38 -34.79
N TYR C 327 3.34 -31.08 -34.99
CA TYR C 327 3.92 -30.02 -34.10
C TYR C 327 2.94 -29.16 -33.28
N TYR C 328 1.99 -28.49 -33.94
CA TYR C 328 0.90 -27.73 -33.30
C TYR C 328 -0.49 -28.26 -33.72
N PRO C 329 -1.42 -28.42 -32.75
CA PRO C 329 -2.81 -28.77 -33.06
C PRO C 329 -3.51 -27.69 -33.90
N ILE C 330 -4.30 -28.11 -34.91
CA ILE C 330 -5.17 -27.21 -35.67
C ILE C 330 -6.42 -26.82 -34.83
N ASN C 331 -6.90 -27.73 -33.98
CA ASN C 331 -7.89 -27.43 -32.94
C ASN C 331 -9.29 -26.90 -33.39
N THR C 332 -9.71 -27.26 -34.60
CA THR C 332 -11.04 -26.88 -35.02
C THR C 332 -12.11 -27.50 -34.11
N GLU C 333 -13.35 -27.07 -34.32
CA GLU C 333 -14.52 -27.57 -33.58
C GLU C 333 -14.64 -29.07 -33.73
N ALA C 334 -14.34 -29.64 -34.90
CA ALA C 334 -14.47 -31.13 -35.11
C ALA C 334 -13.29 -31.90 -34.45
N ASP C 335 -12.13 -31.26 -34.31
CA ASP C 335 -10.97 -31.82 -33.59
C ASP C 335 -11.24 -31.99 -32.11
N ARG C 336 -11.82 -30.99 -31.53
CA ARG C 336 -12.22 -31.07 -30.05
C ARG C 336 -13.28 -32.11 -29.60
N ALA C 337 -14.24 -32.38 -30.49
CA ALA C 337 -15.16 -33.54 -30.31
C ALA C 337 -14.34 -34.86 -30.38
N LEU C 338 -13.48 -34.95 -31.42
CA LEU C 338 -12.56 -36.09 -31.57
C LEU C 338 -11.60 -36.28 -30.34
N LEU C 339 -10.98 -35.20 -29.88
CA LEU C 339 -10.24 -35.22 -28.61
C LEU C 339 -11.11 -35.65 -27.42
N ALA C 340 -12.33 -35.11 -27.32
CA ALA C 340 -13.29 -35.54 -26.30
C ALA C 340 -13.51 -37.06 -26.33
N THR C 341 -13.76 -37.59 -27.54
CA THR C 341 -13.87 -39.04 -27.78
C THR C 341 -12.65 -39.82 -27.28
N TYR C 342 -11.46 -39.49 -27.81
CA TYR C 342 -10.23 -40.19 -27.41
C TYR C 342 -9.85 -40.07 -25.92
N ARG C 343 -10.25 -38.97 -25.27
CA ARG C 343 -10.03 -38.82 -23.82
C ARG C 343 -10.81 -39.85 -23.01
N ALA C 344 -12.04 -40.14 -23.43
CA ALA C 344 -12.87 -41.19 -22.84
C ALA C 344 -12.28 -42.59 -23.05
N ARG C 345 -11.81 -42.86 -24.26
CA ARG C 345 -11.08 -44.10 -24.55
C ARG C 345 -9.82 -44.27 -23.67
N ALA C 346 -9.06 -43.18 -23.49
CA ALA C 346 -7.86 -43.19 -22.65
C ALA C 346 -8.16 -43.47 -21.17
N LYS C 347 -9.24 -42.88 -20.68
CA LYS C 347 -9.72 -43.05 -19.31
C LYS C 347 -10.08 -44.53 -19.00
N SER C 348 -10.56 -45.27 -20.00
CA SER C 348 -10.83 -46.71 -19.82
C SER C 348 -9.55 -47.55 -19.91
N GLU C 349 -8.63 -47.11 -20.77
CA GLU C 349 -7.31 -47.72 -20.92
C GLU C 349 -6.44 -47.54 -19.66
N THR C 350 -6.66 -46.49 -18.88
CA THR C 350 -6.00 -46.32 -17.59
C THR C 350 -6.53 -47.32 -16.53
N ALA C 351 -7.86 -47.50 -16.49
CA ALA C 351 -8.47 -48.44 -15.54
C ALA C 351 -8.16 -49.90 -15.86
N SER C 352 -8.17 -50.26 -17.14
CA SER C 352 -7.93 -51.64 -17.57
C SER C 352 -6.46 -52.06 -17.80
N SER C 353 -5.59 -51.13 -18.22
CA SER C 353 -4.21 -51.45 -18.64
C SER C 353 -3.07 -50.68 -17.95
N LYS C 354 -3.40 -49.77 -17.03
CA LYS C 354 -2.42 -48.88 -16.37
C LYS C 354 -1.61 -48.00 -17.34
N VAL C 355 -2.24 -47.56 -18.42
CA VAL C 355 -1.61 -46.62 -19.36
C VAL C 355 -2.06 -45.20 -19.05
N LEU C 356 -1.11 -44.33 -18.70
CA LEU C 356 -1.37 -42.90 -18.49
C LEU C 356 -0.97 -42.10 -19.71
N PHE C 357 -1.74 -41.05 -19.99
CA PHE C 357 -1.48 -40.20 -21.16
C PHE C 357 -0.94 -38.82 -20.77
N GLY C 358 0.22 -38.47 -21.29
CA GLY C 358 0.83 -37.16 -20.99
C GLY C 358 1.62 -36.52 -22.13
N GLY C 359 2.10 -35.31 -21.90
CA GLY C 359 2.90 -34.61 -22.90
C GLY C 359 2.04 -33.98 -23.96
N ARG C 360 2.67 -33.43 -24.98
CA ARG C 360 1.94 -32.61 -25.94
C ARG C 360 1.15 -33.47 -26.89
N LEU C 361 1.75 -34.57 -27.33
CA LEU C 361 1.10 -35.52 -28.24
C LEU C 361 0.05 -36.38 -27.52
N GLY C 362 0.35 -36.81 -26.29
CA GLY C 362 -0.55 -37.69 -25.54
C GLY C 362 -1.85 -37.04 -25.11
N THR C 363 -1.90 -35.73 -25.31
CA THR C 363 -2.81 -34.84 -24.64
C THR C 363 -3.49 -33.86 -25.62
N TYR C 364 -2.88 -33.71 -26.80
CA TYR C 364 -3.34 -32.82 -27.90
C TYR C 364 -3.39 -31.35 -27.51
N GLN C 365 -2.23 -30.80 -27.17
CA GLN C 365 -2.09 -29.46 -26.61
C GLN C 365 -0.68 -29.01 -26.98
N TYR C 366 -0.45 -27.77 -27.36
CA TYR C 366 0.98 -27.30 -27.44
C TYR C 366 1.47 -27.10 -26.02
N LEU C 367 2.67 -27.59 -25.70
CA LEU C 367 3.29 -27.37 -24.40
C LEU C 367 4.72 -26.90 -24.58
N ASP C 368 5.06 -25.73 -24.04
CA ASP C 368 6.46 -25.34 -23.88
C ASP C 368 7.10 -26.30 -22.90
N MET C 369 8.43 -26.39 -22.98
CA MET C 369 9.28 -27.16 -22.09
C MET C 369 8.93 -27.02 -20.61
N HIS C 370 8.91 -25.79 -20.09
CA HIS C 370 8.62 -25.58 -18.67
C HIS C 370 7.21 -26.06 -18.28
N MET C 371 6.26 -26.02 -19.22
CA MET C 371 4.90 -26.44 -18.91
C MET C 371 4.83 -27.96 -18.97
N ALA C 372 5.58 -28.56 -19.90
CA ALA C 372 5.74 -30.01 -20.02
C ALA C 372 6.41 -30.63 -18.78
N ILE C 373 7.40 -29.93 -18.23
CA ILE C 373 8.09 -30.37 -17.02
C ILE C 373 7.21 -30.25 -15.77
N ALA C 374 6.55 -29.11 -15.61
CA ALA C 374 5.59 -28.91 -14.52
C ALA C 374 4.41 -29.90 -14.61
N SER C 375 3.98 -30.19 -15.82
CA SER C 375 2.90 -31.15 -16.06
C SER C 375 3.32 -32.53 -15.55
N ALA C 376 4.53 -32.94 -15.92
CA ALA C 376 5.10 -34.22 -15.48
C ALA C 376 5.29 -34.30 -13.96
N LEU C 377 5.87 -33.26 -13.37
CA LEU C 377 5.95 -33.13 -11.91
C LEU C 377 4.58 -33.27 -11.21
N ASN C 378 3.53 -32.73 -11.82
CA ASN C 378 2.16 -32.94 -11.37
C ASN C 378 1.66 -34.36 -11.54
N MET C 379 1.82 -34.92 -12.74
CA MET C 379 1.49 -36.33 -12.96
C MET C 379 2.21 -37.20 -11.91
N TYR C 380 3.49 -36.95 -11.69
CA TYR C 380 4.28 -37.68 -10.71
C TYR C 380 3.74 -37.56 -9.28
N ASP C 381 3.55 -36.33 -8.79
CA ASP C 381 3.09 -36.07 -7.41
C ASP C 381 1.70 -36.58 -7.06
N ASN C 382 0.78 -36.50 -8.03
CA ASN C 382 -0.64 -36.74 -7.81
C ASN C 382 -1.15 -38.07 -8.36
N VAL C 383 -0.53 -38.59 -9.42
CA VAL C 383 -1.00 -39.86 -10.04
C VAL C 383 -0.02 -41.05 -9.92
N LEU C 384 1.25 -40.83 -10.27
CA LEU C 384 2.23 -41.92 -10.39
C LEU C 384 2.92 -42.28 -9.08
N ALA C 385 3.38 -41.30 -8.31
CA ALA C 385 4.02 -41.57 -7.00
C ALA C 385 3.11 -42.29 -5.98
N PRO C 386 1.86 -41.81 -5.76
CA PRO C 386 0.92 -42.56 -4.91
C PRO C 386 0.67 -44.00 -5.35
N HIS C 387 0.52 -44.24 -6.65
CA HIS C 387 0.38 -45.62 -7.14
C HIS C 387 1.61 -46.51 -6.89
N LEU C 388 2.80 -46.06 -7.29
CA LEU C 388 4.02 -46.87 -7.24
C LEU C 388 4.60 -47.07 -5.84
N ARG C 389 4.48 -46.06 -5.00
CA ARG C 389 5.03 -46.10 -3.64
C ARG C 389 4.01 -46.67 -2.64
N ASP C 390 2.79 -46.13 -2.68
CA ASP C 390 1.72 -46.56 -1.80
C ASP C 390 0.92 -47.66 -2.51
N GLY C 391 -0.40 -47.54 -2.57
CA GLY C 391 -1.19 -48.57 -3.25
C GLY C 391 -2.18 -47.98 -4.22
N VAL C 392 -2.35 -46.67 -4.11
CA VAL C 392 -3.45 -45.92 -4.71
C VAL C 392 -3.73 -46.29 -6.18
N PRO C 393 -5.02 -46.57 -6.51
CA PRO C 393 -5.49 -46.63 -7.91
C PRO C 393 -4.95 -45.47 -8.76
N LEU C 394 -4.70 -45.73 -10.05
CA LEU C 394 -4.21 -44.70 -10.96
C LEU C 394 -5.29 -43.68 -11.35
N LEU C 395 -6.52 -44.14 -11.51
CA LEU C 395 -7.69 -43.29 -11.76
C LEU C 395 -7.92 -42.28 -10.62
N MET D 4 23.70 -30.65 27.15
CA MET D 4 22.80 -30.71 28.34
C MET D 4 21.40 -30.27 27.95
N THR D 5 20.41 -31.08 28.32
CA THR D 5 19.00 -30.76 28.07
C THR D 5 18.57 -29.62 28.97
N ALA D 6 17.98 -28.59 28.37
CA ALA D 6 17.47 -27.43 29.11
C ALA D 6 16.02 -27.58 29.56
N ARG D 7 15.70 -27.05 30.74
CA ARG D 7 14.34 -27.07 31.27
C ARG D 7 13.48 -25.98 30.62
N PHE D 8 14.08 -24.80 30.38
CA PHE D 8 13.40 -23.69 29.73
C PHE D 8 14.23 -23.03 28.64
N ASP D 9 13.55 -22.48 27.63
CA ASP D 9 14.20 -21.80 26.52
C ASP D 9 14.36 -20.31 26.79
N LEU D 10 13.51 -19.77 27.67
CA LEU D 10 13.48 -18.34 28.00
C LEU D 10 12.93 -18.09 29.39
N PHE D 11 13.49 -17.12 30.11
CA PHE D 11 12.88 -16.68 31.38
C PHE D 11 12.32 -15.28 31.21
N VAL D 12 11.11 -15.08 31.71
CA VAL D 12 10.51 -13.75 31.65
C VAL D 12 10.29 -13.27 33.08
N VAL D 13 10.88 -12.15 33.45
CA VAL D 13 10.65 -11.61 34.77
C VAL D 13 9.56 -10.54 34.70
N GLY D 14 8.38 -10.87 35.22
CA GLY D 14 7.27 -9.91 35.28
C GLY D 14 6.16 -10.33 34.36
N SER D 15 4.93 -10.39 34.89
CA SER D 15 3.77 -10.75 34.06
C SER D 15 2.85 -9.57 33.70
N GLY D 16 3.41 -8.37 33.55
CA GLY D 16 2.67 -7.25 32.97
C GLY D 16 2.44 -7.49 31.49
N PHE D 17 1.86 -6.52 30.79
CA PHE D 17 1.63 -6.64 29.34
C PHE D 17 2.89 -6.81 28.51
N PHE D 18 3.99 -6.19 28.94
CA PHE D 18 5.26 -6.37 28.25
C PHE D 18 5.72 -7.82 28.36
N GLY D 19 5.94 -8.29 29.59
CA GLY D 19 6.32 -9.67 29.80
C GLY D 19 5.46 -10.71 29.08
N LEU D 20 4.15 -10.57 29.15
CA LEU D 20 3.23 -11.56 28.59
C LEU D 20 3.21 -11.55 27.06
N THR D 21 3.51 -10.39 26.46
CA THR D 21 3.63 -10.28 25.01
C THR D 21 4.89 -11.04 24.51
N ILE D 22 6.01 -10.86 25.20
CA ILE D 22 7.24 -11.62 24.96
C ILE D 22 7.03 -13.14 25.14
N ALA D 23 6.62 -13.54 26.34
CA ALA D 23 6.23 -14.93 26.62
C ALA D 23 5.29 -15.56 25.58
N GLU D 24 4.24 -14.85 25.16
CA GLU D 24 3.33 -15.45 24.16
C GLU D 24 3.93 -15.58 22.75
N ARG D 25 4.74 -14.62 22.31
CA ARG D 25 5.25 -14.68 20.94
C ARG D 25 6.29 -15.78 20.83
N VAL D 26 7.25 -15.77 21.77
CA VAL D 26 8.24 -16.83 21.89
C VAL D 26 7.62 -18.24 21.99
N ALA D 27 6.69 -18.46 22.91
CA ALA D 27 6.06 -19.79 23.08
C ALA D 27 5.29 -20.27 21.84
N THR D 28 4.58 -19.34 21.23
CA THR D 28 3.59 -19.64 20.20
C THR D 28 4.14 -19.58 18.78
N GLN D 29 5.16 -18.75 18.57
CA GLN D 29 5.69 -18.53 17.22
C GLN D 29 6.98 -19.31 16.98
N LEU D 30 7.76 -19.50 18.03
CA LEU D 30 9.05 -20.18 17.94
C LEU D 30 8.97 -21.60 18.47
N ASP D 31 7.86 -21.92 19.15
CA ASP D 31 7.69 -23.22 19.81
C ASP D 31 8.78 -23.43 20.86
N LYS D 32 8.83 -22.52 21.83
CA LYS D 32 9.78 -22.62 22.95
C LYS D 32 9.03 -22.76 24.28
N ARG D 33 9.72 -23.25 25.30
CA ARG D 33 9.17 -23.26 26.65
C ARG D 33 9.67 -22.02 27.36
N VAL D 34 8.72 -21.30 27.95
CA VAL D 34 8.99 -20.03 28.61
C VAL D 34 8.54 -20.13 30.07
N LEU D 35 9.38 -19.69 30.99
CA LEU D 35 8.95 -19.55 32.40
C LEU D 35 8.79 -18.08 32.75
N VAL D 36 7.59 -17.71 33.22
CA VAL D 36 7.30 -16.34 33.67
C VAL D 36 7.36 -16.31 35.19
N LEU D 37 8.20 -15.44 35.74
CA LEU D 37 8.26 -15.28 37.20
C LEU D 37 7.60 -13.99 37.60
N GLU D 38 6.59 -14.09 38.46
CA GLU D 38 5.86 -12.91 38.92
C GLU D 38 5.90 -12.81 40.44
N ARG D 39 6.36 -11.67 40.98
CA ARG D 39 6.49 -11.53 42.45
C ARG D 39 5.19 -11.27 43.24
N ARG D 40 4.18 -10.74 42.57
CA ARG D 40 2.87 -10.51 43.17
C ARG D 40 2.04 -11.78 43.23
N PRO D 41 0.88 -11.77 43.92
CA PRO D 41 0.05 -12.98 43.97
C PRO D 41 -0.83 -13.21 42.75
N HIS D 42 -0.73 -12.36 41.72
CA HIS D 42 -1.58 -12.46 40.52
C HIS D 42 -0.79 -12.02 39.27
N ILE D 43 -1.25 -12.41 38.08
CA ILE D 43 -0.64 -11.90 36.82
C ILE D 43 -1.21 -10.56 36.39
N GLY D 44 -0.51 -9.88 35.49
CA GLY D 44 -1.07 -8.71 34.81
C GLY D 44 -0.37 -7.42 35.10
N GLY D 45 0.42 -7.41 36.18
CA GLY D 45 1.04 -6.20 36.65
C GLY D 45 -0.08 -5.24 37.03
N ASN D 46 0.06 -3.99 36.63
CA ASN D 46 -0.88 -2.99 37.06
C ASN D 46 -2.20 -3.01 36.33
N ALA D 47 -2.29 -3.83 35.29
CA ALA D 47 -3.52 -3.95 34.52
C ALA D 47 -4.41 -5.05 35.11
N TYR D 48 -4.11 -5.51 36.30
CA TYR D 48 -4.89 -6.58 36.92
C TYR D 48 -6.28 -6.11 37.36
N SER D 49 -7.30 -6.91 37.07
CA SER D 49 -8.64 -6.55 37.50
C SER D 49 -9.31 -7.70 38.24
N GLU D 50 -10.22 -7.36 39.14
CA GLU D 50 -10.85 -8.33 40.04
C GLU D 50 -12.28 -7.85 40.29
N ALA D 51 -13.22 -8.78 40.42
CA ALA D 51 -14.59 -8.41 40.76
C ALA D 51 -14.66 -8.05 42.24
N GLU D 52 -15.35 -6.97 42.56
CA GLU D 52 -15.65 -6.63 43.96
C GLU D 52 -16.75 -7.60 44.46
N PRO D 53 -16.56 -8.20 45.65
CA PRO D 53 -17.44 -9.28 46.19
C PRO D 53 -18.92 -8.94 46.45
N GLN D 54 -19.21 -7.81 47.10
CA GLN D 54 -20.61 -7.40 47.38
C GLN D 54 -21.43 -7.05 46.13
N THR D 55 -20.79 -6.49 45.11
CA THR D 55 -21.49 -6.01 43.91
C THR D 55 -21.30 -6.91 42.66
N GLY D 56 -20.14 -7.56 42.56
CA GLY D 56 -19.77 -8.27 41.35
C GLY D 56 -19.17 -7.34 40.30
N ILE D 57 -19.04 -6.05 40.63
CA ILE D 57 -18.53 -5.07 39.69
C ILE D 57 -17.01 -5.19 39.54
N GLU D 58 -16.53 -5.33 38.30
CA GLU D 58 -15.10 -5.45 38.00
C GLU D 58 -14.36 -4.15 38.26
N VAL D 59 -13.29 -4.25 39.04
CA VAL D 59 -12.53 -3.12 39.55
C VAL D 59 -11.10 -3.23 39.01
N HIS D 60 -10.58 -2.14 38.45
CA HIS D 60 -9.20 -2.05 38.08
C HIS D 60 -8.39 -1.75 39.36
N LYS D 61 -7.64 -2.76 39.81
CA LYS D 61 -7.01 -2.76 41.13
C LYS D 61 -5.96 -1.66 41.33
N TYR D 62 -5.36 -1.23 40.23
CA TYR D 62 -4.29 -0.24 40.29
C TYR D 62 -4.61 0.98 39.45
N GLY D 63 -5.88 1.38 39.47
CA GLY D 63 -6.30 2.59 38.79
C GLY D 63 -6.92 2.19 37.49
N ALA D 64 -7.78 3.06 36.96
CA ALA D 64 -8.50 2.79 35.72
C ALA D 64 -7.56 2.54 34.53
N HIS D 65 -7.84 1.47 33.80
CA HIS D 65 -7.09 1.12 32.62
C HIS D 65 -7.98 1.18 31.37
N LEU D 66 -7.70 2.15 30.51
CA LEU D 66 -8.48 2.41 29.33
C LEU D 66 -7.59 2.11 28.12
N PHE D 67 -8.06 1.24 27.21
CA PHE D 67 -7.21 0.78 26.10
C PHE D 67 -7.48 1.56 24.83
N HIS D 68 -6.40 1.96 24.15
CA HIS D 68 -6.50 2.73 22.91
C HIS D 68 -5.17 2.63 22.15
N THR D 69 -5.26 2.66 20.82
CA THR D 69 -4.09 2.62 19.91
C THR D 69 -4.48 3.09 18.49
N SER D 70 -3.51 3.57 17.73
CA SER D 70 -3.66 3.76 16.29
C SER D 70 -2.73 2.79 15.56
N ASN D 71 -2.12 1.87 16.31
CA ASN D 71 -1.23 0.86 15.73
C ASN D 71 -2.06 -0.37 15.33
N LYS D 72 -2.21 -0.57 14.02
CA LYS D 72 -3.13 -1.59 13.52
C LYS D 72 -2.61 -3.00 13.82
N ARG D 73 -1.29 -3.12 13.91
CA ARG D 73 -0.67 -4.39 14.29
C ARG D 73 -0.99 -4.77 15.73
N VAL D 74 -0.90 -3.80 16.64
CA VAL D 74 -1.23 -4.00 18.05
C VAL D 74 -2.71 -4.36 18.19
N TRP D 75 -3.58 -3.57 17.54
CA TRP D 75 -5.02 -3.81 17.50
C TRP D 75 -5.38 -5.22 17.05
N ASP D 76 -4.85 -5.66 15.91
CA ASP D 76 -4.99 -7.05 15.45
C ASP D 76 -4.46 -8.11 16.45
N TYR D 77 -3.32 -7.81 17.07
CA TYR D 77 -2.69 -8.72 18.01
C TYR D 77 -3.56 -8.94 19.28
N VAL D 78 -4.07 -7.86 19.86
CA VAL D 78 -4.78 -7.96 21.14
C VAL D 78 -6.13 -8.62 21.02
N ARG D 79 -6.78 -8.47 19.87
CA ARG D 79 -8.06 -9.13 19.60
C ARG D 79 -7.93 -10.62 19.34
N GLN D 80 -6.71 -11.16 19.53
CA GLN D 80 -6.51 -12.61 19.56
C GLN D 80 -6.94 -13.19 20.90
N PHE D 81 -6.92 -12.36 21.94
CA PHE D 81 -7.06 -12.80 23.34
C PHE D 81 -8.35 -12.29 24.03
N THR D 82 -9.02 -11.34 23.39
CA THR D 82 -10.19 -10.65 23.96
C THR D 82 -10.99 -9.97 22.86
N ASP D 83 -12.29 -9.78 23.09
CA ASP D 83 -13.05 -8.80 22.34
C ASP D 83 -12.98 -7.44 23.05
N PHE D 84 -13.34 -6.38 22.32
CA PHE D 84 -13.39 -5.06 22.88
C PHE D 84 -14.78 -4.48 22.71
N THR D 85 -15.14 -3.73 23.72
CA THR D 85 -16.43 -3.11 23.93
C THR D 85 -16.40 -1.79 23.12
N ASP D 86 -17.52 -1.11 22.95
CA ASP D 86 -17.51 0.17 22.22
C ASP D 86 -17.42 1.43 23.12
N TYR D 87 -16.76 1.27 24.25
CA TYR D 87 -16.57 2.34 25.20
C TYR D 87 -15.71 3.45 24.60
N ARG D 88 -16.11 4.71 24.81
CA ARG D 88 -15.26 5.85 24.46
C ARG D 88 -15.05 6.75 25.69
N HIS D 89 -13.79 6.90 26.07
CA HIS D 89 -13.48 7.54 27.33
C HIS D 89 -13.75 9.04 27.24
N ARG D 90 -14.41 9.53 28.29
CA ARG D 90 -14.64 10.95 28.55
C ARG D 90 -14.36 11.19 30.01
N VAL D 91 -13.76 12.33 30.31
CA VAL D 91 -13.34 12.72 31.66
C VAL D 91 -14.01 14.06 32.05
N PHE D 92 -14.37 14.23 33.32
CA PHE D 92 -14.92 15.49 33.85
C PHE D 92 -14.02 15.99 34.99
N ALA D 93 -14.03 17.31 35.23
CA ALA D 93 -13.21 17.94 36.30
C ALA D 93 -14.10 18.66 37.31
N MET D 94 -13.90 18.40 38.57
CA MET D 94 -14.59 19.13 39.62
C MET D 94 -13.70 20.30 40.06
N HIS D 95 -14.25 21.50 40.00
CA HIS D 95 -13.52 22.68 40.46
C HIS D 95 -14.49 23.61 41.11
N ASN D 96 -14.28 23.83 42.40
CA ASN D 96 -15.11 24.73 43.21
C ASN D 96 -16.60 24.43 43.18
N GLY D 97 -16.94 23.16 43.40
CA GLY D 97 -18.32 22.77 43.61
C GLY D 97 -19.08 22.59 42.32
N GLN D 98 -18.36 22.67 41.21
CA GLN D 98 -18.96 22.61 39.88
C GLN D 98 -18.20 21.64 38.99
N ALA D 99 -18.94 20.84 38.21
CA ALA D 99 -18.34 19.89 37.27
C ALA D 99 -18.19 20.49 35.88
N TYR D 100 -17.02 20.28 35.27
CA TYR D 100 -16.70 20.86 33.96
C TYR D 100 -16.40 19.84 32.89
N GLN D 101 -16.73 20.15 31.64
CA GLN D 101 -16.27 19.34 30.49
C GLN D 101 -14.75 19.40 30.42
N PHE D 102 -14.14 18.29 30.08
CA PHE D 102 -12.71 18.16 30.11
C PHE D 102 -12.40 17.24 28.95
N PRO D 103 -11.22 17.38 28.32
CA PRO D 103 -10.14 18.38 28.59
C PRO D 103 -10.54 19.83 28.22
N MET D 104 -9.66 20.79 28.48
CA MET D 104 -9.90 22.19 28.09
C MET D 104 -10.25 22.36 26.62
N GLY D 105 -11.35 23.02 26.37
CA GLY D 105 -11.93 23.15 25.03
C GLY D 105 -13.04 24.16 25.14
N LEU D 106 -13.84 24.31 24.08
CA LEU D 106 -14.91 25.30 24.11
C LEU D 106 -15.89 25.10 25.26
N GLY D 107 -16.21 23.86 25.60
CA GLY D 107 -17.10 23.55 26.74
C GLY D 107 -16.68 24.10 28.09
N LEU D 108 -15.51 23.67 28.56
CA LEU D 108 -14.92 24.19 29.81
C LEU D 108 -14.77 25.73 29.80
N VAL D 109 -14.28 26.28 28.68
CA VAL D 109 -14.02 27.74 28.55
C VAL D 109 -15.31 28.55 28.69
N SER D 110 -16.34 28.18 27.96
CA SER D 110 -17.62 28.85 28.09
C SER D 110 -18.24 28.68 29.47
N GLN D 111 -18.13 27.48 30.04
CA GLN D 111 -18.56 27.24 31.42
C GLN D 111 -17.83 28.08 32.47
N PHE D 112 -16.49 28.10 32.38
CA PHE D 112 -15.62 28.80 33.34
C PHE D 112 -15.81 30.30 33.25
N PHE D 113 -15.73 30.83 32.03
CA PHE D 113 -15.89 32.26 31.81
C PHE D 113 -17.36 32.76 31.76
N GLY D 114 -18.34 31.86 31.76
CA GLY D 114 -19.75 32.27 31.90
C GLY D 114 -20.47 32.80 30.66
N LYS D 115 -19.92 32.53 29.48
CA LYS D 115 -20.53 32.89 28.19
C LYS D 115 -19.88 32.09 27.09
N TYR D 116 -20.58 31.99 25.96
CA TYR D 116 -20.10 31.23 24.81
C TYR D 116 -19.01 31.96 24.02
N PHE D 117 -17.89 31.29 23.82
CA PHE D 117 -16.82 31.77 22.94
C PHE D 117 -16.75 30.93 21.67
N THR D 118 -16.84 31.63 20.56
CA THR D 118 -16.65 31.11 19.24
C THR D 118 -15.25 30.50 19.15
N PRO D 119 -15.06 29.49 18.26
CA PRO D 119 -13.69 29.00 18.07
C PRO D 119 -12.62 30.11 17.95
N GLU D 120 -12.83 31.14 17.14
CA GLU D 120 -11.86 32.23 16.97
C GLU D 120 -11.77 33.14 18.22
N GLN D 121 -12.92 33.50 18.80
CA GLN D 121 -12.98 34.22 20.09
C GLN D 121 -12.31 33.49 21.25
N ALA D 122 -12.31 32.17 21.20
CA ALA D 122 -11.56 31.35 22.15
C ALA D 122 -10.07 31.32 21.86
N ARG D 123 -9.69 31.21 20.57
CA ARG D 123 -8.26 31.30 20.20
C ARG D 123 -7.65 32.61 20.71
N GLN D 124 -8.41 33.69 20.54
CA GLN D 124 -8.00 35.02 20.94
C GLN D 124 -8.00 35.21 22.46
N LEU D 125 -9.03 34.71 23.14
CA LEU D 125 -9.07 34.76 24.60
C LEU D 125 -7.83 34.08 25.23
N ILE D 126 -7.51 32.87 24.75
CA ILE D 126 -6.37 32.12 25.28
C ILE D 126 -5.03 32.83 24.98
N ALA D 127 -4.90 33.41 23.78
CA ALA D 127 -3.67 34.11 23.38
C ALA D 127 -3.42 35.39 24.20
N GLU D 128 -4.50 36.07 24.61
CA GLU D 128 -4.39 37.26 25.46
C GLU D 128 -3.93 36.91 26.87
N GLN D 129 -4.58 35.92 27.49
CA GLN D 129 -4.31 35.55 28.88
C GLN D 129 -2.91 34.93 29.06
N ALA D 130 -2.55 34.10 28.08
CA ALA D 130 -1.20 33.50 28.01
C ALA D 130 -0.11 34.54 27.74
N ALA D 131 -0.47 35.68 27.16
CA ALA D 131 0.50 36.76 26.88
C ALA D 131 1.10 37.33 28.17
N GLU D 132 0.43 37.07 29.30
CA GLU D 132 0.84 37.62 30.60
C GLU D 132 2.26 37.21 30.98
N ILE D 133 2.64 36.02 30.56
CA ILE D 133 4.00 35.49 30.81
C ILE D 133 4.53 34.98 29.45
N ASP D 134 5.80 35.28 29.12
CA ASP D 134 6.43 34.77 27.89
C ASP D 134 7.06 33.40 28.13
N THR D 135 6.68 32.42 27.28
CA THR D 135 7.13 31.00 27.39
C THR D 135 8.68 30.85 27.49
N ALA D 136 9.41 31.62 26.67
CA ALA D 136 10.87 31.58 26.67
C ALA D 136 11.44 32.04 28.01
N ASP D 137 10.71 32.95 28.67
CA ASP D 137 11.17 33.52 29.94
C ASP D 137 10.42 32.90 31.13
N GLU D 142 2.74 30.61 38.09
CA GLU D 142 3.58 29.57 38.66
C GLU D 142 3.91 28.48 37.63
N GLU D 143 4.11 28.93 36.37
CA GLU D 143 4.97 28.23 35.38
C GLU D 143 5.25 28.84 33.95
N LYS D 144 5.85 27.90 33.15
CA LYS D 144 5.57 27.72 31.74
C LYS D 144 4.04 27.51 31.46
N ALA D 145 3.27 27.07 32.46
CA ALA D 145 1.84 26.76 32.24
C ALA D 145 1.05 28.03 31.93
N ILE D 146 1.21 29.03 32.81
CA ILE D 146 0.63 30.37 32.64
C ILE D 146 0.93 30.95 31.26
N SER D 147 2.15 30.73 30.78
CA SER D 147 2.59 31.25 29.49
C SER D 147 1.95 30.53 28.31
N LEU D 148 1.26 29.43 28.59
CA LEU D 148 0.62 28.66 27.54
C LEU D 148 -0.89 28.82 27.56
N ILE D 149 -1.50 28.74 28.74
CA ILE D 149 -2.97 28.80 28.87
C ILE D 149 -3.52 30.02 29.63
N GLY D 150 -2.63 30.80 30.24
CA GLY D 150 -3.02 31.97 31.05
C GLY D 150 -3.26 31.62 32.51
N ARG D 151 -3.19 32.62 33.38
CA ARG D 151 -3.34 32.44 34.84
C ARG D 151 -4.70 31.87 35.33
N PRO D 152 -5.84 32.40 34.84
CA PRO D 152 -7.16 31.89 35.26
C PRO D 152 -7.39 30.39 35.08
N LEU D 153 -7.19 29.87 33.87
CA LEU D 153 -7.35 28.43 33.62
C LEU D 153 -6.30 27.62 34.34
N TYR D 154 -5.08 28.15 34.41
CA TYR D 154 -4.00 27.55 35.21
C TYR D 154 -4.34 27.38 36.70
N GLU D 155 -4.77 28.45 37.35
CA GLU D 155 -5.07 28.44 38.78
C GLU D 155 -6.32 27.63 39.12
N ALA D 156 -7.16 27.40 38.12
CA ALA D 156 -8.39 26.62 38.31
C ALA D 156 -8.18 25.13 38.07
N PHE D 157 -7.55 24.78 36.95
CA PHE D 157 -7.52 23.40 36.45
C PHE D 157 -6.15 22.71 36.38
N VAL D 158 -5.06 23.43 36.56
CA VAL D 158 -3.72 22.84 36.44
C VAL D 158 -2.90 22.91 37.75
N LYS D 159 -2.95 24.06 38.43
CA LYS D 159 -2.18 24.32 39.65
C LYS D 159 -2.45 23.32 40.78
N GLY D 160 -3.73 23.12 41.13
CA GLY D 160 -4.10 22.25 42.23
C GLY D 160 -3.88 20.77 41.95
N TYR D 161 -4.10 20.39 40.69
CA TYR D 161 -4.00 19.00 40.27
C TYR D 161 -2.54 18.55 40.17
N THR D 162 -1.71 19.38 39.57
CA THR D 162 -0.27 19.15 39.53
C THR D 162 0.32 19.10 40.93
N ALA D 163 -0.06 20.02 41.81
CA ALA D 163 0.43 20.01 43.19
C ALA D 163 0.13 18.70 43.92
N LYS D 164 -1.09 18.17 43.76
CA LYS D 164 -1.45 16.88 44.37
C LYS D 164 -0.69 15.72 43.73
N GLN D 165 -0.57 15.72 42.41
CA GLN D 165 0.18 14.69 41.70
C GLN D 165 1.61 14.60 42.18
N TRP D 166 2.25 15.76 42.31
CA TRP D 166 3.69 15.82 42.57
C TRP D 166 4.06 15.99 44.02
N GLN D 167 3.06 16.29 44.86
CA GLN D 167 3.21 16.62 46.28
C GLN D 167 4.20 17.77 46.51
N THR D 168 4.29 18.64 45.50
CA THR D 168 5.15 19.81 45.55
C THR D 168 4.37 21.02 45.02
N ASP D 169 4.72 22.19 45.54
CA ASP D 169 4.32 23.50 45.04
C ASP D 169 4.73 23.61 43.57
N PRO D 170 3.78 23.94 42.67
CA PRO D 170 4.15 23.96 41.25
C PRO D 170 5.22 25.00 40.90
N LYS D 171 5.31 26.08 41.70
CA LYS D 171 6.44 27.04 41.62
C LYS D 171 7.83 26.37 41.55
N GLU D 172 7.97 25.20 42.18
CA GLU D 172 9.28 24.55 42.37
C GLU D 172 9.64 23.38 41.43
N LEU D 173 8.69 22.94 40.59
CA LEU D 173 8.92 21.91 39.56
C LEU D 173 9.57 22.54 38.32
N PRO D 174 10.33 21.74 37.52
CA PRO D 174 10.99 22.34 36.35
C PRO D 174 10.04 22.76 35.21
N ALA D 175 10.36 23.88 34.56
CA ALA D 175 9.61 24.39 33.41
C ALA D 175 9.65 23.43 32.22
N ALA D 176 10.74 22.68 32.11
CA ALA D 176 10.90 21.60 31.15
C ALA D 176 9.77 20.55 31.26
N ASN D 177 9.18 20.41 32.44
CA ASN D 177 8.10 19.44 32.72
C ASN D 177 6.89 19.48 31.79
N ILE D 178 6.58 20.65 31.25
CA ILE D 178 5.48 20.82 30.30
C ILE D 178 6.08 21.34 28.99
N THR D 179 5.66 20.77 27.87
CA THR D 179 6.05 21.28 26.54
C THR D 179 4.87 22.00 25.88
N ARG D 180 3.72 21.34 25.90
CA ARG D 180 2.48 21.89 25.36
C ARG D 180 1.39 21.83 26.41
N LEU D 181 0.47 22.77 26.31
CA LEU D 181 -0.73 22.74 27.11
C LEU D 181 -1.85 23.21 26.16
N PRO D 182 -2.31 22.30 25.26
CA PRO D 182 -3.28 22.68 24.22
C PRO D 182 -4.70 22.92 24.76
N VAL D 183 -5.37 23.89 24.16
CA VAL D 183 -6.79 24.04 24.38
C VAL D 183 -7.46 23.63 23.07
N ARG D 184 -8.54 22.86 23.16
CA ARG D 184 -9.26 22.49 21.94
C ARG D 184 -10.17 23.62 21.53
N TYR D 185 -10.13 24.02 20.25
CA TYR D 185 -11.01 25.08 19.78
C TYR D 185 -12.26 24.53 19.09
N THR D 186 -12.83 23.53 19.75
CA THR D 186 -13.92 22.72 19.24
C THR D 186 -14.71 22.26 20.49
N PHE D 187 -15.94 21.79 20.32
CA PHE D 187 -16.69 21.09 21.41
C PHE D 187 -16.37 19.57 21.64
N ASP D 188 -15.44 19.02 20.86
CA ASP D 188 -15.07 17.61 21.00
C ASP D 188 -14.40 17.29 22.36
N ASN D 189 -15.06 16.49 23.19
CA ASN D 189 -14.54 16.10 24.51
C ASN D 189 -14.22 14.59 24.63
N ARG D 190 -13.98 13.95 23.50
CA ARG D 190 -13.49 12.58 23.49
C ARG D 190 -12.05 12.68 23.97
N TYR D 191 -11.74 11.91 25.02
CA TYR D 191 -10.46 12.06 25.73
C TYR D 191 -9.24 11.67 24.90
N PHE D 192 -9.33 10.52 24.23
CA PHE D 192 -8.25 9.96 23.41
C PHE D 192 -8.46 10.25 21.94
N SER D 193 -7.37 10.37 21.20
CA SER D 193 -7.44 10.75 19.79
C SER D 193 -6.99 9.64 18.83
N ASP D 194 -6.87 8.42 19.35
CA ASP D 194 -6.45 7.26 18.57
C ASP D 194 -7.59 6.60 17.80
N THR D 195 -7.24 5.81 16.79
CA THR D 195 -8.19 5.15 15.87
C THR D 195 -9.08 4.09 16.54
N TYR D 196 -8.50 3.28 17.44
CA TYR D 196 -9.23 2.17 18.11
C TYR D 196 -9.22 2.35 19.60
N GLU D 197 -10.34 2.01 20.22
CA GLU D 197 -10.52 2.28 21.63
C GLU D 197 -11.53 1.28 22.15
N GLY D 198 -11.43 0.93 23.43
CA GLY D 198 -12.44 0.08 24.03
C GLY D 198 -11.96 -0.56 25.30
N LEU D 199 -12.89 -1.20 25.99
CA LEU D 199 -12.54 -2.03 27.13
C LEU D 199 -12.62 -3.52 26.81
N PRO D 200 -11.72 -4.33 27.39
CA PRO D 200 -11.89 -5.78 27.21
C PRO D 200 -13.26 -6.25 27.71
N THR D 201 -14.02 -6.91 26.84
CA THR D 201 -15.39 -7.35 27.16
C THR D 201 -15.48 -8.21 28.42
N ASP D 202 -14.58 -9.21 28.53
CA ASP D 202 -14.56 -10.11 29.69
C ASP D 202 -13.61 -9.64 30.82
N GLY D 203 -13.01 -8.47 30.64
CA GLY D 203 -12.12 -7.88 31.63
C GLY D 203 -10.64 -8.06 31.34
N TYR D 204 -9.81 -7.40 32.13
CA TYR D 204 -8.38 -7.40 31.89
C TYR D 204 -7.71 -8.71 32.30
N THR D 205 -8.07 -9.21 33.47
CA THR D 205 -7.60 -10.48 33.96
C THR D 205 -7.89 -11.65 32.98
N ALA D 206 -9.10 -11.74 32.47
CA ALA D 206 -9.43 -12.74 31.45
C ALA D 206 -8.51 -12.59 30.22
N TRP D 207 -8.20 -11.37 29.85
CA TRP D 207 -7.38 -11.09 28.68
C TRP D 207 -5.96 -11.58 28.95
N LEU D 208 -5.42 -11.23 30.10
CA LEU D 208 -4.04 -11.55 30.47
C LEU D 208 -3.81 -13.08 30.60
N GLN D 209 -4.75 -13.79 31.21
CA GLN D 209 -4.73 -15.26 31.30
C GLN D 209 -4.69 -15.95 29.93
N ASN D 210 -5.53 -15.49 28.99
CA ASN D 210 -5.51 -16.02 27.63
C ASN D 210 -4.17 -15.84 26.96
N MET D 211 -3.47 -14.76 27.29
CA MET D 211 -2.11 -14.56 26.81
C MET D 211 -1.10 -15.57 27.37
N ALA D 212 -1.36 -16.09 28.56
CA ALA D 212 -0.43 -16.99 29.23
C ALA D 212 -0.92 -18.44 29.12
N ALA D 213 -2.05 -18.62 28.43
CA ALA D 213 -2.78 -19.88 28.41
C ALA D 213 -2.05 -21.06 27.77
N ASP D 214 -1.31 -20.80 26.70
CA ASP D 214 -0.60 -21.87 25.95
C ASP D 214 0.21 -22.73 26.94
N HIS D 215 0.39 -24.01 26.61
CA HIS D 215 0.99 -24.96 27.56
C HIS D 215 2.49 -24.79 27.73
N ARG D 216 3.13 -24.10 26.77
CA ARG D 216 4.56 -23.85 26.79
C ARG D 216 4.93 -22.68 27.69
N ILE D 217 3.92 -22.00 28.25
CA ILE D 217 4.13 -20.86 29.15
C ILE D 217 3.84 -21.29 30.57
N GLU D 218 4.84 -21.25 31.45
CA GLU D 218 4.57 -21.48 32.86
C GLU D 218 4.74 -20.16 33.57
N VAL D 219 3.79 -19.86 34.46
CA VAL D 219 3.81 -18.68 35.30
C VAL D 219 3.98 -19.13 36.73
N ARG D 220 4.96 -18.57 37.42
CA ARG D 220 5.15 -18.80 38.84
C ARG D 220 4.80 -17.53 39.56
N LEU D 221 3.76 -17.57 40.39
CA LEU D 221 3.33 -16.40 41.15
C LEU D 221 4.03 -16.39 42.51
N ASN D 222 4.03 -15.23 43.18
CA ASN D 222 4.65 -15.09 44.51
C ASN D 222 6.13 -15.40 44.50
N THR D 223 6.78 -15.17 43.36
CA THR D 223 8.15 -15.61 43.13
C THR D 223 8.96 -14.42 42.66
N ASP D 224 9.87 -13.96 43.51
CA ASP D 224 10.83 -12.91 43.15
C ASP D 224 12.02 -13.50 42.38
N TRP D 225 12.25 -13.00 41.18
CA TRP D 225 13.39 -13.41 40.35
C TRP D 225 14.70 -13.46 41.14
N PHE D 226 14.94 -12.45 41.97
CA PHE D 226 16.20 -12.39 42.74
C PHE D 226 16.30 -13.46 43.81
N ASP D 227 15.18 -14.12 44.13
CA ASP D 227 15.19 -15.26 45.05
C ASP D 227 15.48 -16.61 44.38
N VAL D 228 15.21 -16.70 43.08
CA VAL D 228 15.22 -17.97 42.35
C VAL D 228 16.20 -18.03 41.15
N ARG D 229 16.77 -16.89 40.75
CA ARG D 229 17.64 -16.83 39.55
C ARG D 229 18.82 -17.82 39.63
N GLY D 230 19.36 -18.00 40.84
CA GLY D 230 20.53 -18.86 41.09
C GLY D 230 20.21 -20.33 40.93
N GLN D 231 19.02 -20.72 41.38
CA GLN D 231 18.60 -22.12 41.28
C GLN D 231 18.01 -22.51 39.91
N LEU D 232 17.72 -21.52 39.06
CA LEU D 232 16.97 -21.72 37.80
C LEU D 232 17.83 -21.73 36.56
N ARG D 233 18.78 -20.79 36.49
CA ARG D 233 19.63 -20.61 35.33
C ARG D 233 20.58 -21.77 34.98
N PRO D 234 21.23 -22.40 36.00
CA PRO D 234 22.16 -23.52 35.71
C PRO D 234 21.53 -24.70 34.97
N GLY D 235 20.21 -24.85 35.11
CA GLY D 235 19.47 -25.95 34.51
C GLY D 235 18.98 -25.62 33.12
N SER D 236 19.10 -24.34 32.74
CA SER D 236 18.77 -23.84 31.40
C SER D 236 19.82 -22.77 31.02
N PRO D 237 21.11 -23.16 30.96
CA PRO D 237 22.20 -22.17 30.88
C PRO D 237 22.08 -21.22 29.71
N ALA D 238 21.55 -21.69 28.58
CA ALA D 238 21.51 -20.88 27.37
C ALA D 238 20.26 -19.98 27.18
N ALA D 239 19.25 -20.16 28.05
CA ALA D 239 18.05 -19.30 28.06
C ALA D 239 18.40 -17.85 28.36
N PRO D 240 17.95 -16.90 27.51
CA PRO D 240 18.08 -15.49 27.87
C PRO D 240 17.03 -15.08 28.92
N VAL D 241 17.21 -13.91 29.51
CA VAL D 241 16.28 -13.41 30.51
C VAL D 241 15.70 -12.08 30.03
N VAL D 242 14.38 -12.01 29.92
CA VAL D 242 13.71 -10.73 29.71
C VAL D 242 13.24 -10.20 31.07
N TYR D 243 13.95 -9.17 31.54
CA TYR D 243 13.76 -8.58 32.85
C TYR D 243 12.95 -7.29 32.74
N THR D 244 11.71 -7.33 33.20
CA THR D 244 10.87 -6.14 33.17
C THR D 244 10.60 -5.62 34.58
N GLY D 245 11.51 -5.84 35.52
CA GLY D 245 11.36 -5.26 36.86
C GLY D 245 12.19 -4.00 37.03
N PRO D 246 12.21 -3.42 38.25
CA PRO D 246 12.92 -2.15 38.41
C PRO D 246 14.41 -2.24 38.02
N LEU D 247 14.88 -1.25 37.25
CA LEU D 247 16.25 -1.21 36.75
C LEU D 247 17.27 -0.99 37.85
N ASP D 248 16.99 -0.03 38.75
CA ASP D 248 17.91 0.28 39.87
C ASP D 248 18.02 -0.87 40.86
N ARG D 249 16.91 -1.60 41.03
CA ARG D 249 16.84 -2.80 41.87
C ARG D 249 17.68 -3.97 41.31
N TYR D 250 17.62 -4.17 39.99
CA TYR D 250 18.47 -5.20 39.35
C TYR D 250 19.92 -5.11 39.80
N PHE D 251 20.47 -3.90 39.87
CA PHE D 251 21.88 -3.67 40.26
C PHE D 251 22.01 -3.25 41.72
N ASP D 252 21.10 -3.80 42.54
CA ASP D 252 21.11 -3.70 44.01
C ASP D 252 21.15 -2.28 44.57
N TYR D 253 20.70 -1.31 43.77
CA TYR D 253 20.70 0.13 44.12
C TYR D 253 22.09 0.74 44.31
N ALA D 254 23.10 0.14 43.68
CA ALA D 254 24.51 0.54 43.94
C ALA D 254 24.88 1.94 43.44
N GLU D 255 24.04 2.50 42.54
CA GLU D 255 24.33 3.83 41.97
C GLU D 255 23.35 4.85 42.54
N GLY D 256 22.66 4.38 43.83
CA GLY D 256 21.53 5.20 44.26
C GLY D 256 20.24 4.78 43.57
N ARG D 257 19.12 5.40 44.01
CA ARG D 257 17.77 5.04 43.63
C ARG D 257 17.15 5.98 42.61
N LEU D 258 16.49 5.40 41.60
CA LEU D 258 15.70 6.16 40.63
C LEU D 258 14.40 6.58 41.32
N GLY D 259 14.03 7.84 41.18
CA GLY D 259 12.88 8.37 41.88
C GLY D 259 11.58 8.05 41.19
N TRP D 260 10.57 7.69 41.99
CA TRP D 260 9.25 7.34 41.47
C TRP D 260 8.16 7.98 42.31
N ARG D 261 6.97 8.12 41.72
CA ARG D 261 5.77 8.52 42.47
C ARG D 261 4.85 7.30 42.60
N THR D 262 4.20 7.16 43.76
CA THR D 262 3.17 6.12 43.99
C THR D 262 1.78 6.66 44.00
N LEU D 263 0.85 5.73 44.02
CA LEU D 263 -0.56 5.98 44.12
C LEU D 263 -1.09 5.10 45.24
N ASP D 264 -2.03 5.62 46.02
CA ASP D 264 -2.83 4.76 46.88
C ASP D 264 -4.26 4.81 46.37
N PHE D 265 -4.99 3.74 46.63
CA PHE D 265 -6.40 3.62 46.26
C PHE D 265 -7.24 3.20 47.44
N GLU D 266 -8.34 3.91 47.66
CA GLU D 266 -9.32 3.48 48.63
C GLU D 266 -10.59 3.12 47.87
N VAL D 267 -10.95 1.85 47.87
CA VAL D 267 -12.16 1.35 47.24
C VAL D 267 -13.29 1.35 48.25
N GLU D 268 -14.43 1.95 47.91
CA GLU D 268 -15.60 1.94 48.78
C GLU D 268 -16.85 1.42 48.06
N VAL D 269 -17.60 0.55 48.75
CA VAL D 269 -18.92 0.13 48.26
C VAL D 269 -19.98 0.99 48.90
N LEU D 270 -20.85 1.54 48.06
CA LEU D 270 -21.88 2.48 48.51
C LEU D 270 -23.25 1.92 48.18
N PRO D 271 -24.21 2.07 49.12
CA PRO D 271 -25.55 1.51 49.02
C PRO D 271 -26.50 2.37 48.18
N ILE D 272 -25.99 2.88 47.05
CA ILE D 272 -26.73 3.69 46.08
C ILE D 272 -26.35 3.25 44.67
N GLY D 273 -27.24 3.41 43.70
CA GLY D 273 -27.00 3.01 42.31
C GLY D 273 -25.92 3.77 41.54
N ASP D 274 -25.80 5.08 41.77
CA ASP D 274 -24.90 5.91 40.96
C ASP D 274 -24.32 7.08 41.80
N PHE D 275 -23.00 7.07 41.95
CA PHE D 275 -22.29 8.05 42.76
C PHE D 275 -22.02 9.35 42.02
N GLN D 276 -21.57 9.28 40.77
CA GLN D 276 -21.23 10.52 40.07
C GLN D 276 -21.66 10.57 38.62
N GLY D 277 -22.29 9.51 38.08
CA GLY D 277 -22.87 9.57 36.72
C GLY D 277 -21.92 9.54 35.52
N THR D 278 -20.61 9.35 35.80
CA THR D 278 -19.51 9.07 34.85
C THR D 278 -18.43 8.16 35.47
N ALA D 279 -17.59 7.56 34.61
CA ALA D 279 -16.50 6.69 34.98
C ALA D 279 -15.38 7.39 35.77
N VAL D 280 -14.96 8.58 35.35
CA VAL D 280 -13.82 9.25 36.00
C VAL D 280 -14.08 10.74 36.29
N MET D 281 -13.93 11.13 37.55
CA MET D 281 -14.00 12.54 37.94
C MET D 281 -12.65 12.99 38.52
N ASN D 282 -12.02 13.95 37.84
CA ASN D 282 -10.83 14.63 38.37
C ASN D 282 -11.24 15.67 39.44
N TYR D 283 -10.44 15.76 40.50
CA TYR D 283 -10.64 16.79 41.51
C TYR D 283 -9.42 17.73 41.52
N ASN D 284 -9.62 18.94 41.00
CA ASN D 284 -8.52 19.85 40.72
C ASN D 284 -8.20 20.76 41.90
N ASP D 285 -9.02 20.70 42.96
CA ASP D 285 -8.82 21.55 44.14
C ASP D 285 -7.88 20.96 45.17
N LEU D 286 -6.95 21.79 45.65
CA LEU D 286 -5.90 21.35 46.58
C LEU D 286 -6.46 20.92 47.93
N ASP D 287 -7.62 21.47 48.30
CA ASP D 287 -8.25 21.12 49.57
C ASP D 287 -9.08 19.81 49.54
N VAL D 288 -8.96 19.06 48.43
CA VAL D 288 -9.48 17.69 48.33
C VAL D 288 -8.23 16.81 48.18
N PRO D 289 -8.03 15.81 49.07
CA PRO D 289 -6.74 15.06 49.06
C PRO D 289 -6.52 14.10 47.89
N TYR D 290 -7.60 13.57 47.33
CA TYR D 290 -7.50 12.65 46.20
C TYR D 290 -7.49 13.43 44.89
N THR D 291 -6.87 12.84 43.86
CA THR D 291 -6.78 13.50 42.54
C THR D 291 -7.97 13.15 41.63
N ARG D 292 -8.47 11.91 41.72
CA ARG D 292 -9.58 11.39 40.90
C ARG D 292 -10.45 10.44 41.73
N ILE D 293 -11.74 10.34 41.37
CA ILE D 293 -12.63 9.27 41.80
C ILE D 293 -13.00 8.48 40.55
N HIS D 294 -12.83 7.17 40.61
CA HIS D 294 -13.31 6.24 39.57
C HIS D 294 -14.59 5.54 40.00
N GLU D 295 -15.55 5.44 39.09
CA GLU D 295 -16.79 4.70 39.36
C GLU D 295 -17.01 3.58 38.32
N PHE D 296 -16.75 2.35 38.76
CA PHE D 296 -16.47 1.26 37.84
C PHE D 296 -17.65 0.72 37.05
N ARG D 297 -18.88 0.98 37.51
CA ARG D 297 -20.07 0.55 36.77
C ARG D 297 -20.12 1.18 35.38
N HIS D 298 -19.49 2.34 35.26
CA HIS D 298 -19.59 3.15 34.06
C HIS D 298 -18.59 2.76 32.96
N PHE D 299 -17.67 1.84 33.28
CA PHE D 299 -16.76 1.28 32.32
C PHE D 299 -17.48 0.18 31.57
N HIS D 300 -18.55 -0.35 32.16
CA HIS D 300 -19.24 -1.49 31.55
C HIS D 300 -20.77 -1.39 31.56
N PRO D 301 -21.30 -0.37 30.88
CA PRO D 301 -22.77 -0.20 30.83
C PRO D 301 -23.47 -1.43 30.30
N GLU D 302 -22.81 -2.21 29.46
CA GLU D 302 -23.42 -3.40 28.84
C GLU D 302 -23.64 -4.57 29.82
N ARG D 303 -22.99 -4.51 30.99
CA ARG D 303 -23.16 -5.57 31.98
C ARG D 303 -24.45 -5.42 32.78
N ASP D 304 -24.87 -6.48 33.44
CA ASP D 304 -26.07 -6.44 34.26
C ASP D 304 -25.71 -6.15 35.71
N TYR D 305 -25.16 -4.96 35.97
CA TYR D 305 -24.78 -4.58 37.33
C TYR D 305 -26.01 -4.17 38.19
N PRO D 306 -25.95 -4.43 39.52
CA PRO D 306 -27.03 -4.05 40.43
C PRO D 306 -27.28 -2.56 40.33
N THR D 307 -28.55 -2.14 40.40
CA THR D 307 -28.85 -0.71 40.35
C THR D 307 -29.06 -0.09 41.73
N ASP D 308 -28.78 -0.87 42.78
CA ASP D 308 -28.94 -0.43 44.15
C ASP D 308 -27.62 -0.30 44.93
N LYS D 309 -26.50 -0.66 44.28
CA LYS D 309 -25.17 -0.58 44.88
C LYS D 309 -24.17 -0.12 43.82
N THR D 310 -23.06 0.49 44.25
CA THR D 310 -21.97 0.91 43.35
C THR D 310 -20.60 0.89 44.03
N VAL D 311 -19.54 0.59 43.27
CA VAL D 311 -18.15 0.61 43.74
C VAL D 311 -17.45 1.86 43.20
N ILE D 312 -16.85 2.63 44.11
CA ILE D 312 -15.98 3.73 43.73
C ILE D 312 -14.55 3.54 44.24
N MET D 313 -13.61 4.22 43.59
CA MET D 313 -12.22 4.22 44.02
C MET D 313 -11.68 5.66 44.01
N ARG D 314 -11.25 6.15 45.16
CA ARG D 314 -10.50 7.40 45.29
C ARG D 314 -9.02 7.11 45.03
N GLU D 315 -8.38 7.94 44.19
CA GLU D 315 -6.98 7.77 43.83
C GLU D 315 -6.18 8.88 44.52
N TYR D 316 -5.14 8.51 45.29
CA TYR D 316 -4.31 9.49 45.95
C TYR D 316 -2.88 9.36 45.44
N SER D 317 -2.20 10.49 45.25
CA SER D 317 -0.79 10.47 44.86
C SER D 317 0.13 10.83 46.06
N ARG D 318 1.30 10.22 46.11
CA ARG D 318 2.30 10.60 47.13
C ARG D 318 3.74 10.34 46.74
N PHE D 319 4.63 10.88 47.59
CA PHE D 319 6.06 10.64 47.58
C PHE D 319 6.28 9.17 47.88
N ALA D 320 6.87 8.47 46.91
CA ALA D 320 7.29 7.10 47.11
C ALA D 320 8.47 7.05 48.08
N GLU D 321 8.37 6.15 49.06
CA GLU D 321 9.50 5.82 49.89
C GLU D 321 10.02 4.51 49.29
N ASP D 322 11.26 4.15 49.61
CA ASP D 322 11.74 2.80 49.28
C ASP D 322 10.69 1.87 49.84
N ASP D 323 10.34 0.82 49.10
CA ASP D 323 9.28 -0.11 49.54
C ASP D 323 7.85 0.26 49.08
N ASP D 324 7.64 1.50 48.61
CA ASP D 324 6.39 1.80 47.90
C ASP D 324 6.46 1.20 46.49
N GLU D 325 5.30 0.92 45.92
CA GLU D 325 5.19 0.40 44.57
C GLU D 325 5.35 1.54 43.54
N PRO D 326 6.44 1.54 42.75
CA PRO D 326 6.72 2.59 41.77
C PRO D 326 5.65 2.72 40.65
N TYR D 327 5.08 3.91 40.40
CA TYR D 327 4.07 4.06 39.29
C TYR D 327 4.50 5.00 38.13
N TYR D 328 4.71 6.29 38.41
CA TYR D 328 5.24 7.29 37.45
C TYR D 328 6.67 7.79 37.82
N PRO D 329 7.59 7.86 36.82
CA PRO D 329 8.93 8.44 37.02
C PRO D 329 8.92 9.95 37.30
N ILE D 330 9.67 10.38 38.33
CA ILE D 330 9.90 11.80 38.62
C ILE D 330 10.82 12.42 37.55
N ASN D 331 11.56 11.55 36.84
CA ASN D 331 12.43 11.92 35.73
C ASN D 331 13.22 13.25 35.85
N THR D 332 13.76 13.55 37.03
CA THR D 332 14.54 14.78 37.21
C THR D 332 15.88 14.72 36.46
N GLU D 333 16.62 15.80 36.53
CA GLU D 333 17.93 15.90 35.88
C GLU D 333 18.96 14.94 36.52
N ALA D 334 18.89 14.74 37.84
CA ALA D 334 19.71 13.73 38.54
C ALA D 334 19.22 12.27 38.33
N ASP D 335 17.92 12.09 38.12
CA ASP D 335 17.36 10.77 37.80
C ASP D 335 17.79 10.29 36.43
N ARG D 336 17.96 11.23 35.49
CA ARG D 336 18.28 10.90 34.10
C ARG D 336 19.74 10.54 33.87
N ALA D 337 20.63 11.02 34.76
CA ALA D 337 22.01 10.56 34.75
C ALA D 337 22.11 9.20 35.44
N LEU D 338 21.36 9.03 36.54
CA LEU D 338 21.27 7.75 37.25
C LEU D 338 20.73 6.65 36.34
N LEU D 339 19.98 7.05 35.30
CA LEU D 339 19.46 6.13 34.29
C LEU D 339 20.52 5.85 33.23
N ALA D 340 21.24 6.90 32.82
CA ALA D 340 22.33 6.77 31.85
C ALA D 340 23.41 5.82 32.36
N THR D 341 23.63 5.84 33.68
CA THR D 341 24.59 4.98 34.38
C THR D 341 24.15 3.52 34.33
N TYR D 342 22.89 3.26 34.70
CA TYR D 342 22.39 1.89 34.77
C TYR D 342 22.26 1.24 33.39
N ARG D 343 21.80 2.06 32.39
CA ARG D 343 21.76 1.60 31.00
C ARG D 343 23.13 1.10 30.49
N ALA D 344 24.21 1.68 31.01
CA ALA D 344 25.57 1.16 30.76
C ALA D 344 25.82 -0.19 31.42
N ARG D 345 25.34 -0.34 32.66
CA ARG D 345 25.42 -1.60 33.40
C ARG D 345 24.53 -2.68 32.77
N ALA D 346 23.33 -2.29 32.32
CA ALA D 346 22.37 -3.19 31.67
C ALA D 346 22.90 -3.76 30.34
N LYS D 347 23.63 -2.92 29.61
CA LYS D 347 24.20 -3.27 28.31
C LYS D 347 25.42 -4.20 28.43
N SER D 348 26.18 -4.04 29.52
CA SER D 348 27.24 -4.99 29.89
C SER D 348 26.64 -6.34 30.29
N GLU D 349 25.46 -6.29 30.91
CA GLU D 349 24.73 -7.47 31.38
C GLU D 349 24.10 -8.28 30.23
N THR D 350 23.73 -7.60 29.13
CA THR D 350 23.26 -8.31 27.94
C THR D 350 24.43 -9.02 27.24
N ALA D 351 25.61 -8.41 27.29
CA ALA D 351 26.81 -9.00 26.71
C ALA D 351 27.28 -10.26 27.44
N SER D 352 27.33 -10.21 28.77
CA SER D 352 27.85 -11.32 29.58
C SER D 352 26.82 -12.35 30.06
N SER D 353 25.59 -11.90 30.36
CA SER D 353 24.59 -12.76 31.02
C SER D 353 23.30 -13.05 30.24
N LYS D 354 23.16 -12.48 29.03
CA LYS D 354 21.97 -12.65 28.19
C LYS D 354 20.69 -12.08 28.80
N VAL D 355 20.85 -11.05 29.64
CA VAL D 355 19.71 -10.34 30.23
C VAL D 355 19.31 -9.11 29.41
N LEU D 356 18.09 -9.16 28.87
CA LEU D 356 17.45 -8.03 28.18
C LEU D 356 16.53 -7.26 29.13
N PHE D 357 16.42 -5.96 28.89
CA PHE D 357 15.67 -5.08 29.77
C PHE D 357 14.50 -4.46 29.01
N GLY D 358 13.30 -4.57 29.59
CA GLY D 358 12.08 -4.11 28.93
C GLY D 358 11.02 -3.60 29.90
N GLY D 359 9.94 -3.05 29.35
CA GLY D 359 8.79 -2.61 30.15
C GLY D 359 9.00 -1.27 30.83
N ARG D 360 8.02 -0.86 31.62
CA ARG D 360 8.05 0.48 32.22
C ARG D 360 9.14 0.58 33.26
N LEU D 361 9.27 -0.45 34.10
CA LEU D 361 10.24 -0.46 35.19
C LEU D 361 11.67 -0.73 34.71
N GLY D 362 11.80 -1.63 33.74
CA GLY D 362 13.12 -2.04 33.24
C GLY D 362 13.82 -0.98 32.43
N THR D 363 13.07 0.07 32.12
CA THR D 363 13.42 1.03 31.08
C THR D 363 13.33 2.48 31.61
N TYR D 364 12.52 2.65 32.67
CA TYR D 364 12.30 3.90 33.42
C TYR D 364 11.51 4.96 32.62
N GLN D 365 10.58 4.48 31.81
CA GLN D 365 9.67 5.36 31.07
C GLN D 365 8.30 4.90 31.42
N TYR D 366 7.34 5.82 31.55
CA TYR D 366 5.95 5.41 31.70
C TYR D 366 5.54 4.88 30.36
N LEU D 367 4.72 3.81 30.37
CA LEU D 367 4.24 3.22 29.14
C LEU D 367 2.79 2.84 29.29
N ASP D 368 2.00 3.30 28.33
CA ASP D 368 0.64 2.83 28.17
C ASP D 368 0.67 1.39 27.70
N MET D 369 -0.42 0.67 27.95
CA MET D 369 -0.59 -0.73 27.53
C MET D 369 -0.18 -0.97 26.07
N HIS D 370 -0.80 -0.25 25.14
CA HIS D 370 -0.54 -0.45 23.72
C HIS D 370 0.92 -0.14 23.35
N MET D 371 1.51 0.84 24.03
CA MET D 371 2.93 1.18 23.77
C MET D 371 3.90 0.10 24.29
N ALA D 372 3.54 -0.51 25.43
CA ALA D 372 4.24 -1.67 25.99
C ALA D 372 4.09 -2.93 25.14
N ILE D 373 2.89 -3.16 24.58
CA ILE D 373 2.65 -4.28 23.66
C ILE D 373 3.48 -4.12 22.38
N ALA D 374 3.46 -2.92 21.80
CA ALA D 374 4.24 -2.60 20.59
C ALA D 374 5.74 -2.66 20.82
N SER D 375 6.17 -2.20 22.00
CA SER D 375 7.57 -2.27 22.43
C SER D 375 8.03 -3.72 22.54
N ALA D 376 7.30 -4.54 23.29
CA ALA D 376 7.63 -5.98 23.33
C ALA D 376 7.72 -6.58 21.91
N LEU D 377 6.67 -6.41 21.10
CA LEU D 377 6.65 -6.85 19.68
C LEU D 377 7.93 -6.48 18.91
N ASN D 378 8.41 -5.25 19.09
CA ASN D 378 9.70 -4.81 18.54
C ASN D 378 10.89 -5.61 19.10
N MET D 379 10.98 -5.72 20.43
CA MET D 379 12.03 -6.53 21.08
C MET D 379 12.05 -7.96 20.53
N TYR D 380 10.87 -8.52 20.29
CA TYR D 380 10.75 -9.84 19.65
C TYR D 380 11.22 -9.85 18.17
N ASP D 381 10.72 -8.92 17.35
CA ASP D 381 11.11 -8.89 15.93
C ASP D 381 12.61 -8.66 15.72
N ASN D 382 13.16 -7.70 16.47
CA ASN D 382 14.52 -7.21 16.28
C ASN D 382 15.64 -7.86 17.13
N VAL D 383 15.32 -8.30 18.36
CA VAL D 383 16.35 -8.84 19.28
C VAL D 383 16.17 -10.30 19.73
N LEU D 384 14.97 -10.66 20.18
CA LEU D 384 14.74 -12.03 20.71
C LEU D 384 14.58 -13.11 19.65
N ALA D 385 13.77 -12.85 18.62
CA ALA D 385 13.54 -13.87 17.57
C ALA D 385 14.80 -14.22 16.76
N PRO D 386 15.59 -13.21 16.30
CA PRO D 386 16.88 -13.50 15.64
C PRO D 386 17.86 -14.29 16.51
N HIS D 387 17.77 -14.15 17.83
CA HIS D 387 18.65 -14.92 18.71
C HIS D 387 18.19 -16.37 18.92
N LEU D 388 16.93 -16.54 19.32
CA LEU D 388 16.37 -17.85 19.66
C LEU D 388 16.12 -18.78 18.46
N ARG D 389 16.02 -18.20 17.26
CA ARG D 389 15.74 -18.94 16.03
C ARG D 389 16.94 -19.02 15.07
N ASP D 390 17.56 -17.87 14.75
CA ASP D 390 18.63 -17.78 13.75
C ASP D 390 20.02 -17.85 14.39
N GLY D 391 20.15 -17.41 15.65
CA GLY D 391 21.42 -17.54 16.38
C GLY D 391 22.22 -16.26 16.54
N VAL D 392 21.64 -15.16 16.07
CA VAL D 392 22.26 -13.83 16.12
C VAL D 392 22.53 -13.38 17.56
N PRO D 393 23.74 -12.83 17.84
CA PRO D 393 24.01 -12.21 19.14
C PRO D 393 22.93 -11.18 19.56
N LEU D 394 22.69 -11.05 20.87
CA LEU D 394 21.64 -10.19 21.41
C LEU D 394 21.92 -8.68 21.32
N LEU D 395 23.21 -8.31 21.31
CA LEU D 395 23.63 -6.91 21.22
C LEU D 395 23.20 -6.26 19.90
#